data_4O1T
# 
_entry.id   4O1T 
# 
_audit_conform.dict_name       mmcif_pdbx.dic 
_audit_conform.dict_version    5.387 
_audit_conform.dict_location   http://mmcif.pdb.org/dictionaries/ascii/mmcif_pdbx.dic 
# 
loop_
_database_2.database_id 
_database_2.database_code 
_database_2.pdbx_database_accession 
_database_2.pdbx_DOI 
PDB   4O1T         pdb_00004o1t 10.2210/pdb4o1t/pdb 
RCSB  RCSB083934   ?            ?                   
WWPDB D_1000083934 ?            ?                   
# 
loop_
_pdbx_audit_revision_history.ordinal 
_pdbx_audit_revision_history.data_content_type 
_pdbx_audit_revision_history.major_revision 
_pdbx_audit_revision_history.minor_revision 
_pdbx_audit_revision_history.revision_date 
1 'Structure model' 1 0 2014-06-18 
2 'Structure model' 1 1 2014-09-24 
3 'Structure model' 1 2 2024-02-28 
# 
_pdbx_audit_revision_details.ordinal             1 
_pdbx_audit_revision_details.revision_ordinal    1 
_pdbx_audit_revision_details.data_content_type   'Structure model' 
_pdbx_audit_revision_details.provider            repository 
_pdbx_audit_revision_details.type                'Initial release' 
_pdbx_audit_revision_details.description         ? 
_pdbx_audit_revision_details.details             ? 
# 
loop_
_pdbx_audit_revision_group.ordinal 
_pdbx_audit_revision_group.revision_ordinal 
_pdbx_audit_revision_group.data_content_type 
_pdbx_audit_revision_group.group 
1 2 'Structure model' 'Database references'  
2 3 'Structure model' 'Data collection'      
3 3 'Structure model' 'Database references'  
4 3 'Structure model' 'Derived calculations' 
# 
loop_
_pdbx_audit_revision_category.ordinal 
_pdbx_audit_revision_category.revision_ordinal 
_pdbx_audit_revision_category.data_content_type 
_pdbx_audit_revision_category.category 
1 3 'Structure model' chem_comp_atom     
2 3 'Structure model' chem_comp_bond     
3 3 'Structure model' database_2         
4 3 'Structure model' struct_conn        
5 3 'Structure model' struct_ref_seq_dif 
6 3 'Structure model' struct_site        
# 
loop_
_pdbx_audit_revision_item.ordinal 
_pdbx_audit_revision_item.revision_ordinal 
_pdbx_audit_revision_item.data_content_type 
_pdbx_audit_revision_item.item 
1  3 'Structure model' '_database_2.pdbx_DOI'                 
2  3 'Structure model' '_database_2.pdbx_database_accession'  
3  3 'Structure model' '_struct_conn.pdbx_dist_value'         
4  3 'Structure model' '_struct_conn.pdbx_ptnr1_label_alt_id' 
5  3 'Structure model' '_struct_conn.pdbx_ptnr2_label_alt_id' 
6  3 'Structure model' '_struct_conn.ptnr1_auth_seq_id'       
7  3 'Structure model' '_struct_conn.ptnr1_label_seq_id'      
8  3 'Structure model' '_struct_ref_seq_dif.details'          
9  3 'Structure model' '_struct_site.pdbx_auth_asym_id'       
10 3 'Structure model' '_struct_site.pdbx_auth_comp_id'       
11 3 'Structure model' '_struct_site.pdbx_auth_seq_id'        
# 
_pdbx_database_status.entry_id                        4O1T 
_pdbx_database_status.deposit_site                    RCSB 
_pdbx_database_status.process_site                    RCSB 
_pdbx_database_status.recvd_initial_deposition_date   2013-12-16 
_pdbx_database_status.status_code                     REL 
_pdbx_database_status.status_code_sf                  REL 
_pdbx_database_status.status_code_mr                  ? 
_pdbx_database_status.SG_entry                        ? 
_pdbx_database_status.status_code_cs                  ? 
_pdbx_database_status.methods_development_category    ? 
_pdbx_database_status.pdb_format_compatible           Y 
_pdbx_database_status.status_code_nmr_data            ? 
# 
loop_
_pdbx_database_related.db_name 
_pdbx_database_related.db_id 
_pdbx_database_related.details 
_pdbx_database_related.content_type 
PDB 1Q1F . unspecified 
PDB 4MU5 . unspecified 
PDB 4NZI . unspecified 
PDB 4O2G . unspecified 
PDB 4O35 . unspecified 
# 
loop_
_audit_author.name 
_audit_author.pdbx_ordinal 
'Avella, G.'  1 
'Savino, C.'  2 
'Vallone, B.' 3 
# 
_citation.id                        primary 
_citation.title                     
'Engineering the internal cavity of neuroglobin demonstrates the role of the haem-sliding mechanism.' 
_citation.journal_abbrev            'Acta Crystallogr.,Sect.D' 
_citation.journal_volume            70 
_citation.page_first                1640 
_citation.page_last                 1648 
_citation.year                      2014 
_citation.journal_id_ASTM           ABCRE6 
_citation.country                   DK 
_citation.journal_id_ISSN           0907-4449 
_citation.journal_id_CSD            0766 
_citation.book_publisher            ? 
_citation.pdbx_database_id_PubMed   24914975 
_citation.pdbx_database_id_DOI      10.1107/S1399004714007032 
# 
loop_
_citation_author.citation_id 
_citation_author.name 
_citation_author.ordinal 
_citation_author.identifier_ORCID 
primary 'Avella, G.'        1  ? 
primary 'Ardiccioni, C.'    2  ? 
primary 'Scaglione, A.'     3  ? 
primary 'Moschetti, T.'     4  ? 
primary 'Rondinelli, C.'    5  ? 
primary 'Montemiglio, L.C.' 6  ? 
primary 'Savino, C.'        7  ? 
primary 'Giuffre, A.'       8  ? 
primary 'Brunori, M.'       9  ? 
primary 'Vallone, B.'       10 ? 
# 
loop_
_entity.id 
_entity.type 
_entity.src_method 
_entity.pdbx_description 
_entity.formula_weight 
_entity.pdbx_number_of_molecules 
_entity.pdbx_ec 
_entity.pdbx_mutation 
_entity.pdbx_fragment 
_entity.details 
1 polymer     man Neuroglobin                       17345.607 1   ? 'C55S, F106W, C120S' ? ? 
2 non-polymer syn 'PROTOPORPHYRIN IX CONTAINING FE' 616.487   1   ? ?                    ? ? 
3 non-polymer syn 'SULFATE ION'                     96.063    1   ? ?                    ? ? 
4 water       nat water                             18.015    159 ? ?                    ? ? 
# 
_entity_poly.entity_id                      1 
_entity_poly.type                           'polypeptide(L)' 
_entity_poly.nstd_linkage                   no 
_entity_poly.nstd_monomer                   no 
_entity_poly.pdbx_seq_one_letter_code       
;GSHMERPESELIRQSWRVVSRSPLEHGTVLFARLFALEPSLLPLFQYNGRQFSSPEDSLSSPEFLDHIRKVMLVIDAAVT
NVEDLSSLEEYLTSLGRKHRAVGVRLSSWSTVGESLLYMLEKSLGPDFTPATRTAWSRLYGAVVQAMSRGWDGE
;
_entity_poly.pdbx_seq_one_letter_code_can   
;GSHMERPESELIRQSWRVVSRSPLEHGTVLFARLFALEPSLLPLFQYNGRQFSSPEDSLSSPEFLDHIRKVMLVIDAAVT
NVEDLSSLEEYLTSLGRKHRAVGVRLSSWSTVGESLLYMLEKSLGPDFTPATRTAWSRLYGAVVQAMSRGWDGE
;
_entity_poly.pdbx_strand_id                 A 
_entity_poly.pdbx_target_identifier         ? 
# 
loop_
_pdbx_entity_nonpoly.entity_id 
_pdbx_entity_nonpoly.name 
_pdbx_entity_nonpoly.comp_id 
2 'PROTOPORPHYRIN IX CONTAINING FE' HEM 
3 'SULFATE ION'                     SO4 
4 water                             HOH 
# 
loop_
_entity_poly_seq.entity_id 
_entity_poly_seq.num 
_entity_poly_seq.mon_id 
_entity_poly_seq.hetero 
1 1   GLY n 
1 2   SER n 
1 3   HIS n 
1 4   MET n 
1 5   GLU n 
1 6   ARG n 
1 7   PRO n 
1 8   GLU n 
1 9   SER n 
1 10  GLU n 
1 11  LEU n 
1 12  ILE n 
1 13  ARG n 
1 14  GLN n 
1 15  SER n 
1 16  TRP n 
1 17  ARG n 
1 18  VAL n 
1 19  VAL n 
1 20  SER n 
1 21  ARG n 
1 22  SER n 
1 23  PRO n 
1 24  LEU n 
1 25  GLU n 
1 26  HIS n 
1 27  GLY n 
1 28  THR n 
1 29  VAL n 
1 30  LEU n 
1 31  PHE n 
1 32  ALA n 
1 33  ARG n 
1 34  LEU n 
1 35  PHE n 
1 36  ALA n 
1 37  LEU n 
1 38  GLU n 
1 39  PRO n 
1 40  SER n 
1 41  LEU n 
1 42  LEU n 
1 43  PRO n 
1 44  LEU n 
1 45  PHE n 
1 46  GLN n 
1 47  TYR n 
1 48  ASN n 
1 49  GLY n 
1 50  ARG n 
1 51  GLN n 
1 52  PHE n 
1 53  SER n 
1 54  SER n 
1 55  PRO n 
1 56  GLU n 
1 57  ASP n 
1 58  SER n 
1 59  LEU n 
1 60  SER n 
1 61  SER n 
1 62  PRO n 
1 63  GLU n 
1 64  PHE n 
1 65  LEU n 
1 66  ASP n 
1 67  HIS n 
1 68  ILE n 
1 69  ARG n 
1 70  LYS n 
1 71  VAL n 
1 72  MET n 
1 73  LEU n 
1 74  VAL n 
1 75  ILE n 
1 76  ASP n 
1 77  ALA n 
1 78  ALA n 
1 79  VAL n 
1 80  THR n 
1 81  ASN n 
1 82  VAL n 
1 83  GLU n 
1 84  ASP n 
1 85  LEU n 
1 86  SER n 
1 87  SER n 
1 88  LEU n 
1 89  GLU n 
1 90  GLU n 
1 91  TYR n 
1 92  LEU n 
1 93  THR n 
1 94  SER n 
1 95  LEU n 
1 96  GLY n 
1 97  ARG n 
1 98  LYS n 
1 99  HIS n 
1 100 ARG n 
1 101 ALA n 
1 102 VAL n 
1 103 GLY n 
1 104 VAL n 
1 105 ARG n 
1 106 LEU n 
1 107 SER n 
1 108 SER n 
1 109 TRP n 
1 110 SER n 
1 111 THR n 
1 112 VAL n 
1 113 GLY n 
1 114 GLU n 
1 115 SER n 
1 116 LEU n 
1 117 LEU n 
1 118 TYR n 
1 119 MET n 
1 120 LEU n 
1 121 GLU n 
1 122 LYS n 
1 123 SER n 
1 124 LEU n 
1 125 GLY n 
1 126 PRO n 
1 127 ASP n 
1 128 PHE n 
1 129 THR n 
1 130 PRO n 
1 131 ALA n 
1 132 THR n 
1 133 ARG n 
1 134 THR n 
1 135 ALA n 
1 136 TRP n 
1 137 SER n 
1 138 ARG n 
1 139 LEU n 
1 140 TYR n 
1 141 GLY n 
1 142 ALA n 
1 143 VAL n 
1 144 VAL n 
1 145 GLN n 
1 146 ALA n 
1 147 MET n 
1 148 SER n 
1 149 ARG n 
1 150 GLY n 
1 151 TRP n 
1 152 ASP n 
1 153 GLY n 
1 154 GLU n 
# 
_entity_src_gen.entity_id                          1 
_entity_src_gen.pdbx_src_id                        1 
_entity_src_gen.pdbx_alt_source_flag               sample 
_entity_src_gen.pdbx_seq_type                      ? 
_entity_src_gen.pdbx_beg_seq_num                   ? 
_entity_src_gen.pdbx_end_seq_num                   ? 
_entity_src_gen.gene_src_common_name               mouse 
_entity_src_gen.gene_src_genus                     ? 
_entity_src_gen.pdbx_gene_src_gene                 Ngb 
_entity_src_gen.gene_src_species                   ? 
_entity_src_gen.gene_src_strain                    ? 
_entity_src_gen.gene_src_tissue                    ? 
_entity_src_gen.gene_src_tissue_fraction           ? 
_entity_src_gen.gene_src_details                   ? 
_entity_src_gen.pdbx_gene_src_fragment             ? 
_entity_src_gen.pdbx_gene_src_scientific_name      'Mus musculus' 
_entity_src_gen.pdbx_gene_src_ncbi_taxonomy_id     10090 
_entity_src_gen.pdbx_gene_src_variant              ? 
_entity_src_gen.pdbx_gene_src_cell_line            ? 
_entity_src_gen.pdbx_gene_src_atcc                 ? 
_entity_src_gen.pdbx_gene_src_organ                ? 
_entity_src_gen.pdbx_gene_src_organelle            ? 
_entity_src_gen.pdbx_gene_src_cell                 ? 
_entity_src_gen.pdbx_gene_src_cellular_location    ? 
_entity_src_gen.host_org_common_name               ? 
_entity_src_gen.pdbx_host_org_scientific_name      'Escherichia coli' 
_entity_src_gen.pdbx_host_org_ncbi_taxonomy_id     562 
_entity_src_gen.host_org_genus                     ? 
_entity_src_gen.pdbx_host_org_gene                 ? 
_entity_src_gen.pdbx_host_org_organ                ? 
_entity_src_gen.host_org_species                   ? 
_entity_src_gen.pdbx_host_org_tissue               ? 
_entity_src_gen.pdbx_host_org_tissue_fraction      ? 
_entity_src_gen.pdbx_host_org_strain               ? 
_entity_src_gen.pdbx_host_org_variant              ? 
_entity_src_gen.pdbx_host_org_cell_line            ? 
_entity_src_gen.pdbx_host_org_atcc                 ? 
_entity_src_gen.pdbx_host_org_culture_collection   ? 
_entity_src_gen.pdbx_host_org_cell                 ? 
_entity_src_gen.pdbx_host_org_organelle            ? 
_entity_src_gen.pdbx_host_org_cellular_location    ? 
_entity_src_gen.pdbx_host_org_vector_type          ? 
_entity_src_gen.pdbx_host_org_vector               ? 
_entity_src_gen.host_org_details                   ? 
_entity_src_gen.expression_system_id               ? 
_entity_src_gen.plasmid_name                       ? 
_entity_src_gen.plasmid_details                    ? 
_entity_src_gen.pdbx_description                   ? 
# 
loop_
_chem_comp.id 
_chem_comp.type 
_chem_comp.mon_nstd_flag 
_chem_comp.name 
_chem_comp.pdbx_synonyms 
_chem_comp.formula 
_chem_comp.formula_weight 
ALA 'L-peptide linking' y ALANINE                           ?    'C3 H7 N O2'       89.093  
ARG 'L-peptide linking' y ARGININE                          ?    'C6 H15 N4 O2 1'   175.209 
ASN 'L-peptide linking' y ASPARAGINE                        ?    'C4 H8 N2 O3'      132.118 
ASP 'L-peptide linking' y 'ASPARTIC ACID'                   ?    'C4 H7 N O4'       133.103 
CYS 'L-peptide linking' y CYSTEINE                          ?    'C3 H7 N O2 S'     121.158 
GLN 'L-peptide linking' y GLUTAMINE                         ?    'C5 H10 N2 O3'     146.144 
GLU 'L-peptide linking' y 'GLUTAMIC ACID'                   ?    'C5 H9 N O4'       147.129 
GLY 'peptide linking'   y GLYCINE                           ?    'C2 H5 N O2'       75.067  
HEM non-polymer         . 'PROTOPORPHYRIN IX CONTAINING FE' HEME 'C34 H32 Fe N4 O4' 616.487 
HIS 'L-peptide linking' y HISTIDINE                         ?    'C6 H10 N3 O2 1'   156.162 
HOH non-polymer         . WATER                             ?    'H2 O'             18.015  
ILE 'L-peptide linking' y ISOLEUCINE                        ?    'C6 H13 N O2'      131.173 
LEU 'L-peptide linking' y LEUCINE                           ?    'C6 H13 N O2'      131.173 
LYS 'L-peptide linking' y LYSINE                            ?    'C6 H15 N2 O2 1'   147.195 
MET 'L-peptide linking' y METHIONINE                        ?    'C5 H11 N O2 S'    149.211 
PHE 'L-peptide linking' y PHENYLALANINE                     ?    'C9 H11 N O2'      165.189 
PRO 'L-peptide linking' y PROLINE                           ?    'C5 H9 N O2'       115.130 
SER 'L-peptide linking' y SERINE                            ?    'C3 H7 N O3'       105.093 
SO4 non-polymer         . 'SULFATE ION'                     ?    'O4 S -2'          96.063  
THR 'L-peptide linking' y THREONINE                         ?    'C4 H9 N O3'       119.119 
TRP 'L-peptide linking' y TRYPTOPHAN                        ?    'C11 H12 N2 O2'    204.225 
TYR 'L-peptide linking' y TYROSINE                          ?    'C9 H11 N O3'      181.189 
VAL 'L-peptide linking' y VALINE                            ?    'C5 H11 N O2'      117.146 
# 
loop_
_pdbx_poly_seq_scheme.asym_id 
_pdbx_poly_seq_scheme.entity_id 
_pdbx_poly_seq_scheme.seq_id 
_pdbx_poly_seq_scheme.mon_id 
_pdbx_poly_seq_scheme.ndb_seq_num 
_pdbx_poly_seq_scheme.pdb_seq_num 
_pdbx_poly_seq_scheme.auth_seq_num 
_pdbx_poly_seq_scheme.pdb_mon_id 
_pdbx_poly_seq_scheme.auth_mon_id 
_pdbx_poly_seq_scheme.pdb_strand_id 
_pdbx_poly_seq_scheme.pdb_ins_code 
_pdbx_poly_seq_scheme.hetero 
A 1 1   GLY 1   -2  ?   ?   ?   A . n 
A 1 2   SER 2   -1  ?   ?   ?   A . n 
A 1 3   HIS 3   0   ?   ?   ?   A . n 
A 1 4   MET 4   1   ?   ?   ?   A . n 
A 1 5   GLU 5   2   ?   ?   ?   A . n 
A 1 6   ARG 6   3   3   ARG ARG A . n 
A 1 7   PRO 7   4   4   PRO PRO A . n 
A 1 8   GLU 8   5   5   GLU GLU A . n 
A 1 9   SER 9   6   6   SER SER A . n 
A 1 10  GLU 10  7   7   GLU GLU A . n 
A 1 11  LEU 11  8   8   LEU LEU A . n 
A 1 12  ILE 12  9   9   ILE ILE A . n 
A 1 13  ARG 13  10  10  ARG ARG A . n 
A 1 14  GLN 14  11  11  GLN GLN A . n 
A 1 15  SER 15  12  12  SER SER A . n 
A 1 16  TRP 16  13  13  TRP TRP A . n 
A 1 17  ARG 17  14  14  ARG ARG A . n 
A 1 18  VAL 18  15  15  VAL VAL A . n 
A 1 19  VAL 19  16  16  VAL VAL A . n 
A 1 20  SER 20  17  17  SER SER A . n 
A 1 21  ARG 21  18  18  ARG ARG A . n 
A 1 22  SER 22  19  19  SER SER A . n 
A 1 23  PRO 23  20  20  PRO PRO A . n 
A 1 24  LEU 24  21  21  LEU LEU A . n 
A 1 25  GLU 25  22  22  GLU GLU A . n 
A 1 26  HIS 26  23  23  HIS HIS A . n 
A 1 27  GLY 27  24  24  GLY GLY A . n 
A 1 28  THR 28  25  25  THR THR A . n 
A 1 29  VAL 29  26  26  VAL VAL A . n 
A 1 30  LEU 30  27  27  LEU LEU A . n 
A 1 31  PHE 31  28  28  PHE PHE A . n 
A 1 32  ALA 32  29  29  ALA ALA A . n 
A 1 33  ARG 33  30  30  ARG ARG A . n 
A 1 34  LEU 34  31  31  LEU LEU A . n 
A 1 35  PHE 35  32  32  PHE PHE A . n 
A 1 36  ALA 36  33  33  ALA ALA A . n 
A 1 37  LEU 37  34  34  LEU LEU A . n 
A 1 38  GLU 38  35  35  GLU GLU A . n 
A 1 39  PRO 39  36  36  PRO PRO A . n 
A 1 40  SER 40  37  37  SER SER A . n 
A 1 41  LEU 41  38  38  LEU LEU A . n 
A 1 42  LEU 42  39  39  LEU LEU A . n 
A 1 43  PRO 43  40  40  PRO PRO A . n 
A 1 44  LEU 44  41  41  LEU LEU A . n 
A 1 45  PHE 45  42  42  PHE PHE A . n 
A 1 46  GLN 46  43  43  GLN GLN A . n 
A 1 47  TYR 47  44  44  TYR TYR A . n 
A 1 48  ASN 48  45  45  ASN ASN A . n 
A 1 49  GLY 49  46  46  GLY GLY A . n 
A 1 50  ARG 50  47  47  ARG ARG A . n 
A 1 51  GLN 51  48  48  GLN GLN A . n 
A 1 52  PHE 52  49  49  PHE PHE A . n 
A 1 53  SER 53  50  50  SER SER A . n 
A 1 54  SER 54  51  51  SER SER A . n 
A 1 55  PRO 55  52  52  PRO PRO A . n 
A 1 56  GLU 56  53  53  GLU GLU A . n 
A 1 57  ASP 57  54  54  ASP ASP A . n 
A 1 58  SER 58  55  55  SER SER A . n 
A 1 59  LEU 59  56  56  LEU LEU A . n 
A 1 60  SER 60  57  57  SER SER A . n 
A 1 61  SER 61  58  58  SER SER A . n 
A 1 62  PRO 62  59  59  PRO PRO A . n 
A 1 63  GLU 63  60  60  GLU GLU A . n 
A 1 64  PHE 64  61  61  PHE PHE A . n 
A 1 65  LEU 65  62  62  LEU LEU A . n 
A 1 66  ASP 66  63  63  ASP ASP A . n 
A 1 67  HIS 67  64  64  HIS HIS A . n 
A 1 68  ILE 68  65  65  ILE ILE A . n 
A 1 69  ARG 69  66  66  ARG ARG A . n 
A 1 70  LYS 70  67  67  LYS LYS A . n 
A 1 71  VAL 71  68  68  VAL VAL A . n 
A 1 72  MET 72  69  69  MET MET A . n 
A 1 73  LEU 73  70  70  LEU LEU A . n 
A 1 74  VAL 74  71  71  VAL VAL A . n 
A 1 75  ILE 75  72  72  ILE ILE A . n 
A 1 76  ASP 76  73  73  ASP ASP A . n 
A 1 77  ALA 77  74  74  ALA ALA A . n 
A 1 78  ALA 78  75  75  ALA ALA A . n 
A 1 79  VAL 79  76  76  VAL VAL A . n 
A 1 80  THR 80  77  77  THR THR A . n 
A 1 81  ASN 81  78  78  ASN ASN A . n 
A 1 82  VAL 82  79  79  VAL VAL A . n 
A 1 83  GLU 83  80  80  GLU GLU A . n 
A 1 84  ASP 84  81  81  ASP ASP A . n 
A 1 85  LEU 85  82  82  LEU LEU A . n 
A 1 86  SER 86  83  83  SER SER A . n 
A 1 87  SER 87  84  84  SER SER A . n 
A 1 88  LEU 88  85  85  LEU LEU A . n 
A 1 89  GLU 89  86  86  GLU GLU A . n 
A 1 90  GLU 90  87  87  GLU GLU A . n 
A 1 91  TYR 91  88  88  TYR TYR A . n 
A 1 92  LEU 92  89  89  LEU LEU A . n 
A 1 93  THR 93  90  90  THR THR A . n 
A 1 94  SER 94  91  91  SER SER A . n 
A 1 95  LEU 95  92  92  LEU LEU A . n 
A 1 96  GLY 96  93  93  GLY GLY A . n 
A 1 97  ARG 97  94  94  ARG ARG A . n 
A 1 98  LYS 98  95  95  LYS LYS A . n 
A 1 99  HIS 99  96  96  HIS HIS A . n 
A 1 100 ARG 100 97  97  ARG ARG A . n 
A 1 101 ALA 101 98  98  ALA ALA A . n 
A 1 102 VAL 102 99  99  VAL VAL A . n 
A 1 103 GLY 103 100 100 GLY GLY A . n 
A 1 104 VAL 104 101 101 VAL VAL A . n 
A 1 105 ARG 105 102 102 ARG ARG A . n 
A 1 106 LEU 106 103 103 LEU LEU A . n 
A 1 107 SER 107 104 104 SER SER A . n 
A 1 108 SER 108 105 105 SER SER A . n 
A 1 109 TRP 109 106 106 TRP TRP A . n 
A 1 110 SER 110 107 107 SER SER A . n 
A 1 111 THR 111 108 108 THR THR A . n 
A 1 112 VAL 112 109 109 VAL VAL A . n 
A 1 113 GLY 113 110 110 GLY GLY A . n 
A 1 114 GLU 114 111 111 GLU GLU A . n 
A 1 115 SER 115 112 112 SER SER A . n 
A 1 116 LEU 116 113 113 LEU LEU A . n 
A 1 117 LEU 117 114 114 LEU LEU A . n 
A 1 118 TYR 118 115 115 TYR TYR A . n 
A 1 119 MET 119 116 116 MET MET A . n 
A 1 120 LEU 120 117 117 LEU LEU A . n 
A 1 121 GLU 121 118 118 GLU GLU A . n 
A 1 122 LYS 122 119 119 LYS LYS A . n 
A 1 123 SER 123 120 120 SER SER A . n 
A 1 124 LEU 124 121 121 LEU LEU A . n 
A 1 125 GLY 125 122 122 GLY GLY A . n 
A 1 126 PRO 126 123 123 PRO PRO A . n 
A 1 127 ASP 127 124 124 ASP ASP A . n 
A 1 128 PHE 128 125 125 PHE PHE A . n 
A 1 129 THR 129 126 126 THR THR A . n 
A 1 130 PRO 130 127 127 PRO PRO A . n 
A 1 131 ALA 131 128 128 ALA ALA A . n 
A 1 132 THR 132 129 129 THR THR A . n 
A 1 133 ARG 133 130 130 ARG ARG A . n 
A 1 134 THR 134 131 131 THR THR A . n 
A 1 135 ALA 135 132 132 ALA ALA A . n 
A 1 136 TRP 136 133 133 TRP TRP A . n 
A 1 137 SER 137 134 134 SER SER A . n 
A 1 138 ARG 138 135 135 ARG ARG A . n 
A 1 139 LEU 139 136 136 LEU LEU A . n 
A 1 140 TYR 140 137 137 TYR TYR A . n 
A 1 141 GLY 141 138 138 GLY GLY A . n 
A 1 142 ALA 142 139 139 ALA ALA A . n 
A 1 143 VAL 143 140 140 VAL VAL A . n 
A 1 144 VAL 144 141 141 VAL VAL A . n 
A 1 145 GLN 145 142 142 GLN GLN A . n 
A 1 146 ALA 146 143 143 ALA ALA A . n 
A 1 147 MET 147 144 144 MET MET A . n 
A 1 148 SER 148 145 145 SER SER A . n 
A 1 149 ARG 149 146 146 ARG ARG A . n 
A 1 150 GLY 150 147 147 GLY GLY A . n 
A 1 151 TRP 151 148 148 TRP TRP A . n 
A 1 152 ASP 152 149 149 ASP ASP A . n 
A 1 153 GLY 153 150 150 GLY GLY A . n 
A 1 154 GLU 154 151 ?   ?   ?   A . n 
# 
loop_
_pdbx_nonpoly_scheme.asym_id 
_pdbx_nonpoly_scheme.entity_id 
_pdbx_nonpoly_scheme.mon_id 
_pdbx_nonpoly_scheme.ndb_seq_num 
_pdbx_nonpoly_scheme.pdb_seq_num 
_pdbx_nonpoly_scheme.auth_seq_num 
_pdbx_nonpoly_scheme.pdb_mon_id 
_pdbx_nonpoly_scheme.auth_mon_id 
_pdbx_nonpoly_scheme.pdb_strand_id 
_pdbx_nonpoly_scheme.pdb_ins_code 
B 2 HEM 1   201 200 HEM HEM A . 
C 3 SO4 1   202 1   SO4 SO4 A . 
D 4 HOH 1   301 1   HOH HOH A . 
D 4 HOH 2   302 2   HOH HOH A . 
D 4 HOH 3   303 3   HOH HOH A . 
D 4 HOH 4   304 4   HOH HOH A . 
D 4 HOH 5   305 5   HOH HOH A . 
D 4 HOH 6   306 6   HOH HOH A . 
D 4 HOH 7   307 7   HOH HOH A . 
D 4 HOH 8   308 8   HOH HOH A . 
D 4 HOH 9   309 9   HOH HOH A . 
D 4 HOH 10  310 10  HOH HOH A . 
D 4 HOH 11  311 11  HOH HOH A . 
D 4 HOH 12  312 12  HOH HOH A . 
D 4 HOH 13  313 13  HOH HOH A . 
D 4 HOH 14  314 14  HOH HOH A . 
D 4 HOH 15  315 15  HOH HOH A . 
D 4 HOH 16  316 16  HOH HOH A . 
D 4 HOH 17  317 17  HOH HOH A . 
D 4 HOH 18  318 18  HOH HOH A . 
D 4 HOH 19  319 19  HOH HOH A . 
D 4 HOH 20  320 20  HOH HOH A . 
D 4 HOH 21  321 21  HOH HOH A . 
D 4 HOH 22  322 22  HOH HOH A . 
D 4 HOH 23  323 23  HOH HOH A . 
D 4 HOH 24  324 24  HOH HOH A . 
D 4 HOH 25  325 25  HOH HOH A . 
D 4 HOH 26  326 26  HOH HOH A . 
D 4 HOH 27  327 27  HOH HOH A . 
D 4 HOH 28  328 28  HOH HOH A . 
D 4 HOH 29  329 29  HOH HOH A . 
D 4 HOH 30  330 30  HOH HOH A . 
D 4 HOH 31  331 31  HOH HOH A . 
D 4 HOH 32  332 32  HOH HOH A . 
D 4 HOH 33  333 33  HOH HOH A . 
D 4 HOH 34  334 34  HOH HOH A . 
D 4 HOH 35  335 35  HOH HOH A . 
D 4 HOH 36  336 36  HOH HOH A . 
D 4 HOH 37  337 37  HOH HOH A . 
D 4 HOH 38  338 38  HOH HOH A . 
D 4 HOH 39  339 39  HOH HOH A . 
D 4 HOH 40  340 40  HOH HOH A . 
D 4 HOH 41  341 41  HOH HOH A . 
D 4 HOH 42  342 42  HOH HOH A . 
D 4 HOH 43  343 43  HOH HOH A . 
D 4 HOH 44  344 44  HOH HOH A . 
D 4 HOH 45  345 45  HOH HOH A . 
D 4 HOH 46  346 46  HOH HOH A . 
D 4 HOH 47  347 47  HOH HOH A . 
D 4 HOH 48  348 48  HOH HOH A . 
D 4 HOH 49  349 49  HOH HOH A . 
D 4 HOH 50  350 50  HOH HOH A . 
D 4 HOH 51  351 51  HOH HOH A . 
D 4 HOH 52  352 52  HOH HOH A . 
D 4 HOH 53  353 53  HOH HOH A . 
D 4 HOH 54  354 54  HOH HOH A . 
D 4 HOH 55  355 55  HOH HOH A . 
D 4 HOH 56  356 56  HOH HOH A . 
D 4 HOH 57  357 57  HOH HOH A . 
D 4 HOH 58  358 58  HOH HOH A . 
D 4 HOH 59  359 59  HOH HOH A . 
D 4 HOH 60  360 60  HOH HOH A . 
D 4 HOH 61  361 62  HOH HOH A . 
D 4 HOH 62  362 63  HOH HOH A . 
D 4 HOH 63  363 64  HOH HOH A . 
D 4 HOH 64  364 65  HOH HOH A . 
D 4 HOH 65  365 66  HOH HOH A . 
D 4 HOH 66  366 67  HOH HOH A . 
D 4 HOH 67  367 68  HOH HOH A . 
D 4 HOH 68  368 69  HOH HOH A . 
D 4 HOH 69  369 70  HOH HOH A . 
D 4 HOH 70  370 71  HOH HOH A . 
D 4 HOH 71  371 72  HOH HOH A . 
D 4 HOH 72  372 73  HOH HOH A . 
D 4 HOH 73  373 74  HOH HOH A . 
D 4 HOH 74  374 75  HOH HOH A . 
D 4 HOH 75  375 76  HOH HOH A . 
D 4 HOH 76  376 77  HOH HOH A . 
D 4 HOH 77  377 78  HOH HOH A . 
D 4 HOH 78  378 79  HOH HOH A . 
D 4 HOH 79  379 80  HOH HOH A . 
D 4 HOH 80  380 81  HOH HOH A . 
D 4 HOH 81  381 82  HOH HOH A . 
D 4 HOH 82  382 83  HOH HOH A . 
D 4 HOH 83  383 84  HOH HOH A . 
D 4 HOH 84  384 85  HOH HOH A . 
D 4 HOH 85  385 86  HOH HOH A . 
D 4 HOH 86  386 87  HOH HOH A . 
D 4 HOH 87  387 88  HOH HOH A . 
D 4 HOH 88  388 89  HOH HOH A . 
D 4 HOH 89  389 90  HOH HOH A . 
D 4 HOH 90  390 91  HOH HOH A . 
D 4 HOH 91  391 92  HOH HOH A . 
D 4 HOH 92  392 93  HOH HOH A . 
D 4 HOH 93  393 94  HOH HOH A . 
D 4 HOH 94  394 95  HOH HOH A . 
D 4 HOH 95  395 96  HOH HOH A . 
D 4 HOH 96  396 97  HOH HOH A . 
D 4 HOH 97  397 98  HOH HOH A . 
D 4 HOH 98  398 99  HOH HOH A . 
D 4 HOH 99  399 100 HOH HOH A . 
D 4 HOH 100 400 101 HOH HOH A . 
D 4 HOH 101 401 102 HOH HOH A . 
D 4 HOH 102 402 104 HOH HOH A . 
D 4 HOH 103 403 105 HOH HOH A . 
D 4 HOH 104 404 106 HOH HOH A . 
D 4 HOH 105 405 107 HOH HOH A . 
D 4 HOH 106 406 108 HOH HOH A . 
D 4 HOH 107 407 109 HOH HOH A . 
D 4 HOH 108 408 110 HOH HOH A . 
D 4 HOH 109 409 111 HOH HOH A . 
D 4 HOH 110 410 112 HOH HOH A . 
D 4 HOH 111 411 113 HOH HOH A . 
D 4 HOH 112 412 114 HOH HOH A . 
D 4 HOH 113 413 115 HOH HOH A . 
D 4 HOH 114 414 116 HOH HOH A . 
D 4 HOH 115 415 117 HOH HOH A . 
D 4 HOH 116 416 119 HOH HOH A . 
D 4 HOH 117 417 120 HOH HOH A . 
D 4 HOH 118 418 121 HOH HOH A . 
D 4 HOH 119 419 122 HOH HOH A . 
D 4 HOH 120 420 123 HOH HOH A . 
D 4 HOH 121 421 124 HOH HOH A . 
D 4 HOH 122 422 125 HOH HOH A . 
D 4 HOH 123 423 126 HOH HOH A . 
D 4 HOH 124 424 127 HOH HOH A . 
D 4 HOH 125 425 129 HOH HOH A . 
D 4 HOH 126 426 131 HOH HOH A . 
D 4 HOH 127 427 132 HOH HOH A . 
D 4 HOH 128 428 133 HOH HOH A . 
D 4 HOH 129 429 134 HOH HOH A . 
D 4 HOH 130 430 135 HOH HOH A . 
D 4 HOH 131 431 136 HOH HOH A . 
D 4 HOH 132 432 137 HOH HOH A . 
D 4 HOH 133 433 138 HOH HOH A . 
D 4 HOH 134 434 139 HOH HOH A . 
D 4 HOH 135 435 140 HOH HOH A . 
D 4 HOH 136 436 141 HOH HOH A . 
D 4 HOH 137 437 142 HOH HOH A . 
D 4 HOH 138 438 143 HOH HOH A . 
D 4 HOH 139 439 144 HOH HOH A . 
D 4 HOH 140 440 145 HOH HOH A . 
D 4 HOH 141 441 147 HOH HOH A . 
D 4 HOH 142 442 149 HOH HOH A . 
D 4 HOH 143 443 150 HOH HOH A . 
D 4 HOH 144 444 151 HOH HOH A . 
D 4 HOH 145 445 152 HOH HOH A . 
D 4 HOH 146 446 153 HOH HOH A . 
D 4 HOH 147 447 154 HOH HOH A . 
D 4 HOH 148 448 155 HOH HOH A . 
D 4 HOH 149 449 156 HOH HOH A . 
D 4 HOH 150 450 157 HOH HOH A . 
D 4 HOH 151 451 158 HOH HOH A . 
D 4 HOH 152 452 159 HOH HOH A . 
D 4 HOH 153 453 160 HOH HOH A . 
D 4 HOH 154 454 161 HOH HOH A . 
D 4 HOH 155 455 162 HOH HOH A . 
D 4 HOH 156 456 164 HOH HOH A . 
D 4 HOH 157 457 165 HOH HOH A . 
D 4 HOH 158 458 166 HOH HOH A . 
D 4 HOH 159 459 167 HOH HOH A . 
# 
loop_
_software.pdbx_ordinal 
_software.name 
_software.version 
_software.date 
_software.type 
_software.contact_author 
_software.contact_author_email 
_software.classification 
_software.location 
_software.language 
_software.citation_id 
1 PHENIX      1.7.1_743 ?                package 'Paul D. Adams' PDAdams@lbl.gov          refinement        
http://www.phenix-online.org/             C++ ? 
2 PDB_EXTRACT 3.11      'April 22, 2011' package PDB             deposit@deposit.rcsb.org 'data extraction' 
http://sw-tools.pdb.org/apps/PDB_EXTRACT/ C++ ? 
3 DNA         .         ?                ?       ?               ?                        'data collection' ? ?   ? 
4 HKL-2000    .         ?                ?       ?               ?                        'data reduction'  ? ?   ? 
5 SCALEPACK   .         ?                ?       ?               ?                        'data scaling'    ? ?   ? 
6 PHASER      .         ?                ?       ?               ?                        phasing           ? ?   ? 
# 
_cell.length_a           87.936 
_cell.length_b           87.936 
_cell.length_c           114.139 
_cell.angle_alpha        90.000 
_cell.angle_beta         90.000 
_cell.angle_gamma        120.000 
_cell.entry_id           4O1T 
_cell.pdbx_unique_axis   ? 
_cell.Z_PDB              18 
_cell.length_a_esd       ? 
_cell.length_b_esd       ? 
_cell.length_c_esd       ? 
_cell.angle_alpha_esd    ? 
_cell.angle_beta_esd     ? 
_cell.angle_gamma_esd    ? 
# 
_symmetry.space_group_name_H-M             'H 3 2' 
_symmetry.entry_id                         4O1T 
_symmetry.pdbx_full_space_group_name_H-M   ? 
_symmetry.Int_Tables_number                155 
_symmetry.cell_setting                     ? 
_symmetry.space_group_name_Hall            ? 
# 
_exptl.crystals_number   1 
_exptl.entry_id          4O1T 
_exptl.method            'X-RAY DIFFRACTION' 
# 
_exptl_crystal.id                    1 
_exptl_crystal.density_Matthews      2.45 
_exptl_crystal.density_meas          ? 
_exptl_crystal.density_percent_sol   49.76 
_exptl_crystal.description           ? 
_exptl_crystal.F_000                 ? 
_exptl_crystal.preparation           ? 
# 
_exptl_crystal_grow.crystal_id      1 
_exptl_crystal_grow.method          'VAPOR DIFFUSION, HANGING DROP' 
_exptl_crystal_grow.pH              6.5 
_exptl_crystal_grow.temp            293 
_exptl_crystal_grow.temp_details    ? 
_exptl_crystal_grow.pdbx_details    
'1.6M ammonium sulfate, 0.1M MES, 10% dioxane, pH 6.5, VAPOR DIFFUSION, HANGING DROP, temperature 293K' 
_exptl_crystal_grow.pdbx_pH_range   ? 
# 
_diffrn.id                     1 
_diffrn.ambient_temp           100 
_diffrn.ambient_temp_details   ? 
_diffrn.crystal_id             1 
# 
_diffrn_detector.diffrn_id              1 
_diffrn_detector.detector               CCD 
_diffrn_detector.type                   'MARMOSAIC 225 mm CCD' 
_diffrn_detector.pdbx_collection_date   2012-04-19 
_diffrn_detector.details                ? 
# 
_diffrn_radiation.diffrn_id                        1 
_diffrn_radiation.wavelength_id                    1 
_diffrn_radiation.pdbx_diffrn_protocol             'SINGLE WAVELENGTH' 
_diffrn_radiation.monochromator                    'Si-111 crystal' 
_diffrn_radiation.pdbx_monochromatic_or_laue_m_l   M 
_diffrn_radiation.pdbx_scattering_type             x-ray 
# 
_diffrn_radiation_wavelength.id           1 
_diffrn_radiation_wavelength.wavelength   0.86437 
_diffrn_radiation_wavelength.wt           1.0 
# 
_diffrn_source.diffrn_id                   1 
_diffrn_source.source                      SYNCHROTRON 
_diffrn_source.type                        'BESSY BEAMLINE 14.1' 
_diffrn_source.pdbx_wavelength             ? 
_diffrn_source.pdbx_wavelength_list        0.86437 
_diffrn_source.pdbx_synchrotron_site       BESSY 
_diffrn_source.pdbx_synchrotron_beamline   14.1 
# 
_reflns.entry_id                     4O1T 
_reflns.B_iso_Wilson_estimate        14.720 
_reflns.observed_criterion_sigma_F   3.0 
_reflns.observed_criterion_sigma_I   3.0 
_reflns.d_resolution_high            1.6 
_reflns.d_resolution_low             31.67 
_reflns.number_obs                   22607 
_reflns.percent_possible_obs         99.97 
_reflns.pdbx_Rmerge_I_obs            ? 
_reflns.pdbx_Rsym_value              ? 
_reflns.pdbx_netI_over_sigmaI        ? 
_reflns.pdbx_redundancy              ? 
_reflns.R_free_details               ? 
_reflns.limit_h_max                  ? 
_reflns.limit_h_min                  ? 
_reflns.limit_k_max                  ? 
_reflns.limit_k_min                  ? 
_reflns.limit_l_max                  ? 
_reflns.limit_l_min                  ? 
_reflns.observed_criterion_F_max     ? 
_reflns.observed_criterion_F_min     ? 
_reflns.pdbx_chi_squared             ? 
_reflns.pdbx_scaling_rejects         ? 
_reflns.pdbx_ordinal                 1 
_reflns.pdbx_diffrn_id               1 
_reflns.number_all                   ? 
# 
_reflns_shell.d_res_high             1.6 
_reflns_shell.d_res_low              1.657 
_reflns_shell.percent_possible_obs   ? 
_reflns_shell.percent_possible_all   99.96 
_reflns_shell.Rmerge_I_obs           ? 
_reflns_shell.meanI_over_sigI_obs    ? 
_reflns_shell.pdbx_Rsym_value        ? 
_reflns_shell.pdbx_redundancy        ? 
_reflns_shell.number_unique_all      ? 
_reflns_shell.number_measured_all    ? 
_reflns_shell.number_measured_obs    ? 
_reflns_shell.number_unique_obs      ? 
_reflns_shell.pdbx_chi_squared       ? 
_reflns_shell.pdbx_ordinal           1 
_reflns_shell.pdbx_diffrn_id         1 
# 
_refine.entry_id                                 4O1T 
_refine.ls_d_res_high                            1.6000 
_refine.ls_d_res_low                             31.67 
_refine.pdbx_ls_sigma_F                          1.390 
_refine.pdbx_data_cutoff_high_absF               ? 
_refine.pdbx_data_cutoff_low_absF                ? 
_refine.ls_percent_reflns_obs                    99.9700 
_refine.ls_number_reflns_obs                     22607 
_refine.ls_number_reflns_all                     22608 
_refine.pdbx_ls_cross_valid_method               ? 
_refine.pdbx_R_Free_selection_details            RANDOM 
_refine.details                                  ? 
_refine.ls_R_factor_all                          ? 
_refine.ls_R_factor_obs                          0.1708 
_refine.ls_R_factor_R_work                       0.1683 
_refine.ls_wR_factor_R_work                      ? 
_refine.ls_R_factor_R_free                       0.1950 
_refine.ls_wR_factor_R_free                      ? 
_refine.ls_percent_reflns_R_free                 8.9100 
_refine.ls_number_reflns_R_free                  2014 
_refine.ls_R_factor_R_free_error                 ? 
_refine.B_iso_mean                               21.7715 
_refine.solvent_model_param_bsol                 48.1600 
_refine.solvent_model_param_ksol                 0.3550 
_refine.pdbx_isotropic_thermal_model             ? 
_refine.aniso_B[1][1]                            0.5164 
_refine.aniso_B[2][2]                            0.5164 
_refine.aniso_B[3][3]                            -1.0329 
_refine.aniso_B[1][2]                            0.0000 
_refine.aniso_B[1][3]                            0.0000 
_refine.aniso_B[2][3]                            0.0000 
_refine.correlation_coeff_Fo_to_Fc               ? 
_refine.correlation_coeff_Fo_to_Fc_free          ? 
_refine.overall_SU_R_Cruickshank_DPI             ? 
_refine.overall_SU_R_free                        ? 
_refine.pdbx_overall_ESU_R                       ? 
_refine.pdbx_overall_ESU_R_Free                  ? 
_refine.overall_SU_ML                            0.3900 
_refine.overall_SU_B                             ? 
_refine.solvent_model_details                    'FLAT BULK SOLVENT MODEL' 
_refine.pdbx_solvent_vdw_probe_radii             1.1000 
_refine.pdbx_solvent_ion_probe_radii             ? 
_refine.pdbx_solvent_shrinkage_radii             0.8300 
_refine.ls_number_parameters                     ? 
_refine.ls_number_restraints                     ? 
_refine.pdbx_starting_model                      ? 
_refine.pdbx_method_to_determine_struct          'MOLECULAR REPLACEMENT' 
_refine.pdbx_stereochemistry_target_values       MLHL 
_refine.pdbx_stereochem_target_val_spec_case     ? 
_refine.overall_FOM_work_R_set                   0.8945 
_refine.B_iso_max                                94.040 
_refine.B_iso_min                                5.770 
_refine.pdbx_overall_phase_error                 17.4000 
_refine.occupancy_max                            1.000 
_refine.occupancy_min                            0.030 
_refine.pdbx_ls_sigma_I                          ? 
_refine.ls_redundancy_reflns_obs                 ? 
_refine.ls_R_factor_R_free_error_details         ? 
_refine.pdbx_data_cutoff_high_rms_absF           ? 
_refine.overall_FOM_free_R_set                   ? 
_refine.pdbx_diffrn_id                           1 
_refine.pdbx_refine_id                           'X-RAY DIFFRACTION' 
_refine.pdbx_TLS_residual_ADP_flag               ? 
_refine.pdbx_overall_SU_R_free_Cruickshank_DPI   ? 
_refine.pdbx_overall_SU_R_Blow_DPI               ? 
_refine.pdbx_overall_SU_R_free_Blow_DPI          ? 
# 
_refine_hist.pdbx_refine_id                   'X-RAY DIFFRACTION' 
_refine_hist.cycle_id                         LAST 
_refine_hist.pdbx_number_atoms_protein        1175 
_refine_hist.pdbx_number_atoms_nucleic_acid   0 
_refine_hist.pdbx_number_atoms_ligand         48 
_refine_hist.number_atoms_solvent             159 
_refine_hist.number_atoms_total               1382 
_refine_hist.d_res_high                       1.6000 
_refine_hist.d_res_low                        31.67 
# 
loop_
_refine_ls_restr.type 
_refine_ls_restr.number 
_refine_ls_restr.dev_ideal 
_refine_ls_restr.dev_ideal_target 
_refine_ls_restr.weight 
_refine_ls_restr.pdbx_restraint_function 
_refine_ls_restr.pdbx_refine_id 
f_bond_d           1519 0.008  ? ? ? 'X-RAY DIFFRACTION' 
f_angle_d          2124 1.042  ? ? ? 'X-RAY DIFFRACTION' 
f_chiral_restr     215  0.067  ? ? ? 'X-RAY DIFFRACTION' 
f_plane_restr      267  0.005  ? ? ? 'X-RAY DIFFRACTION' 
f_dihedral_angle_d 600  16.891 ? ? ? 'X-RAY DIFFRACTION' 
# 
loop_
_refine_ls_shell.d_res_high 
_refine_ls_shell.d_res_low 
_refine_ls_shell.pdbx_total_number_of_bins_used 
_refine_ls_shell.percent_reflns_obs 
_refine_ls_shell.number_reflns_R_work 
_refine_ls_shell.R_factor_all 
_refine_ls_shell.R_factor_R_work 
_refine_ls_shell.R_factor_R_free 
_refine_ls_shell.percent_reflns_R_free 
_refine_ls_shell.number_reflns_R_free 
_refine_ls_shell.R_factor_R_free_error 
_refine_ls_shell.number_reflns_all 
_refine_ls_shell.number_reflns_obs 
_refine_ls_shell.redundancy_reflns_obs 
_refine_ls_shell.pdbx_refine_id 
1.6000 1.6400  14 100.0000 1446 . 0.1957 0.2145 . 155 . 1601 . . 'X-RAY DIFFRACTION' 
1.6400 1.6844  14 100.0000 1436 . 0.1883 0.2201 . 138 . 1574 . . 'X-RAY DIFFRACTION' 
1.6844 1.7339  14 100.0000 1458 . 0.1773 0.2178 . 140 . 1598 . . 'X-RAY DIFFRACTION' 
1.7339 1.7899  14 100.0000 1452 . 0.1692 0.2161 . 153 . 1605 . . 'X-RAY DIFFRACTION' 
1.7899 1.8539  14 100.0000 1446 . 0.1642 0.1766 . 142 . 1588 . . 'X-RAY DIFFRACTION' 
1.8539 1.9281  14 100.0000 1478 . 0.1694 0.2046 . 137 . 1615 . . 'X-RAY DIFFRACTION' 
1.9281 2.0158  14 100.0000 1440 . 0.1747 0.2141 . 141 . 1581 . . 'X-RAY DIFFRACTION' 
2.0158 2.1221  14 100.0000 1492 . 0.1709 0.2229 . 141 . 1633 . . 'X-RAY DIFFRACTION' 
2.1221 2.2550  14 100.0000 1474 . 0.1666 0.1946 . 140 . 1614 . . 'X-RAY DIFFRACTION' 
2.2550 2.4290  14 100.0000 1467 . 0.1657 0.2045 . 137 . 1604 . . 'X-RAY DIFFRACTION' 
2.4290 2.6734  14 100.0000 1483 . 0.1662 0.1954 . 144 . 1627 . . 'X-RAY DIFFRACTION' 
2.6734 3.0599  14 100.0000 1475 . 0.1672 0.1926 . 142 . 1617 . . 'X-RAY DIFFRACTION' 
3.0599 3.8541  14 100.0000 1502 . 0.1511 0.1717 . 140 . 1642 . . 'X-RAY DIFFRACTION' 
3.8541 31.6804 14 100.0000 1544 . 0.1753 0.1859 . 164 . 1708 . . 'X-RAY DIFFRACTION' 
# 
_struct.entry_id                  4O1T 
_struct.title                     'Crystal structure of murine neuroglobin mutant F106W' 
_struct.pdbx_model_details        ? 
_struct.pdbx_CASP_flag            ? 
_struct.pdbx_model_type_details   ? 
# 
_struct_keywords.entry_id        4O1T 
_struct_keywords.pdbx_keywords   'TRANSPORT PROTEIN' 
_struct_keywords.text            'Globin, oxygen storage-transporter, TRANSPORT PROTEIN' 
# 
loop_
_struct_asym.id 
_struct_asym.pdbx_blank_PDB_chainid_flag 
_struct_asym.pdbx_modified 
_struct_asym.entity_id 
_struct_asym.details 
A N N 1 ? 
B N N 2 ? 
C N N 3 ? 
D N N 4 ? 
# 
_struct_ref.id                         1 
_struct_ref.db_name                    UNP 
_struct_ref.db_code                    NGB_MOUSE 
_struct_ref.pdbx_db_accession          Q9ER97 
_struct_ref.entity_id                  1 
_struct_ref.pdbx_seq_one_letter_code   
;MERPESELIRQSWRVVSRSPLEHGTVLFARLFALEPSLLPLFQYNGRQFSSPEDCLSSPEFLDHIRKVMLVIDAAVTNVE
DLSSLEEYLTSLGRKHRAVGVRLSSFSTVGESLLYMLEKCLGPDFTPATRTAWSRLYGAVVQAMSRGWDGE
;
_struct_ref.pdbx_align_begin           1 
_struct_ref.pdbx_db_isoform            ? 
# 
_struct_ref_seq.align_id                      1 
_struct_ref_seq.ref_id                        1 
_struct_ref_seq.pdbx_PDB_id_code              4O1T 
_struct_ref_seq.pdbx_strand_id                A 
_struct_ref_seq.seq_align_beg                 4 
_struct_ref_seq.pdbx_seq_align_beg_ins_code   ? 
_struct_ref_seq.seq_align_end                 154 
_struct_ref_seq.pdbx_seq_align_end_ins_code   ? 
_struct_ref_seq.pdbx_db_accession             Q9ER97 
_struct_ref_seq.db_align_beg                  1 
_struct_ref_seq.pdbx_db_align_beg_ins_code    ? 
_struct_ref_seq.db_align_end                  151 
_struct_ref_seq.pdbx_db_align_end_ins_code    ? 
_struct_ref_seq.pdbx_auth_seq_align_beg       1 
_struct_ref_seq.pdbx_auth_seq_align_end       151 
# 
loop_
_struct_ref_seq_dif.align_id 
_struct_ref_seq_dif.pdbx_pdb_id_code 
_struct_ref_seq_dif.mon_id 
_struct_ref_seq_dif.pdbx_pdb_strand_id 
_struct_ref_seq_dif.seq_num 
_struct_ref_seq_dif.pdbx_pdb_ins_code 
_struct_ref_seq_dif.pdbx_seq_db_name 
_struct_ref_seq_dif.pdbx_seq_db_accession_code 
_struct_ref_seq_dif.db_mon_id 
_struct_ref_seq_dif.pdbx_seq_db_seq_num 
_struct_ref_seq_dif.details 
_struct_ref_seq_dif.pdbx_auth_seq_num 
_struct_ref_seq_dif.pdbx_ordinal 
1 4O1T GLY A 1   ? UNP Q9ER97 ?   ?   'expression tag'      -2  1 
1 4O1T SER A 2   ? UNP Q9ER97 ?   ?   'expression tag'      -1  2 
1 4O1T HIS A 3   ? UNP Q9ER97 ?   ?   'expression tag'      0   3 
1 4O1T SER A 58  ? UNP Q9ER97 CYS 55  'engineered mutation' 55  4 
1 4O1T TRP A 109 ? UNP Q9ER97 PHE 106 'engineered mutation' 106 5 
1 4O1T SER A 123 ? UNP Q9ER97 CYS 120 'engineered mutation' 120 6 
# 
_pdbx_struct_assembly.id                   1 
_pdbx_struct_assembly.details              author_defined_assembly 
_pdbx_struct_assembly.method_details       ? 
_pdbx_struct_assembly.oligomeric_details   monomeric 
_pdbx_struct_assembly.oligomeric_count     1 
# 
_pdbx_struct_assembly_gen.assembly_id       1 
_pdbx_struct_assembly_gen.oper_expression   1 
_pdbx_struct_assembly_gen.asym_id_list      A,B,C,D 
# 
_pdbx_struct_oper_list.id                   1 
_pdbx_struct_oper_list.type                 'identity operation' 
_pdbx_struct_oper_list.name                 1_555 
_pdbx_struct_oper_list.symmetry_operation   x,y,z 
_pdbx_struct_oper_list.matrix[1][1]         1.0000000000 
_pdbx_struct_oper_list.matrix[1][2]         0.0000000000 
_pdbx_struct_oper_list.matrix[1][3]         0.0000000000 
_pdbx_struct_oper_list.vector[1]            0.0000000000 
_pdbx_struct_oper_list.matrix[2][1]         0.0000000000 
_pdbx_struct_oper_list.matrix[2][2]         1.0000000000 
_pdbx_struct_oper_list.matrix[2][3]         0.0000000000 
_pdbx_struct_oper_list.vector[2]            0.0000000000 
_pdbx_struct_oper_list.matrix[3][1]         0.0000000000 
_pdbx_struct_oper_list.matrix[3][2]         0.0000000000 
_pdbx_struct_oper_list.matrix[3][3]         1.0000000000 
_pdbx_struct_oper_list.vector[3]            0.0000000000 
# 
_struct_biol.id        1 
_struct_biol.details   ? 
# 
loop_
_struct_conf.conf_type_id 
_struct_conf.id 
_struct_conf.pdbx_PDB_helix_id 
_struct_conf.beg_label_comp_id 
_struct_conf.beg_label_asym_id 
_struct_conf.beg_label_seq_id 
_struct_conf.pdbx_beg_PDB_ins_code 
_struct_conf.end_label_comp_id 
_struct_conf.end_label_asym_id 
_struct_conf.end_label_seq_id 
_struct_conf.pdbx_end_PDB_ins_code 
_struct_conf.beg_auth_comp_id 
_struct_conf.beg_auth_asym_id 
_struct_conf.beg_auth_seq_id 
_struct_conf.end_auth_comp_id 
_struct_conf.end_auth_asym_id 
_struct_conf.end_auth_seq_id 
_struct_conf.pdbx_PDB_helix_class 
_struct_conf.details 
_struct_conf.pdbx_PDB_helix_length 
HELX_P HELX_P1  1  PRO A 7   ? ARG A 21  ? PRO A 4   ARG A 18  1 ? 15 
HELX_P HELX_P2  2  SER A 22  ? GLU A 38  ? SER A 19  GLU A 35  1 ? 17 
HELX_P HELX_P3  3  PRO A 39  ? PHE A 45  ? PRO A 36  PHE A 42  5 ? 7  
HELX_P HELX_P4  4  GLN A 46  ? ARG A 50  ? GLN A 43  ARG A 47  5 ? 5  
HELX_P HELX_P5  5  SER A 54  ? LEU A 59  ? SER A 51  LEU A 56  1 ? 6  
HELX_P HELX_P6  6  SER A 61  ? ASN A 81  ? SER A 58  ASN A 78  1 ? 21 
HELX_P HELX_P7  7  ASP A 84  ? SER A 87  ? ASP A 81  SER A 84  5 ? 4  
HELX_P HELX_P8  8  LEU A 88  ? GLY A 103 ? LEU A 85  GLY A 100 1 ? 16 
HELX_P HELX_P9  9  SER A 107 ? GLY A 125 ? SER A 104 GLY A 122 1 ? 19 
HELX_P HELX_P10 10 PRO A 126 ? PHE A 128 ? PRO A 123 PHE A 125 5 ? 3  
HELX_P HELX_P11 11 THR A 129 ? ARG A 149 ? THR A 126 ARG A 146 1 ? 21 
# 
_struct_conf_type.id          HELX_P 
_struct_conf_type.criteria    ? 
_struct_conf_type.reference   ? 
# 
loop_
_struct_conn.id 
_struct_conn.conn_type_id 
_struct_conn.pdbx_leaving_atom_flag 
_struct_conn.pdbx_PDB_id 
_struct_conn.ptnr1_label_asym_id 
_struct_conn.ptnr1_label_comp_id 
_struct_conn.ptnr1_label_seq_id 
_struct_conn.ptnr1_label_atom_id 
_struct_conn.pdbx_ptnr1_label_alt_id 
_struct_conn.pdbx_ptnr1_PDB_ins_code 
_struct_conn.pdbx_ptnr1_standard_comp_id 
_struct_conn.ptnr1_symmetry 
_struct_conn.ptnr2_label_asym_id 
_struct_conn.ptnr2_label_comp_id 
_struct_conn.ptnr2_label_seq_id 
_struct_conn.ptnr2_label_atom_id 
_struct_conn.pdbx_ptnr2_label_alt_id 
_struct_conn.pdbx_ptnr2_PDB_ins_code 
_struct_conn.ptnr1_auth_asym_id 
_struct_conn.ptnr1_auth_comp_id 
_struct_conn.ptnr1_auth_seq_id 
_struct_conn.ptnr2_auth_asym_id 
_struct_conn.ptnr2_auth_comp_id 
_struct_conn.ptnr2_auth_seq_id 
_struct_conn.ptnr2_symmetry 
_struct_conn.pdbx_ptnr3_label_atom_id 
_struct_conn.pdbx_ptnr3_label_seq_id 
_struct_conn.pdbx_ptnr3_label_comp_id 
_struct_conn.pdbx_ptnr3_label_asym_id 
_struct_conn.pdbx_ptnr3_label_alt_id 
_struct_conn.pdbx_ptnr3_PDB_ins_code 
_struct_conn.details 
_struct_conn.pdbx_dist_value 
_struct_conn.pdbx_value_order 
_struct_conn.pdbx_role 
metalc1 metalc ? ? A HIS 67 NE2 A ? ? 1_555 B HEM . FE A ? A HIS 64 A HEM 201 1_555 ? ? ? ? ? ? ? 2.054 ? ? 
metalc2 metalc ? ? A HIS 67 NE2 B ? ? 1_555 B HEM . FE B ? A HIS 64 A HEM 201 1_555 ? ? ? ? ? ? ? 2.165 ? ? 
metalc3 metalc ? ? A HIS 99 NE2 A ? ? 1_555 B HEM . FE A ? A HIS 96 A HEM 201 1_555 ? ? ? ? ? ? ? 2.089 ? ? 
metalc4 metalc ? ? A HIS 99 NE2 B ? ? 1_555 B HEM . FE B ? A HIS 96 A HEM 201 1_555 ? ? ? ? ? ? ? 2.235 ? ? 
# 
_struct_conn_type.id          metalc 
_struct_conn_type.criteria    ? 
_struct_conn_type.reference   ? 
# 
loop_
_pdbx_struct_conn_angle.id 
_pdbx_struct_conn_angle.ptnr1_label_atom_id 
_pdbx_struct_conn_angle.ptnr1_label_alt_id 
_pdbx_struct_conn_angle.ptnr1_label_asym_id 
_pdbx_struct_conn_angle.ptnr1_label_comp_id 
_pdbx_struct_conn_angle.ptnr1_label_seq_id 
_pdbx_struct_conn_angle.ptnr1_auth_atom_id 
_pdbx_struct_conn_angle.ptnr1_auth_asym_id 
_pdbx_struct_conn_angle.ptnr1_auth_comp_id 
_pdbx_struct_conn_angle.ptnr1_auth_seq_id 
_pdbx_struct_conn_angle.ptnr1_PDB_ins_code 
_pdbx_struct_conn_angle.ptnr1_symmetry 
_pdbx_struct_conn_angle.ptnr2_label_atom_id 
_pdbx_struct_conn_angle.ptnr2_label_alt_id 
_pdbx_struct_conn_angle.ptnr2_label_asym_id 
_pdbx_struct_conn_angle.ptnr2_label_comp_id 
_pdbx_struct_conn_angle.ptnr2_label_seq_id 
_pdbx_struct_conn_angle.ptnr2_auth_atom_id 
_pdbx_struct_conn_angle.ptnr2_auth_asym_id 
_pdbx_struct_conn_angle.ptnr2_auth_comp_id 
_pdbx_struct_conn_angle.ptnr2_auth_seq_id 
_pdbx_struct_conn_angle.ptnr2_PDB_ins_code 
_pdbx_struct_conn_angle.ptnr2_symmetry 
_pdbx_struct_conn_angle.ptnr3_label_atom_id 
_pdbx_struct_conn_angle.ptnr3_label_alt_id 
_pdbx_struct_conn_angle.ptnr3_label_asym_id 
_pdbx_struct_conn_angle.ptnr3_label_comp_id 
_pdbx_struct_conn_angle.ptnr3_label_seq_id 
_pdbx_struct_conn_angle.ptnr3_auth_atom_id 
_pdbx_struct_conn_angle.ptnr3_auth_asym_id 
_pdbx_struct_conn_angle.ptnr3_auth_comp_id 
_pdbx_struct_conn_angle.ptnr3_auth_seq_id 
_pdbx_struct_conn_angle.ptnr3_PDB_ins_code 
_pdbx_struct_conn_angle.ptnr3_symmetry 
_pdbx_struct_conn_angle.value 
_pdbx_struct_conn_angle.value_esd 
1  NE2 A A HIS 67 ? A HIS 64  ? 1_555 FE A B HEM . ? A HEM 201 ? 1_555 NA  A B HEM .  ? A HEM 201 ? 1_555 93.7  ? 
2  NE2 A A HIS 67 ? A HIS 64  ? 1_555 FE A B HEM . ? A HEM 201 ? 1_555 NB  A B HEM .  ? A HEM 201 ? 1_555 89.2  ? 
3  NA  A B HEM .  ? A HEM 201 ? 1_555 FE A B HEM . ? A HEM 201 ? 1_555 NB  A B HEM .  ? A HEM 201 ? 1_555 90.2  ? 
4  NE2 A A HIS 67 ? A HIS 64  ? 1_555 FE A B HEM . ? A HEM 201 ? 1_555 NC  A B HEM .  ? A HEM 201 ? 1_555 88.3  ? 
5  NA  A B HEM .  ? A HEM 201 ? 1_555 FE A B HEM . ? A HEM 201 ? 1_555 NC  A B HEM .  ? A HEM 201 ? 1_555 178.0 ? 
6  NB  A B HEM .  ? A HEM 201 ? 1_555 FE A B HEM . ? A HEM 201 ? 1_555 NC  A B HEM .  ? A HEM 201 ? 1_555 90.0  ? 
7  NE2 A A HIS 67 ? A HIS 64  ? 1_555 FE A B HEM . ? A HEM 201 ? 1_555 ND  A B HEM .  ? A HEM 201 ? 1_555 91.5  ? 
8  NA  A B HEM .  ? A HEM 201 ? 1_555 FE A B HEM . ? A HEM 201 ? 1_555 ND  A B HEM .  ? A HEM 201 ? 1_555 92.6  ? 
9  NB  A B HEM .  ? A HEM 201 ? 1_555 FE A B HEM . ? A HEM 201 ? 1_555 ND  A B HEM .  ? A HEM 201 ? 1_555 177.0 ? 
10 NC  A B HEM .  ? A HEM 201 ? 1_555 FE A B HEM . ? A HEM 201 ? 1_555 ND  A B HEM .  ? A HEM 201 ? 1_555 87.1  ? 
11 NE2 A A HIS 67 ? A HIS 64  ? 1_555 FE A B HEM . ? A HEM 201 ? 1_555 NE2 A A HIS 99 ? A HIS 96  ? 1_555 169.8 ? 
12 NA  A B HEM .  ? A HEM 201 ? 1_555 FE A B HEM . ? A HEM 201 ? 1_555 NE2 A A HIS 99 ? A HIS 96  ? 1_555 96.6  ? 
13 NB  A B HEM .  ? A HEM 201 ? 1_555 FE A B HEM . ? A HEM 201 ? 1_555 NE2 A A HIS 99 ? A HIS 96  ? 1_555 90.4  ? 
14 NC  A B HEM .  ? A HEM 201 ? 1_555 FE A B HEM . ? A HEM 201 ? 1_555 NE2 A A HIS 99 ? A HIS 96  ? 1_555 81.5  ? 
15 ND  A B HEM .  ? A HEM 201 ? 1_555 FE A B HEM . ? A HEM 201 ? 1_555 NE2 A A HIS 99 ? A HIS 96  ? 1_555 88.4  ? 
16 NE2 B A HIS 67 ? A HIS 64  ? 1_555 FE B B HEM . ? A HEM 201 ? 1_555 NA  B B HEM .  ? A HEM 201 ? 1_555 87.9  ? 
17 NE2 B A HIS 67 ? A HIS 64  ? 1_555 FE B B HEM . ? A HEM 201 ? 1_555 NB  B B HEM .  ? A HEM 201 ? 1_555 99.8  ? 
18 NA  B B HEM .  ? A HEM 201 ? 1_555 FE B B HEM . ? A HEM 201 ? 1_555 NB  B B HEM .  ? A HEM 201 ? 1_555 90.2  ? 
19 NE2 B A HIS 67 ? A HIS 64  ? 1_555 FE B B HEM . ? A HEM 201 ? 1_555 NC  B B HEM .  ? A HEM 201 ? 1_555 88.5  ? 
20 NA  B B HEM .  ? A HEM 201 ? 1_555 FE B B HEM . ? A HEM 201 ? 1_555 NC  B B HEM .  ? A HEM 201 ? 1_555 175.7 ? 
21 NB  B B HEM .  ? A HEM 201 ? 1_555 FE B B HEM . ? A HEM 201 ? 1_555 NC  B B HEM .  ? A HEM 201 ? 1_555 92.8  ? 
22 NE2 B A HIS 67 ? A HIS 64  ? 1_555 FE B B HEM . ? A HEM 201 ? 1_555 ND  B B HEM .  ? A HEM 201 ? 1_555 75.9  ? 
23 NA  B B HEM .  ? A HEM 201 ? 1_555 FE B B HEM . ? A HEM 201 ? 1_555 ND  B B HEM .  ? A HEM 201 ? 1_555 88.4  ? 
24 NB  B B HEM .  ? A HEM 201 ? 1_555 FE B B HEM . ? A HEM 201 ? 1_555 ND  B B HEM .  ? A HEM 201 ? 1_555 175.6 ? 
25 NC  B B HEM .  ? A HEM 201 ? 1_555 FE B B HEM . ? A HEM 201 ? 1_555 ND  B B HEM .  ? A HEM 201 ? 1_555 88.4  ? 
26 NE2 B A HIS 67 ? A HIS 64  ? 1_555 FE B B HEM . ? A HEM 201 ? 1_555 NE2 B A HIS 99 ? A HIS 96  ? 1_555 170.7 ? 
27 NA  B B HEM .  ? A HEM 201 ? 1_555 FE B B HEM . ? A HEM 201 ? 1_555 NE2 B A HIS 99 ? A HIS 96  ? 1_555 89.0  ? 
28 NB  B B HEM .  ? A HEM 201 ? 1_555 FE B B HEM . ? A HEM 201 ? 1_555 NE2 B A HIS 99 ? A HIS 96  ? 1_555 88.9  ? 
29 NC  B B HEM .  ? A HEM 201 ? 1_555 FE B B HEM . ? A HEM 201 ? 1_555 NE2 B A HIS 99 ? A HIS 96  ? 1_555 94.3  ? 
30 ND  B B HEM .  ? A HEM 201 ? 1_555 FE B B HEM . ? A HEM 201 ? 1_555 NE2 B A HIS 99 ? A HIS 96  ? 1_555 95.2  ? 
# 
loop_
_struct_site.id 
_struct_site.pdbx_evidence_code 
_struct_site.pdbx_auth_asym_id 
_struct_site.pdbx_auth_comp_id 
_struct_site.pdbx_auth_seq_id 
_struct_site.pdbx_auth_ins_code 
_struct_site.pdbx_num_residues 
_struct_site.details 
AC1 Software A HEM 201 ? 21 'BINDING SITE FOR RESIDUE HEM A 201' 
AC2 Software A SO4 202 ? 5  'BINDING SITE FOR RESIDUE SO4 A 202' 
# 
loop_
_struct_site_gen.id 
_struct_site_gen.site_id 
_struct_site_gen.pdbx_num_res 
_struct_site_gen.label_comp_id 
_struct_site_gen.label_asym_id 
_struct_site_gen.label_seq_id 
_struct_site_gen.pdbx_auth_ins_code 
_struct_site_gen.auth_comp_id 
_struct_site_gen.auth_asym_id 
_struct_site_gen.auth_seq_id 
_struct_site_gen.label_atom_id 
_struct_site_gen.label_alt_id 
_struct_site_gen.symmetry 
_struct_site_gen.details 
1  AC1 21 LEU A 34  ? LEU A 31  . ? 1_555 ? 
2  AC1 21 LEU A 41  ? LEU A 38  . ? 1_555 ? 
3  AC1 21 LEU A 44  ? LEU A 41  . ? 1_555 ? 
4  AC1 21 PHE A 45  ? PHE A 42  . ? 1_555 ? 
5  AC1 21 TYR A 47  ? TYR A 44  . ? 1_555 ? 
6  AC1 21 HIS A 67  ? HIS A 64  . ? 1_555 ? 
7  AC1 21 LYS A 70  ? LYS A 67  . ? 1_555 ? 
8  AC1 21 LYS A 70  ? LYS A 67  . ? 5_555 ? 
9  AC1 21 VAL A 71  ? VAL A 68  . ? 1_555 ? 
10 AC1 21 VAL A 74  ? VAL A 71  . ? 1_555 ? 
11 AC1 21 TYR A 91  ? TYR A 88  . ? 1_555 ? 
12 AC1 21 LEU A 95  ? LEU A 92  . ? 1_555 ? 
13 AC1 21 HIS A 99  ? HIS A 96  . ? 1_555 ? 
14 AC1 21 VAL A 102 ? VAL A 99  . ? 1_555 ? 
15 AC1 21 VAL A 104 ? VAL A 101 . ? 1_555 ? 
16 AC1 21 VAL A 112 ? VAL A 109 . ? 1_555 ? 
17 AC1 21 HOH D .   ? HOH A 306 . ? 1_555 ? 
18 AC1 21 HOH D .   ? HOH A 310 . ? 1_555 ? 
19 AC1 21 HOH D .   ? HOH A 310 . ? 5_555 ? 
20 AC1 21 HOH D .   ? HOH A 336 . ? 1_555 ? 
21 AC1 21 HOH D .   ? HOH A 387 . ? 1_555 ? 
22 AC2 5  SER A 22  ? SER A 19  . ? 1_555 ? 
23 AC2 5  PRO A 23  ? PRO A 20  . ? 1_555 ? 
24 AC2 5  LEU A 24  ? LEU A 21  . ? 1_555 ? 
25 AC2 5  GLU A 25  ? GLU A 22  . ? 1_555 ? 
26 AC2 5  ARG A 69  ? ARG A 66  . ? 1_555 ? 
# 
loop_
_pdbx_validate_close_contact.id 
_pdbx_validate_close_contact.PDB_model_num 
_pdbx_validate_close_contact.auth_atom_id_1 
_pdbx_validate_close_contact.auth_asym_id_1 
_pdbx_validate_close_contact.auth_comp_id_1 
_pdbx_validate_close_contact.auth_seq_id_1 
_pdbx_validate_close_contact.PDB_ins_code_1 
_pdbx_validate_close_contact.label_alt_id_1 
_pdbx_validate_close_contact.auth_atom_id_2 
_pdbx_validate_close_contact.auth_asym_id_2 
_pdbx_validate_close_contact.auth_comp_id_2 
_pdbx_validate_close_contact.auth_seq_id_2 
_pdbx_validate_close_contact.PDB_ins_code_2 
_pdbx_validate_close_contact.label_alt_id_2 
_pdbx_validate_close_contact.dist 
1  1 OE2 A GLU 5   ? ? O   A HOH 451 ? ? 1.55 
2  1 OE1 A GLN 43  ? A O   A HOH 432 ? ? 1.93 
3  1 O   A HOH 363 ? ? O   A HOH 450 ? ? 1.94 
4  1 O   A HOH 346 ? ? O   A HOH 438 ? ? 1.97 
5  1 OE1 A GLN 142 ? B O   A HOH 416 ? ? 2.02 
6  1 O   A SER 12  ? ? O   A HOH 452 ? ? 2.05 
7  1 OD2 A ASP 81  ? B O   A HOH 357 ? ? 2.05 
8  1 NH1 A ARG 10  ? B O   A HOH 427 ? ? 2.05 
9  1 O   A HOH 458 ? ? O   A HOH 459 ? ? 2.05 
10 1 O   A ARG 14  ? ? NH2 A ARG 18  ? A 2.06 
11 1 O   A HOH 446 ? ? O   A HOH 448 ? ? 2.10 
12 1 OG  A SER 57  ? B O   A HOH 317 ? ? 2.12 
13 1 O   A HOH 362 ? ? O   A HOH 402 ? ? 2.13 
14 1 O   A HOH 404 ? ? O   A HOH 405 ? ? 2.15 
15 1 NH1 A ARG 130 ? ? O   A HOH 391 ? ? 2.17 
16 1 NH1 A ARG 97  ? B O   A HOH 389 ? ? 2.17 
17 1 OG  A SER 91  ? A O   A HOH 329 ? ? 2.17 
# 
loop_
_pdbx_validate_torsion.id 
_pdbx_validate_torsion.PDB_model_num 
_pdbx_validate_torsion.auth_comp_id 
_pdbx_validate_torsion.auth_asym_id 
_pdbx_validate_torsion.auth_seq_id 
_pdbx_validate_torsion.PDB_ins_code 
_pdbx_validate_torsion.label_alt_id 
_pdbx_validate_torsion.phi 
_pdbx_validate_torsion.psi 
1 1 ASP A 81 ? A -150.18 70.50   
2 1 ASP A 81 ? B -106.84 -100.75 
3 1 LEU A 82 ? B 95.71   -42.25  
# 
loop_
_pdbx_struct_special_symmetry.id 
_pdbx_struct_special_symmetry.PDB_model_num 
_pdbx_struct_special_symmetry.auth_asym_id 
_pdbx_struct_special_symmetry.auth_comp_id 
_pdbx_struct_special_symmetry.auth_seq_id 
_pdbx_struct_special_symmetry.PDB_ins_code 
_pdbx_struct_special_symmetry.label_asym_id 
_pdbx_struct_special_symmetry.label_comp_id 
_pdbx_struct_special_symmetry.label_seq_id 
1  1 A HOH 314 ? D HOH . 
2  1 A HOH 315 ? D HOH . 
3  1 A HOH 324 ? D HOH . 
4  1 A HOH 352 ? D HOH . 
5  1 A HOH 380 ? D HOH . 
6  1 A HOH 400 ? D HOH . 
7  1 A HOH 407 ? D HOH . 
8  1 A HOH 413 ? D HOH . 
9  1 A HOH 414 ? D HOH . 
10 1 A HOH 436 ? D HOH . 
11 1 A HOH 454 ? D HOH . 
# 
loop_
_pdbx_unobs_or_zero_occ_residues.id 
_pdbx_unobs_or_zero_occ_residues.PDB_model_num 
_pdbx_unobs_or_zero_occ_residues.polymer_flag 
_pdbx_unobs_or_zero_occ_residues.occupancy_flag 
_pdbx_unobs_or_zero_occ_residues.auth_asym_id 
_pdbx_unobs_or_zero_occ_residues.auth_comp_id 
_pdbx_unobs_or_zero_occ_residues.auth_seq_id 
_pdbx_unobs_or_zero_occ_residues.PDB_ins_code 
_pdbx_unobs_or_zero_occ_residues.label_asym_id 
_pdbx_unobs_or_zero_occ_residues.label_comp_id 
_pdbx_unobs_or_zero_occ_residues.label_seq_id 
1 1 Y 1 A GLY -2  ? A GLY 1   
2 1 Y 1 A SER -1  ? A SER 2   
3 1 Y 1 A HIS 0   ? A HIS 3   
4 1 Y 1 A MET 1   ? A MET 4   
5 1 Y 1 A GLU 2   ? A GLU 5   
6 1 Y 1 A GLU 151 ? A GLU 154 
# 
loop_
_chem_comp_atom.comp_id 
_chem_comp_atom.atom_id 
_chem_comp_atom.type_symbol 
_chem_comp_atom.pdbx_aromatic_flag 
_chem_comp_atom.pdbx_stereo_config 
_chem_comp_atom.pdbx_ordinal 
ALA N    N  N N 1   
ALA CA   C  N S 2   
ALA C    C  N N 3   
ALA O    O  N N 4   
ALA CB   C  N N 5   
ALA OXT  O  N N 6   
ALA H    H  N N 7   
ALA H2   H  N N 8   
ALA HA   H  N N 9   
ALA HB1  H  N N 10  
ALA HB2  H  N N 11  
ALA HB3  H  N N 12  
ALA HXT  H  N N 13  
ARG N    N  N N 14  
ARG CA   C  N S 15  
ARG C    C  N N 16  
ARG O    O  N N 17  
ARG CB   C  N N 18  
ARG CG   C  N N 19  
ARG CD   C  N N 20  
ARG NE   N  N N 21  
ARG CZ   C  N N 22  
ARG NH1  N  N N 23  
ARG NH2  N  N N 24  
ARG OXT  O  N N 25  
ARG H    H  N N 26  
ARG H2   H  N N 27  
ARG HA   H  N N 28  
ARG HB2  H  N N 29  
ARG HB3  H  N N 30  
ARG HG2  H  N N 31  
ARG HG3  H  N N 32  
ARG HD2  H  N N 33  
ARG HD3  H  N N 34  
ARG HE   H  N N 35  
ARG HH11 H  N N 36  
ARG HH12 H  N N 37  
ARG HH21 H  N N 38  
ARG HH22 H  N N 39  
ARG HXT  H  N N 40  
ASN N    N  N N 41  
ASN CA   C  N S 42  
ASN C    C  N N 43  
ASN O    O  N N 44  
ASN CB   C  N N 45  
ASN CG   C  N N 46  
ASN OD1  O  N N 47  
ASN ND2  N  N N 48  
ASN OXT  O  N N 49  
ASN H    H  N N 50  
ASN H2   H  N N 51  
ASN HA   H  N N 52  
ASN HB2  H  N N 53  
ASN HB3  H  N N 54  
ASN HD21 H  N N 55  
ASN HD22 H  N N 56  
ASN HXT  H  N N 57  
ASP N    N  N N 58  
ASP CA   C  N S 59  
ASP C    C  N N 60  
ASP O    O  N N 61  
ASP CB   C  N N 62  
ASP CG   C  N N 63  
ASP OD1  O  N N 64  
ASP OD2  O  N N 65  
ASP OXT  O  N N 66  
ASP H    H  N N 67  
ASP H2   H  N N 68  
ASP HA   H  N N 69  
ASP HB2  H  N N 70  
ASP HB3  H  N N 71  
ASP HD2  H  N N 72  
ASP HXT  H  N N 73  
CYS N    N  N N 74  
CYS CA   C  N R 75  
CYS C    C  N N 76  
CYS O    O  N N 77  
CYS CB   C  N N 78  
CYS SG   S  N N 79  
CYS OXT  O  N N 80  
CYS H    H  N N 81  
CYS H2   H  N N 82  
CYS HA   H  N N 83  
CYS HB2  H  N N 84  
CYS HB3  H  N N 85  
CYS HG   H  N N 86  
CYS HXT  H  N N 87  
GLN N    N  N N 88  
GLN CA   C  N S 89  
GLN C    C  N N 90  
GLN O    O  N N 91  
GLN CB   C  N N 92  
GLN CG   C  N N 93  
GLN CD   C  N N 94  
GLN OE1  O  N N 95  
GLN NE2  N  N N 96  
GLN OXT  O  N N 97  
GLN H    H  N N 98  
GLN H2   H  N N 99  
GLN HA   H  N N 100 
GLN HB2  H  N N 101 
GLN HB3  H  N N 102 
GLN HG2  H  N N 103 
GLN HG3  H  N N 104 
GLN HE21 H  N N 105 
GLN HE22 H  N N 106 
GLN HXT  H  N N 107 
GLU N    N  N N 108 
GLU CA   C  N S 109 
GLU C    C  N N 110 
GLU O    O  N N 111 
GLU CB   C  N N 112 
GLU CG   C  N N 113 
GLU CD   C  N N 114 
GLU OE1  O  N N 115 
GLU OE2  O  N N 116 
GLU OXT  O  N N 117 
GLU H    H  N N 118 
GLU H2   H  N N 119 
GLU HA   H  N N 120 
GLU HB2  H  N N 121 
GLU HB3  H  N N 122 
GLU HG2  H  N N 123 
GLU HG3  H  N N 124 
GLU HE2  H  N N 125 
GLU HXT  H  N N 126 
GLY N    N  N N 127 
GLY CA   C  N N 128 
GLY C    C  N N 129 
GLY O    O  N N 130 
GLY OXT  O  N N 131 
GLY H    H  N N 132 
GLY H2   H  N N 133 
GLY HA2  H  N N 134 
GLY HA3  H  N N 135 
GLY HXT  H  N N 136 
HEM CHA  C  N N 137 
HEM CHB  C  N N 138 
HEM CHC  C  N N 139 
HEM CHD  C  N N 140 
HEM C1A  C  Y N 141 
HEM C2A  C  Y N 142 
HEM C3A  C  Y N 143 
HEM C4A  C  Y N 144 
HEM CMA  C  N N 145 
HEM CAA  C  N N 146 
HEM CBA  C  N N 147 
HEM CGA  C  N N 148 
HEM O1A  O  N N 149 
HEM O2A  O  N N 150 
HEM C1B  C  N N 151 
HEM C2B  C  N N 152 
HEM C3B  C  N N 153 
HEM C4B  C  N N 154 
HEM CMB  C  N N 155 
HEM CAB  C  N N 156 
HEM CBB  C  N N 157 
HEM C1C  C  Y N 158 
HEM C2C  C  Y N 159 
HEM C3C  C  Y N 160 
HEM C4C  C  Y N 161 
HEM CMC  C  N N 162 
HEM CAC  C  N N 163 
HEM CBC  C  N N 164 
HEM C1D  C  N N 165 
HEM C2D  C  N N 166 
HEM C3D  C  N N 167 
HEM C4D  C  N N 168 
HEM CMD  C  N N 169 
HEM CAD  C  N N 170 
HEM CBD  C  N N 171 
HEM CGD  C  N N 172 
HEM O1D  O  N N 173 
HEM O2D  O  N N 174 
HEM NA   N  Y N 175 
HEM NB   N  N N 176 
HEM NC   N  Y N 177 
HEM ND   N  N N 178 
HEM FE   FE N N 179 
HEM HHB  H  N N 180 
HEM HHC  H  N N 181 
HEM HHD  H  N N 182 
HEM HMA  H  N N 183 
HEM HMAA H  N N 184 
HEM HMAB H  N N 185 
HEM HAA  H  N N 186 
HEM HAAA H  N N 187 
HEM HBA  H  N N 188 
HEM HBAA H  N N 189 
HEM HMB  H  N N 190 
HEM HMBA H  N N 191 
HEM HMBB H  N N 192 
HEM HAB  H  N N 193 
HEM HBB  H  N N 194 
HEM HBBA H  N N 195 
HEM HMC  H  N N 196 
HEM HMCA H  N N 197 
HEM HMCB H  N N 198 
HEM HAC  H  N N 199 
HEM HBC  H  N N 200 
HEM HBCA H  N N 201 
HEM HMD  H  N N 202 
HEM HMDA H  N N 203 
HEM HMDB H  N N 204 
HEM HAD  H  N N 205 
HEM HADA H  N N 206 
HEM HBD  H  N N 207 
HEM HBDA H  N N 208 
HEM H2A  H  N N 209 
HEM H2D  H  N N 210 
HEM HHA  H  N N 211 
HIS N    N  N N 212 
HIS CA   C  N S 213 
HIS C    C  N N 214 
HIS O    O  N N 215 
HIS CB   C  N N 216 
HIS CG   C  Y N 217 
HIS ND1  N  Y N 218 
HIS CD2  C  Y N 219 
HIS CE1  C  Y N 220 
HIS NE2  N  Y N 221 
HIS OXT  O  N N 222 
HIS H    H  N N 223 
HIS H2   H  N N 224 
HIS HA   H  N N 225 
HIS HB2  H  N N 226 
HIS HB3  H  N N 227 
HIS HD1  H  N N 228 
HIS HD2  H  N N 229 
HIS HE1  H  N N 230 
HIS HE2  H  N N 231 
HIS HXT  H  N N 232 
HOH O    O  N N 233 
HOH H1   H  N N 234 
HOH H2   H  N N 235 
ILE N    N  N N 236 
ILE CA   C  N S 237 
ILE C    C  N N 238 
ILE O    O  N N 239 
ILE CB   C  N S 240 
ILE CG1  C  N N 241 
ILE CG2  C  N N 242 
ILE CD1  C  N N 243 
ILE OXT  O  N N 244 
ILE H    H  N N 245 
ILE H2   H  N N 246 
ILE HA   H  N N 247 
ILE HB   H  N N 248 
ILE HG12 H  N N 249 
ILE HG13 H  N N 250 
ILE HG21 H  N N 251 
ILE HG22 H  N N 252 
ILE HG23 H  N N 253 
ILE HD11 H  N N 254 
ILE HD12 H  N N 255 
ILE HD13 H  N N 256 
ILE HXT  H  N N 257 
LEU N    N  N N 258 
LEU CA   C  N S 259 
LEU C    C  N N 260 
LEU O    O  N N 261 
LEU CB   C  N N 262 
LEU CG   C  N N 263 
LEU CD1  C  N N 264 
LEU CD2  C  N N 265 
LEU OXT  O  N N 266 
LEU H    H  N N 267 
LEU H2   H  N N 268 
LEU HA   H  N N 269 
LEU HB2  H  N N 270 
LEU HB3  H  N N 271 
LEU HG   H  N N 272 
LEU HD11 H  N N 273 
LEU HD12 H  N N 274 
LEU HD13 H  N N 275 
LEU HD21 H  N N 276 
LEU HD22 H  N N 277 
LEU HD23 H  N N 278 
LEU HXT  H  N N 279 
LYS N    N  N N 280 
LYS CA   C  N S 281 
LYS C    C  N N 282 
LYS O    O  N N 283 
LYS CB   C  N N 284 
LYS CG   C  N N 285 
LYS CD   C  N N 286 
LYS CE   C  N N 287 
LYS NZ   N  N N 288 
LYS OXT  O  N N 289 
LYS H    H  N N 290 
LYS H2   H  N N 291 
LYS HA   H  N N 292 
LYS HB2  H  N N 293 
LYS HB3  H  N N 294 
LYS HG2  H  N N 295 
LYS HG3  H  N N 296 
LYS HD2  H  N N 297 
LYS HD3  H  N N 298 
LYS HE2  H  N N 299 
LYS HE3  H  N N 300 
LYS HZ1  H  N N 301 
LYS HZ2  H  N N 302 
LYS HZ3  H  N N 303 
LYS HXT  H  N N 304 
MET N    N  N N 305 
MET CA   C  N S 306 
MET C    C  N N 307 
MET O    O  N N 308 
MET CB   C  N N 309 
MET CG   C  N N 310 
MET SD   S  N N 311 
MET CE   C  N N 312 
MET OXT  O  N N 313 
MET H    H  N N 314 
MET H2   H  N N 315 
MET HA   H  N N 316 
MET HB2  H  N N 317 
MET HB3  H  N N 318 
MET HG2  H  N N 319 
MET HG3  H  N N 320 
MET HE1  H  N N 321 
MET HE2  H  N N 322 
MET HE3  H  N N 323 
MET HXT  H  N N 324 
PHE N    N  N N 325 
PHE CA   C  N S 326 
PHE C    C  N N 327 
PHE O    O  N N 328 
PHE CB   C  N N 329 
PHE CG   C  Y N 330 
PHE CD1  C  Y N 331 
PHE CD2  C  Y N 332 
PHE CE1  C  Y N 333 
PHE CE2  C  Y N 334 
PHE CZ   C  Y N 335 
PHE OXT  O  N N 336 
PHE H    H  N N 337 
PHE H2   H  N N 338 
PHE HA   H  N N 339 
PHE HB2  H  N N 340 
PHE HB3  H  N N 341 
PHE HD1  H  N N 342 
PHE HD2  H  N N 343 
PHE HE1  H  N N 344 
PHE HE2  H  N N 345 
PHE HZ   H  N N 346 
PHE HXT  H  N N 347 
PRO N    N  N N 348 
PRO CA   C  N S 349 
PRO C    C  N N 350 
PRO O    O  N N 351 
PRO CB   C  N N 352 
PRO CG   C  N N 353 
PRO CD   C  N N 354 
PRO OXT  O  N N 355 
PRO H    H  N N 356 
PRO HA   H  N N 357 
PRO HB2  H  N N 358 
PRO HB3  H  N N 359 
PRO HG2  H  N N 360 
PRO HG3  H  N N 361 
PRO HD2  H  N N 362 
PRO HD3  H  N N 363 
PRO HXT  H  N N 364 
SER N    N  N N 365 
SER CA   C  N S 366 
SER C    C  N N 367 
SER O    O  N N 368 
SER CB   C  N N 369 
SER OG   O  N N 370 
SER OXT  O  N N 371 
SER H    H  N N 372 
SER H2   H  N N 373 
SER HA   H  N N 374 
SER HB2  H  N N 375 
SER HB3  H  N N 376 
SER HG   H  N N 377 
SER HXT  H  N N 378 
SO4 S    S  N N 379 
SO4 O1   O  N N 380 
SO4 O2   O  N N 381 
SO4 O3   O  N N 382 
SO4 O4   O  N N 383 
THR N    N  N N 384 
THR CA   C  N S 385 
THR C    C  N N 386 
THR O    O  N N 387 
THR CB   C  N R 388 
THR OG1  O  N N 389 
THR CG2  C  N N 390 
THR OXT  O  N N 391 
THR H    H  N N 392 
THR H2   H  N N 393 
THR HA   H  N N 394 
THR HB   H  N N 395 
THR HG1  H  N N 396 
THR HG21 H  N N 397 
THR HG22 H  N N 398 
THR HG23 H  N N 399 
THR HXT  H  N N 400 
TRP N    N  N N 401 
TRP CA   C  N S 402 
TRP C    C  N N 403 
TRP O    O  N N 404 
TRP CB   C  N N 405 
TRP CG   C  Y N 406 
TRP CD1  C  Y N 407 
TRP CD2  C  Y N 408 
TRP NE1  N  Y N 409 
TRP CE2  C  Y N 410 
TRP CE3  C  Y N 411 
TRP CZ2  C  Y N 412 
TRP CZ3  C  Y N 413 
TRP CH2  C  Y N 414 
TRP OXT  O  N N 415 
TRP H    H  N N 416 
TRP H2   H  N N 417 
TRP HA   H  N N 418 
TRP HB2  H  N N 419 
TRP HB3  H  N N 420 
TRP HD1  H  N N 421 
TRP HE1  H  N N 422 
TRP HE3  H  N N 423 
TRP HZ2  H  N N 424 
TRP HZ3  H  N N 425 
TRP HH2  H  N N 426 
TRP HXT  H  N N 427 
TYR N    N  N N 428 
TYR CA   C  N S 429 
TYR C    C  N N 430 
TYR O    O  N N 431 
TYR CB   C  N N 432 
TYR CG   C  Y N 433 
TYR CD1  C  Y N 434 
TYR CD2  C  Y N 435 
TYR CE1  C  Y N 436 
TYR CE2  C  Y N 437 
TYR CZ   C  Y N 438 
TYR OH   O  N N 439 
TYR OXT  O  N N 440 
TYR H    H  N N 441 
TYR H2   H  N N 442 
TYR HA   H  N N 443 
TYR HB2  H  N N 444 
TYR HB3  H  N N 445 
TYR HD1  H  N N 446 
TYR HD2  H  N N 447 
TYR HE1  H  N N 448 
TYR HE2  H  N N 449 
TYR HH   H  N N 450 
TYR HXT  H  N N 451 
VAL N    N  N N 452 
VAL CA   C  N S 453 
VAL C    C  N N 454 
VAL O    O  N N 455 
VAL CB   C  N N 456 
VAL CG1  C  N N 457 
VAL CG2  C  N N 458 
VAL OXT  O  N N 459 
VAL H    H  N N 460 
VAL H2   H  N N 461 
VAL HA   H  N N 462 
VAL HB   H  N N 463 
VAL HG11 H  N N 464 
VAL HG12 H  N N 465 
VAL HG13 H  N N 466 
VAL HG21 H  N N 467 
VAL HG22 H  N N 468 
VAL HG23 H  N N 469 
VAL HXT  H  N N 470 
# 
loop_
_chem_comp_bond.comp_id 
_chem_comp_bond.atom_id_1 
_chem_comp_bond.atom_id_2 
_chem_comp_bond.value_order 
_chem_comp_bond.pdbx_aromatic_flag 
_chem_comp_bond.pdbx_stereo_config 
_chem_comp_bond.pdbx_ordinal 
ALA N   CA   sing N N 1   
ALA N   H    sing N N 2   
ALA N   H2   sing N N 3   
ALA CA  C    sing N N 4   
ALA CA  CB   sing N N 5   
ALA CA  HA   sing N N 6   
ALA C   O    doub N N 7   
ALA C   OXT  sing N N 8   
ALA CB  HB1  sing N N 9   
ALA CB  HB2  sing N N 10  
ALA CB  HB3  sing N N 11  
ALA OXT HXT  sing N N 12  
ARG N   CA   sing N N 13  
ARG N   H    sing N N 14  
ARG N   H2   sing N N 15  
ARG CA  C    sing N N 16  
ARG CA  CB   sing N N 17  
ARG CA  HA   sing N N 18  
ARG C   O    doub N N 19  
ARG C   OXT  sing N N 20  
ARG CB  CG   sing N N 21  
ARG CB  HB2  sing N N 22  
ARG CB  HB3  sing N N 23  
ARG CG  CD   sing N N 24  
ARG CG  HG2  sing N N 25  
ARG CG  HG3  sing N N 26  
ARG CD  NE   sing N N 27  
ARG CD  HD2  sing N N 28  
ARG CD  HD3  sing N N 29  
ARG NE  CZ   sing N N 30  
ARG NE  HE   sing N N 31  
ARG CZ  NH1  sing N N 32  
ARG CZ  NH2  doub N N 33  
ARG NH1 HH11 sing N N 34  
ARG NH1 HH12 sing N N 35  
ARG NH2 HH21 sing N N 36  
ARG NH2 HH22 sing N N 37  
ARG OXT HXT  sing N N 38  
ASN N   CA   sing N N 39  
ASN N   H    sing N N 40  
ASN N   H2   sing N N 41  
ASN CA  C    sing N N 42  
ASN CA  CB   sing N N 43  
ASN CA  HA   sing N N 44  
ASN C   O    doub N N 45  
ASN C   OXT  sing N N 46  
ASN CB  CG   sing N N 47  
ASN CB  HB2  sing N N 48  
ASN CB  HB3  sing N N 49  
ASN CG  OD1  doub N N 50  
ASN CG  ND2  sing N N 51  
ASN ND2 HD21 sing N N 52  
ASN ND2 HD22 sing N N 53  
ASN OXT HXT  sing N N 54  
ASP N   CA   sing N N 55  
ASP N   H    sing N N 56  
ASP N   H2   sing N N 57  
ASP CA  C    sing N N 58  
ASP CA  CB   sing N N 59  
ASP CA  HA   sing N N 60  
ASP C   O    doub N N 61  
ASP C   OXT  sing N N 62  
ASP CB  CG   sing N N 63  
ASP CB  HB2  sing N N 64  
ASP CB  HB3  sing N N 65  
ASP CG  OD1  doub N N 66  
ASP CG  OD2  sing N N 67  
ASP OD2 HD2  sing N N 68  
ASP OXT HXT  sing N N 69  
CYS N   CA   sing N N 70  
CYS N   H    sing N N 71  
CYS N   H2   sing N N 72  
CYS CA  C    sing N N 73  
CYS CA  CB   sing N N 74  
CYS CA  HA   sing N N 75  
CYS C   O    doub N N 76  
CYS C   OXT  sing N N 77  
CYS CB  SG   sing N N 78  
CYS CB  HB2  sing N N 79  
CYS CB  HB3  sing N N 80  
CYS SG  HG   sing N N 81  
CYS OXT HXT  sing N N 82  
GLN N   CA   sing N N 83  
GLN N   H    sing N N 84  
GLN N   H2   sing N N 85  
GLN CA  C    sing N N 86  
GLN CA  CB   sing N N 87  
GLN CA  HA   sing N N 88  
GLN C   O    doub N N 89  
GLN C   OXT  sing N N 90  
GLN CB  CG   sing N N 91  
GLN CB  HB2  sing N N 92  
GLN CB  HB3  sing N N 93  
GLN CG  CD   sing N N 94  
GLN CG  HG2  sing N N 95  
GLN CG  HG3  sing N N 96  
GLN CD  OE1  doub N N 97  
GLN CD  NE2  sing N N 98  
GLN NE2 HE21 sing N N 99  
GLN NE2 HE22 sing N N 100 
GLN OXT HXT  sing N N 101 
GLU N   CA   sing N N 102 
GLU N   H    sing N N 103 
GLU N   H2   sing N N 104 
GLU CA  C    sing N N 105 
GLU CA  CB   sing N N 106 
GLU CA  HA   sing N N 107 
GLU C   O    doub N N 108 
GLU C   OXT  sing N N 109 
GLU CB  CG   sing N N 110 
GLU CB  HB2  sing N N 111 
GLU CB  HB3  sing N N 112 
GLU CG  CD   sing N N 113 
GLU CG  HG2  sing N N 114 
GLU CG  HG3  sing N N 115 
GLU CD  OE1  doub N N 116 
GLU CD  OE2  sing N N 117 
GLU OE2 HE2  sing N N 118 
GLU OXT HXT  sing N N 119 
GLY N   CA   sing N N 120 
GLY N   H    sing N N 121 
GLY N   H2   sing N N 122 
GLY CA  C    sing N N 123 
GLY CA  HA2  sing N N 124 
GLY CA  HA3  sing N N 125 
GLY C   O    doub N N 126 
GLY C   OXT  sing N N 127 
GLY OXT HXT  sing N N 128 
HEM CHA C1A  sing N N 129 
HEM CHA C4D  doub N N 130 
HEM CHA HHA  sing N N 131 
HEM CHB C4A  sing N N 132 
HEM CHB C1B  doub N N 133 
HEM CHB HHB  sing N N 134 
HEM CHC C4B  sing N N 135 
HEM CHC C1C  doub N N 136 
HEM CHC HHC  sing N N 137 
HEM CHD C4C  doub N N 138 
HEM CHD C1D  sing N N 139 
HEM CHD HHD  sing N N 140 
HEM C1A C2A  doub Y N 141 
HEM C1A NA   sing Y N 142 
HEM C2A C3A  sing Y N 143 
HEM C2A CAA  sing N N 144 
HEM C3A C4A  doub Y N 145 
HEM C3A CMA  sing N N 146 
HEM C4A NA   sing Y N 147 
HEM CMA HMA  sing N N 148 
HEM CMA HMAA sing N N 149 
HEM CMA HMAB sing N N 150 
HEM CAA CBA  sing N N 151 
HEM CAA HAA  sing N N 152 
HEM CAA HAAA sing N N 153 
HEM CBA CGA  sing N N 154 
HEM CBA HBA  sing N N 155 
HEM CBA HBAA sing N N 156 
HEM CGA O1A  doub N N 157 
HEM CGA O2A  sing N N 158 
HEM C1B C2B  sing N N 159 
HEM C1B NB   sing N N 160 
HEM C2B C3B  doub N N 161 
HEM C2B CMB  sing N N 162 
HEM C3B C4B  sing N N 163 
HEM C3B CAB  sing N N 164 
HEM C4B NB   doub N N 165 
HEM CMB HMB  sing N N 166 
HEM CMB HMBA sing N N 167 
HEM CMB HMBB sing N N 168 
HEM CAB CBB  doub N N 169 
HEM CAB HAB  sing N N 170 
HEM CBB HBB  sing N N 171 
HEM CBB HBBA sing N N 172 
HEM C1C C2C  sing Y N 173 
HEM C1C NC   sing Y N 174 
HEM C2C C3C  doub Y N 175 
HEM C2C CMC  sing N N 176 
HEM C3C C4C  sing Y N 177 
HEM C3C CAC  sing N N 178 
HEM C4C NC   sing Y N 179 
HEM CMC HMC  sing N N 180 
HEM CMC HMCA sing N N 181 
HEM CMC HMCB sing N N 182 
HEM CAC CBC  doub N N 183 
HEM CAC HAC  sing N N 184 
HEM CBC HBC  sing N N 185 
HEM CBC HBCA sing N N 186 
HEM C1D C2D  sing N N 187 
HEM C1D ND   doub N N 188 
HEM C2D C3D  doub N N 189 
HEM C2D CMD  sing N N 190 
HEM C3D C4D  sing N N 191 
HEM C3D CAD  sing N N 192 
HEM C4D ND   sing N N 193 
HEM CMD HMD  sing N N 194 
HEM CMD HMDA sing N N 195 
HEM CMD HMDB sing N N 196 
HEM CAD CBD  sing N N 197 
HEM CAD HAD  sing N N 198 
HEM CAD HADA sing N N 199 
HEM CBD CGD  sing N N 200 
HEM CBD HBD  sing N N 201 
HEM CBD HBDA sing N N 202 
HEM CGD O1D  doub N N 203 
HEM CGD O2D  sing N N 204 
HEM O2A H2A  sing N N 205 
HEM O2D H2D  sing N N 206 
HEM FE  NA   sing N N 207 
HEM FE  NB   sing N N 208 
HEM FE  NC   sing N N 209 
HEM FE  ND   sing N N 210 
HIS N   CA   sing N N 211 
HIS N   H    sing N N 212 
HIS N   H2   sing N N 213 
HIS CA  C    sing N N 214 
HIS CA  CB   sing N N 215 
HIS CA  HA   sing N N 216 
HIS C   O    doub N N 217 
HIS C   OXT  sing N N 218 
HIS CB  CG   sing N N 219 
HIS CB  HB2  sing N N 220 
HIS CB  HB3  sing N N 221 
HIS CG  ND1  sing Y N 222 
HIS CG  CD2  doub Y N 223 
HIS ND1 CE1  doub Y N 224 
HIS ND1 HD1  sing N N 225 
HIS CD2 NE2  sing Y N 226 
HIS CD2 HD2  sing N N 227 
HIS CE1 NE2  sing Y N 228 
HIS CE1 HE1  sing N N 229 
HIS NE2 HE2  sing N N 230 
HIS OXT HXT  sing N N 231 
HOH O   H1   sing N N 232 
HOH O   H2   sing N N 233 
ILE N   CA   sing N N 234 
ILE N   H    sing N N 235 
ILE N   H2   sing N N 236 
ILE CA  C    sing N N 237 
ILE CA  CB   sing N N 238 
ILE CA  HA   sing N N 239 
ILE C   O    doub N N 240 
ILE C   OXT  sing N N 241 
ILE CB  CG1  sing N N 242 
ILE CB  CG2  sing N N 243 
ILE CB  HB   sing N N 244 
ILE CG1 CD1  sing N N 245 
ILE CG1 HG12 sing N N 246 
ILE CG1 HG13 sing N N 247 
ILE CG2 HG21 sing N N 248 
ILE CG2 HG22 sing N N 249 
ILE CG2 HG23 sing N N 250 
ILE CD1 HD11 sing N N 251 
ILE CD1 HD12 sing N N 252 
ILE CD1 HD13 sing N N 253 
ILE OXT HXT  sing N N 254 
LEU N   CA   sing N N 255 
LEU N   H    sing N N 256 
LEU N   H2   sing N N 257 
LEU CA  C    sing N N 258 
LEU CA  CB   sing N N 259 
LEU CA  HA   sing N N 260 
LEU C   O    doub N N 261 
LEU C   OXT  sing N N 262 
LEU CB  CG   sing N N 263 
LEU CB  HB2  sing N N 264 
LEU CB  HB3  sing N N 265 
LEU CG  CD1  sing N N 266 
LEU CG  CD2  sing N N 267 
LEU CG  HG   sing N N 268 
LEU CD1 HD11 sing N N 269 
LEU CD1 HD12 sing N N 270 
LEU CD1 HD13 sing N N 271 
LEU CD2 HD21 sing N N 272 
LEU CD2 HD22 sing N N 273 
LEU CD2 HD23 sing N N 274 
LEU OXT HXT  sing N N 275 
LYS N   CA   sing N N 276 
LYS N   H    sing N N 277 
LYS N   H2   sing N N 278 
LYS CA  C    sing N N 279 
LYS CA  CB   sing N N 280 
LYS CA  HA   sing N N 281 
LYS C   O    doub N N 282 
LYS C   OXT  sing N N 283 
LYS CB  CG   sing N N 284 
LYS CB  HB2  sing N N 285 
LYS CB  HB3  sing N N 286 
LYS CG  CD   sing N N 287 
LYS CG  HG2  sing N N 288 
LYS CG  HG3  sing N N 289 
LYS CD  CE   sing N N 290 
LYS CD  HD2  sing N N 291 
LYS CD  HD3  sing N N 292 
LYS CE  NZ   sing N N 293 
LYS CE  HE2  sing N N 294 
LYS CE  HE3  sing N N 295 
LYS NZ  HZ1  sing N N 296 
LYS NZ  HZ2  sing N N 297 
LYS NZ  HZ3  sing N N 298 
LYS OXT HXT  sing N N 299 
MET N   CA   sing N N 300 
MET N   H    sing N N 301 
MET N   H2   sing N N 302 
MET CA  C    sing N N 303 
MET CA  CB   sing N N 304 
MET CA  HA   sing N N 305 
MET C   O    doub N N 306 
MET C   OXT  sing N N 307 
MET CB  CG   sing N N 308 
MET CB  HB2  sing N N 309 
MET CB  HB3  sing N N 310 
MET CG  SD   sing N N 311 
MET CG  HG2  sing N N 312 
MET CG  HG3  sing N N 313 
MET SD  CE   sing N N 314 
MET CE  HE1  sing N N 315 
MET CE  HE2  sing N N 316 
MET CE  HE3  sing N N 317 
MET OXT HXT  sing N N 318 
PHE N   CA   sing N N 319 
PHE N   H    sing N N 320 
PHE N   H2   sing N N 321 
PHE CA  C    sing N N 322 
PHE CA  CB   sing N N 323 
PHE CA  HA   sing N N 324 
PHE C   O    doub N N 325 
PHE C   OXT  sing N N 326 
PHE CB  CG   sing N N 327 
PHE CB  HB2  sing N N 328 
PHE CB  HB3  sing N N 329 
PHE CG  CD1  doub Y N 330 
PHE CG  CD2  sing Y N 331 
PHE CD1 CE1  sing Y N 332 
PHE CD1 HD1  sing N N 333 
PHE CD2 CE2  doub Y N 334 
PHE CD2 HD2  sing N N 335 
PHE CE1 CZ   doub Y N 336 
PHE CE1 HE1  sing N N 337 
PHE CE2 CZ   sing Y N 338 
PHE CE2 HE2  sing N N 339 
PHE CZ  HZ   sing N N 340 
PHE OXT HXT  sing N N 341 
PRO N   CA   sing N N 342 
PRO N   CD   sing N N 343 
PRO N   H    sing N N 344 
PRO CA  C    sing N N 345 
PRO CA  CB   sing N N 346 
PRO CA  HA   sing N N 347 
PRO C   O    doub N N 348 
PRO C   OXT  sing N N 349 
PRO CB  CG   sing N N 350 
PRO CB  HB2  sing N N 351 
PRO CB  HB3  sing N N 352 
PRO CG  CD   sing N N 353 
PRO CG  HG2  sing N N 354 
PRO CG  HG3  sing N N 355 
PRO CD  HD2  sing N N 356 
PRO CD  HD3  sing N N 357 
PRO OXT HXT  sing N N 358 
SER N   CA   sing N N 359 
SER N   H    sing N N 360 
SER N   H2   sing N N 361 
SER CA  C    sing N N 362 
SER CA  CB   sing N N 363 
SER CA  HA   sing N N 364 
SER C   O    doub N N 365 
SER C   OXT  sing N N 366 
SER CB  OG   sing N N 367 
SER CB  HB2  sing N N 368 
SER CB  HB3  sing N N 369 
SER OG  HG   sing N N 370 
SER OXT HXT  sing N N 371 
SO4 S   O1   doub N N 372 
SO4 S   O2   doub N N 373 
SO4 S   O3   sing N N 374 
SO4 S   O4   sing N N 375 
THR N   CA   sing N N 376 
THR N   H    sing N N 377 
THR N   H2   sing N N 378 
THR CA  C    sing N N 379 
THR CA  CB   sing N N 380 
THR CA  HA   sing N N 381 
THR C   O    doub N N 382 
THR C   OXT  sing N N 383 
THR CB  OG1  sing N N 384 
THR CB  CG2  sing N N 385 
THR CB  HB   sing N N 386 
THR OG1 HG1  sing N N 387 
THR CG2 HG21 sing N N 388 
THR CG2 HG22 sing N N 389 
THR CG2 HG23 sing N N 390 
THR OXT HXT  sing N N 391 
TRP N   CA   sing N N 392 
TRP N   H    sing N N 393 
TRP N   H2   sing N N 394 
TRP CA  C    sing N N 395 
TRP CA  CB   sing N N 396 
TRP CA  HA   sing N N 397 
TRP C   O    doub N N 398 
TRP C   OXT  sing N N 399 
TRP CB  CG   sing N N 400 
TRP CB  HB2  sing N N 401 
TRP CB  HB3  sing N N 402 
TRP CG  CD1  doub Y N 403 
TRP CG  CD2  sing Y N 404 
TRP CD1 NE1  sing Y N 405 
TRP CD1 HD1  sing N N 406 
TRP CD2 CE2  doub Y N 407 
TRP CD2 CE3  sing Y N 408 
TRP NE1 CE2  sing Y N 409 
TRP NE1 HE1  sing N N 410 
TRP CE2 CZ2  sing Y N 411 
TRP CE3 CZ3  doub Y N 412 
TRP CE3 HE3  sing N N 413 
TRP CZ2 CH2  doub Y N 414 
TRP CZ2 HZ2  sing N N 415 
TRP CZ3 CH2  sing Y N 416 
TRP CZ3 HZ3  sing N N 417 
TRP CH2 HH2  sing N N 418 
TRP OXT HXT  sing N N 419 
TYR N   CA   sing N N 420 
TYR N   H    sing N N 421 
TYR N   H2   sing N N 422 
TYR CA  C    sing N N 423 
TYR CA  CB   sing N N 424 
TYR CA  HA   sing N N 425 
TYR C   O    doub N N 426 
TYR C   OXT  sing N N 427 
TYR CB  CG   sing N N 428 
TYR CB  HB2  sing N N 429 
TYR CB  HB3  sing N N 430 
TYR CG  CD1  doub Y N 431 
TYR CG  CD2  sing Y N 432 
TYR CD1 CE1  sing Y N 433 
TYR CD1 HD1  sing N N 434 
TYR CD2 CE2  doub Y N 435 
TYR CD2 HD2  sing N N 436 
TYR CE1 CZ   doub Y N 437 
TYR CE1 HE1  sing N N 438 
TYR CE2 CZ   sing Y N 439 
TYR CE2 HE2  sing N N 440 
TYR CZ  OH   sing N N 441 
TYR OH  HH   sing N N 442 
TYR OXT HXT  sing N N 443 
VAL N   CA   sing N N 444 
VAL N   H    sing N N 445 
VAL N   H2   sing N N 446 
VAL CA  C    sing N N 447 
VAL CA  CB   sing N N 448 
VAL CA  HA   sing N N 449 
VAL C   O    doub N N 450 
VAL C   OXT  sing N N 451 
VAL CB  CG1  sing N N 452 
VAL CB  CG2  sing N N 453 
VAL CB  HB   sing N N 454 
VAL CG1 HG11 sing N N 455 
VAL CG1 HG12 sing N N 456 
VAL CG1 HG13 sing N N 457 
VAL CG2 HG21 sing N N 458 
VAL CG2 HG22 sing N N 459 
VAL CG2 HG23 sing N N 460 
VAL OXT HXT  sing N N 461 
# 
_atom_sites.entry_id                    4O1T 
_atom_sites.fract_transf_matrix[1][1]   -0.00937285 
_atom_sites.fract_transf_matrix[1][2]   -0.00273289 
_atom_sites.fract_transf_matrix[1][3]   -0.00878155 
_atom_sites.fract_transf_matrix[2][1]   -0.00039236 
_atom_sites.fract_transf_matrix[2][2]   0.00647775 
_atom_sites.fract_transf_matrix[2][3]   -0.01141525 
_atom_sites.fract_transf_matrix[3][1]   0.00516777 
_atom_sites.fract_transf_matrix[3][2]   -0.00607520 
_atom_sites.fract_transf_matrix[3][3]   -0.00362508 
_atom_sites.fract_transf_vector[1]      0.286856 
_atom_sites.fract_transf_vector[2]      -0.152943 
_atom_sites.fract_transf_vector[3]      0.033170 
# 
loop_
_atom_type.symbol 
C  
FE 
N  
O  
S  
# 
loop_
_atom_site.group_PDB 
_atom_site.id 
_atom_site.type_symbol 
_atom_site.label_atom_id 
_atom_site.label_alt_id 
_atom_site.label_comp_id 
_atom_site.label_asym_id 
_atom_site.label_entity_id 
_atom_site.label_seq_id 
_atom_site.pdbx_PDB_ins_code 
_atom_site.Cartn_x 
_atom_site.Cartn_y 
_atom_site.Cartn_z 
_atom_site.occupancy 
_atom_site.B_iso_or_equiv 
_atom_site.pdbx_formal_charge 
_atom_site.auth_seq_id 
_atom_site.auth_comp_id 
_atom_site.auth_asym_id 
_atom_site.auth_atom_id 
_atom_site.pdbx_PDB_model_num 
ATOM   1    N  N   . ARG A 1 6   ? 10.179  17.612  11.739  1.00 80.72 ? 3   ARG A N   1 
ATOM   2    C  CA  . ARG A 1 6   ? 10.439  16.198  11.972  1.00 61.41 ? 3   ARG A CA  1 
ATOM   3    C  C   . ARG A 1 6   ? 11.649  15.714  11.183  1.00 68.86 ? 3   ARG A C   1 
ATOM   4    O  O   . ARG A 1 6   ? 11.939  16.218  10.098  1.00 73.05 ? 3   ARG A O   1 
ATOM   5    C  CB  . ARG A 1 6   ? 9.212   15.360  11.612  1.00 59.52 ? 3   ARG A CB  1 
ATOM   6    C  CG  . ARG A 1 6   ? 8.890   15.349  10.129  1.00 55.02 ? 3   ARG A CG  1 
ATOM   7    C  CD  . ARG A 1 6   ? 7.889   16.437  9.784   1.00 62.78 ? 3   ARG A CD  1 
ATOM   8    N  NE  . ARG A 1 6   ? 6.511   15.981  9.929   1.00 45.46 ? 3   ARG A NE  1 
ATOM   9    C  CZ  . ARG A 1 6   ? 6.118   15.026  10.766  1.00 59.20 ? 3   ARG A CZ  1 
ATOM   10   N  NH1 . ARG A 1 6   ? 7.000   14.416  11.545  1.00 61.23 ? 3   ARG A NH1 1 
ATOM   11   N  NH2 . ARG A 1 6   ? 4.840   14.680  10.825  1.00 56.02 ? 3   ARG A NH2 1 
ATOM   12   N  N   . PRO A 1 7   ? 12.352  14.733  11.741  1.00 71.15 ? 4   PRO A N   1 
ATOM   13   C  CA  . PRO A 1 7   ? 13.536  14.161  11.098  1.00 61.13 ? 4   PRO A CA  1 
ATOM   14   C  C   . PRO A 1 7   ? 13.212  12.822  10.447  1.00 46.31 ? 4   PRO A C   1 
ATOM   15   O  O   . PRO A 1 7   ? 13.976  12.340  9.610   1.00 44.26 ? 4   PRO A O   1 
ATOM   16   C  CB  . PRO A 1 7   ? 14.490  13.955  12.271  1.00 60.47 ? 4   PRO A CB  1 
ATOM   17   C  CG  . PRO A 1 7   ? 13.590  13.683  13.429  1.00 49.09 ? 4   PRO A CG  1 
ATOM   18   C  CD  . PRO A 1 7   ? 12.295  14.410  13.176  1.00 61.70 ? 4   PRO A CD  1 
ATOM   19   N  N   . GLU A 1 8   ? 12.086  12.233  10.830  1.00 37.44 ? 5   GLU A N   1 
ATOM   20   C  CA  . GLU A 1 8   ? 11.674  10.951  10.270  1.00 48.57 ? 5   GLU A CA  1 
ATOM   21   C  C   . GLU A 1 8   ? 10.983  11.135  8.923   1.00 42.90 ? 5   GLU A C   1 
ATOM   22   O  O   . GLU A 1 8   ? 10.558  10.165  8.295   1.00 34.73 ? 5   GLU A O   1 
ATOM   23   C  CB  . GLU A 1 8   ? 10.748  10.214  11.240  1.00 41.64 ? 5   GLU A CB  1 
ATOM   24   C  CG  . GLU A 1 8   ? 9.354   10.811  11.341  1.00 44.09 ? 5   GLU A CG  1 
ATOM   25   C  CD  . GLU A 1 8   ? 8.489   10.102  12.364  1.00 52.73 ? 5   GLU A CD  1 
ATOM   26   O  OE1 . GLU A 1 8   ? 7.280   10.408  12.437  1.00 58.46 ? 5   GLU A OE1 1 
ATOM   27   O  OE2 . GLU A 1 8   ? 9.018   9.238   13.095  1.00 46.62 ? 5   GLU A OE2 1 
ATOM   28   N  N   . SER A 1 9   ? 10.875  12.385  8.485   1.00 38.16 ? 6   SER A N   1 
ATOM   29   C  CA  A SER A 1 9   ? 10.433  12.648  7.122   0.54 32.99 ? 6   SER A CA  1 
ATOM   30   C  CA  B SER A 1 9   ? 10.431  12.657  7.121   0.46 33.03 ? 6   SER A CA  1 
ATOM   31   C  C   . SER A 1 9   ? 11.541  12.343  6.121   1.00 39.16 ? 6   SER A C   1 
ATOM   32   O  O   . SER A 1 9   ? 11.282  11.835  5.037   1.00 27.46 ? 6   SER A O   1 
ATOM   33   C  CB  A SER A 1 9   ? 9.953   14.095  6.963   0.54 39.34 ? 6   SER A CB  1 
ATOM   34   C  CB  B SER A 1 9   ? 9.985   14.113  6.969   0.46 39.35 ? 6   SER A CB  1 
ATOM   35   O  OG  A SER A 1 9   ? 8.712   14.290  7.632   0.54 37.21 ? 6   SER A OG  1 
ATOM   36   O  OG  B SER A 1 9   ? 11.093  14.992  7.019   0.46 43.18 ? 6   SER A OG  1 
ATOM   37   N  N   . GLU A 1 10  ? 12.782  12.660  6.484   1.00 33.10 ? 7   GLU A N   1 
ATOM   38   C  CA  . GLU A 1 10  ? 13.907  12.335  5.617   1.00 31.76 ? 7   GLU A CA  1 
ATOM   39   C  C   . GLU A 1 10  ? 14.185  10.830  5.666   1.00 26.26 ? 7   GLU A C   1 
ATOM   40   O  O   . GLU A 1 10  ? 14.648  10.245  4.686   1.00 29.66 ? 7   GLU A O   1 
ATOM   41   C  CB  . GLU A 1 10  ? 15.154  13.141  5.999   1.00 48.07 ? 7   GLU A CB  1 
ATOM   42   C  CG  . GLU A 1 10  ? 16.252  13.120  4.943   1.00 53.83 ? 7   GLU A CG  1 
ATOM   43   C  CD  . GLU A 1 10  ? 15.791  13.659  3.594   1.00 61.51 ? 7   GLU A CD  1 
ATOM   44   O  OE1 . GLU A 1 10  ? 16.320  13.202  2.557   1.00 53.30 ? 7   GLU A OE1 1 
ATOM   45   O  OE2 . GLU A 1 10  ? 14.902  14.539  3.569   1.00 49.94 ? 7   GLU A OE2 1 
ATOM   46   N  N   . LEU A 1 11  ? 13.902  10.215  6.810   1.00 28.76 ? 8   LEU A N   1 
ATOM   47   C  CA  . LEU A 1 11  ? 13.995  8.768   6.964   1.00 26.70 ? 8   LEU A CA  1 
ATOM   48   C  C   . LEU A 1 11  ? 13.096  8.110   5.919   1.00 26.50 ? 8   LEU A C   1 
ATOM   49   O  O   . LEU A 1 11  ? 13.498  7.166   5.233   1.00 31.64 ? 8   LEU A O   1 
ATOM   50   C  CB  . LEU A 1 11  ? 13.537  8.361   8.365   1.00 36.64 ? 8   LEU A CB  1 
ATOM   51   C  CG  . LEU A 1 11  ? 14.443  7.507   9.258   1.00 33.21 ? 8   LEU A CG  1 
ATOM   52   C  CD1 . LEU A 1 11  ? 15.899  7.941   9.170   1.00 36.79 ? 8   LEU A CD1 1 
ATOM   53   C  CD2 . LEU A 1 11  ? 13.954  7.535   10.702  1.00 31.45 ? 8   LEU A CD2 1 
ATOM   54   N  N   . ILE A 1 12  ? 11.880  8.629   5.800   1.00 25.05 ? 9   ILE A N   1 
ATOM   55   C  CA  A ILE A 1 12  ? 10.906  8.132   4.829   0.51 18.02 ? 9   ILE A CA  1 
ATOM   56   C  CA  B ILE A 1 12  ? 10.926  8.105   4.833   0.49 18.00 ? 9   ILE A CA  1 
ATOM   57   C  C   . ILE A 1 12  ? 11.391  8.363   3.406   1.00 21.90 ? 9   ILE A C   1 
ATOM   58   O  O   . ILE A 1 12  ? 11.411  7.450   2.587   1.00 20.36 ? 9   ILE A O   1 
ATOM   59   C  CB  A ILE A 1 12  ? 9.536   8.829   4.991   0.51 20.33 ? 9   ILE A CB  1 
ATOM   60   C  CB  B ILE A 1 12  ? 9.516   8.676   5.067   0.49 20.36 ? 9   ILE A CB  1 
ATOM   61   C  CG1 A ILE A 1 12  ? 8.926   8.518   6.360   0.51 21.77 ? 9   ILE A CG1 1 
ATOM   62   C  CG1 B ILE A 1 12  ? 8.935   8.082   6.351   0.49 22.14 ? 9   ILE A CG1 1 
ATOM   63   C  CG2 A ILE A 1 12  ? 8.582   8.413   3.872   0.51 19.94 ? 9   ILE A CG2 1 
ATOM   64   C  CG2 B ILE A 1 12  ? 8.605   8.379   3.878   0.49 19.96 ? 9   ILE A CG2 1 
ATOM   65   C  CD1 A ILE A 1 12  ? 8.346   7.124   6.480   0.51 18.64 ? 9   ILE A CD1 1 
ATOM   66   C  CD1 B ILE A 1 12  ? 7.661   8.739   6.825   0.49 18.16 ? 9   ILE A CD1 1 
ATOM   67   N  N   . ARG A 1 13  ? 11.788  9.597   3.112   1.00 20.72 ? 10  ARG A N   1 
ATOM   68   C  CA  . ARG A 1 13  ? 12.241  9.928   1.761   1.00 22.58 ? 10  ARG A CA  1 
ATOM   69   C  C   . ARG A 1 13  ? 13.427  9.078   1.326   1.00 19.60 ? 10  ARG A C   1 
ATOM   70   O  O   . ARG A 1 13  ? 13.465  8.579   0.196   1.00 21.31 ? 10  ARG A O   1 
ATOM   71   C  CB  . ARG A 1 13  ? 12.577  11.419  1.643   1.00 28.46 ? 10  ARG A CB  1 
ATOM   72   C  CG  A ARG A 1 13  ? 11.400  12.355  1.814   0.60 30.77 ? 10  ARG A CG  1 
ATOM   73   C  CG  B ARG A 1 13  ? 11.377  12.298  1.955   0.40 30.90 ? 10  ARG A CG  1 
ATOM   74   C  CD  A ARG A 1 13  ? 11.833  13.796  1.584   0.60 41.67 ? 10  ARG A CD  1 
ATOM   75   C  CD  B ARG A 1 13  ? 11.560  13.732  1.498   0.40 41.65 ? 10  ARG A CD  1 
ATOM   76   N  NE  A ARG A 1 13  ? 10.848  14.750  2.081   0.60 43.59 ? 10  ARG A NE  1 
ATOM   77   N  NE  B ARG A 1 13  ? 10.312  14.482  1.626   0.40 40.87 ? 10  ARG A NE  1 
ATOM   78   C  CZ  A ARG A 1 13  ? 10.956  15.399  3.234   0.60 36.01 ? 10  ARG A CZ  1 
ATOM   79   C  CZ  B ARG A 1 13  ? 9.284   14.362  0.791   0.40 31.66 ? 10  ARG A CZ  1 
ATOM   80   N  NH1 A ARG A 1 13  ? 12.015  15.207  4.010   0.60 41.94 ? 10  ARG A NH1 1 
ATOM   81   N  NH1 B ARG A 1 13  ? 9.354   13.525  -0.234  0.40 32.21 ? 10  ARG A NH1 1 
ATOM   82   N  NH2 A ARG A 1 13  ? 10.010  16.248  3.607   0.60 44.69 ? 10  ARG A NH2 1 
ATOM   83   N  NH2 B ARG A 1 13  ? 8.186   15.077  0.978   0.40 28.82 ? 10  ARG A NH2 1 
ATOM   84   N  N   . GLN A 1 14  ? 14.388  8.905   2.228   1.00 26.57 ? 11  GLN A N   1 
ATOM   85   C  CA  . GLN A 1 14  ? 15.609  8.178   1.914   1.00 24.82 ? 11  GLN A CA  1 
ATOM   86   C  C   . GLN A 1 14  ? 15.358  6.684   1.751   1.00 25.89 ? 11  GLN A C   1 
ATOM   87   O  O   . GLN A 1 14  ? 15.954  6.046   0.885   1.00 25.92 ? 11  GLN A O   1 
ATOM   88   C  CB  . GLN A 1 14  ? 16.663  8.414   2.993   1.00 34.48 ? 11  GLN A CB  1 
ATOM   89   C  CG  . GLN A 1 14  ? 17.953  7.653   2.759   1.00 43.78 ? 11  GLN A CG  1 
ATOM   90   C  CD  . GLN A 1 14  ? 18.838  7.615   3.990   1.00 61.28 ? 11  GLN A CD  1 
ATOM   91   O  OE1 . GLN A 1 14  ? 18.657  8.400   4.924   1.00 57.89 ? 11  GLN A OE1 1 
ATOM   92   N  NE2 . GLN A 1 14  ? 19.798  6.695   3.999   1.00 58.54 ? 11  GLN A NE2 1 
ATOM   93   N  N   . SER A 1 15  ? 14.482  6.120   2.582   1.00 18.87 ? 12  SER A N   1 
ATOM   94   C  CA  . SER A 1 15  ? 14.183  4.685   2.491   1.00 22.25 ? 12  SER A CA  1 
ATOM   95   C  C   . SER A 1 15  ? 13.294  4.343   1.301   1.00 28.49 ? 12  SER A C   1 
ATOM   96   O  O   . SER A 1 15  ? 13.331  3.224   0.793   1.00 29.88 ? 12  SER A O   1 
ATOM   97   C  CB  . SER A 1 15  ? 13.573  4.146   3.794   1.00 19.21 ? 12  SER A CB  1 
ATOM   98   O  OG  . SER A 1 15  ? 12.390  4.845   4.148   1.00 20.49 ? 12  SER A OG  1 
ATOM   99   N  N   . TRP A 1 16  ? 12.498  5.308   0.856   1.00 19.53 ? 13  TRP A N   1 
ATOM   100  C  CA  . TRP A 1 16  ? 11.628  5.127   -0.304  1.00 17.75 ? 13  TRP A CA  1 
ATOM   101  C  C   . TRP A 1 16  ? 12.406  5.158   -1.621  1.00 23.84 ? 13  TRP A C   1 
ATOM   102  O  O   . TRP A 1 16  ? 12.031  4.502   -2.593  1.00 24.25 ? 13  TRP A O   1 
ATOM   103  C  CB  . TRP A 1 16  ? 10.551  6.204   -0.322  1.00 16.48 ? 13  TRP A CB  1 
ATOM   104  C  CG  . TRP A 1 16  ? 9.527   6.063   -1.410  1.00 18.09 ? 13  TRP A CG  1 
ATOM   105  C  CD1 . TRP A 1 16  ? 9.261   6.955   -2.397  1.00 19.22 ? 13  TRP A CD1 1 
ATOM   106  C  CD2 . TRP A 1 16  ? 8.623   4.965   -1.608  1.00 18.44 ? 13  TRP A CD2 1 
ATOM   107  N  NE1 . TRP A 1 16  ? 8.246   6.495   -3.200  1.00 20.85 ? 13  TRP A NE1 1 
ATOM   108  C  CE2 . TRP A 1 16  ? 7.844   5.269   -2.739  1.00 16.58 ? 13  TRP A CE2 1 
ATOM   109  C  CE3 . TRP A 1 16  ? 8.396   3.762   -0.932  1.00 15.72 ? 13  TRP A CE3 1 
ATOM   110  C  CZ2 . TRP A 1 16  ? 6.847   4.410   -3.217  1.00 22.33 ? 13  TRP A CZ2 1 
ATOM   111  C  CZ3 . TRP A 1 16  ? 7.407   2.902   -1.415  1.00 18.49 ? 13  TRP A CZ3 1 
ATOM   112  C  CH2 . TRP A 1 16  ? 6.650   3.233   -2.539  1.00 15.19 ? 13  TRP A CH2 1 
ATOM   113  N  N   . ARG A 1 17  ? 13.495  5.919   -1.647  1.00 26.62 ? 14  ARG A N   1 
ATOM   114  C  CA  A ARG A 1 17  ? 14.287  6.092   -2.859  0.50 26.58 ? 14  ARG A CA  1 
ATOM   115  C  CA  B ARG A 1 17  ? 14.279  6.086   -2.866  0.50 26.55 ? 14  ARG A CA  1 
ATOM   116  C  C   . ARG A 1 17  ? 14.667  4.762   -3.509  1.00 27.01 ? 14  ARG A C   1 
ATOM   117  O  O   . ARG A 1 17  ? 14.487  4.572   -4.713  1.00 28.85 ? 14  ARG A O   1 
ATOM   118  C  CB  A ARG A 1 17  ? 15.556  6.899   -2.559  0.50 33.70 ? 14  ARG A CB  1 
ATOM   119  C  CB  B ARG A 1 17  ? 15.533  6.917   -2.584  0.50 33.71 ? 14  ARG A CB  1 
ATOM   120  C  CG  A ARG A 1 17  ? 16.314  7.325   -3.800  0.50 44.70 ? 14  ARG A CG  1 
ATOM   121  C  CG  B ARG A 1 17  ? 15.247  8.368   -2.251  0.50 34.77 ? 14  ARG A CG  1 
ATOM   122  C  CD  A ARG A 1 17  ? 17.580  8.077   -3.439  0.50 52.89 ? 14  ARG A CD  1 
ATOM   123  C  CD  B ARG A 1 17  ? 16.521  9.117   -1.899  0.50 52.13 ? 14  ARG A CD  1 
ATOM   124  N  NE  A ARG A 1 17  ? 18.001  8.971   -4.514  0.50 67.62 ? 14  ARG A NE  1 
ATOM   125  N  NE  B ARG A 1 17  ? 16.240  10.478  -1.451  0.50 57.69 ? 14  ARG A NE  1 
ATOM   126  C  CZ  A ARG A 1 17  ? 19.122  9.682   -4.497  0.50 71.62 ? 14  ARG A CZ  1 
ATOM   127  C  CZ  B ARG A 1 17  ? 17.166  11.330  -1.026  0.50 67.33 ? 14  ARG A CZ  1 
ATOM   128  N  NH1 A ARG A 1 17  ? 19.945  9.598   -3.461  0.50 66.30 ? 14  ARG A NH1 1 
ATOM   129  N  NH1 B ARG A 1 17  ? 18.440  10.967  -0.988  0.50 66.67 ? 14  ARG A NH1 1 
ATOM   130  N  NH2 A ARG A 1 17  ? 19.421  10.474  -5.519  0.50 67.42 ? 14  ARG A NH2 1 
ATOM   131  N  NH2 B ARG A 1 17  ? 16.818  12.549  -0.636  0.50 69.19 ? 14  ARG A NH2 1 
ATOM   132  N  N   . VAL A 1 18  ? 15.201  3.847   -2.710  1.00 29.54 ? 15  VAL A N   1 
ATOM   133  C  CA  . VAL A 1 18  ? 15.640  2.559   -3.227  1.00 36.88 ? 15  VAL A CA  1 
ATOM   134  C  C   . VAL A 1 18  ? 14.483  1.802   -3.872  1.00 24.45 ? 15  VAL A C   1 
ATOM   135  O  O   . VAL A 1 18  ? 14.542  1.419   -5.040  1.00 28.89 ? 15  VAL A O   1 
ATOM   136  C  CB  . VAL A 1 18  ? 16.244  1.687   -2.112  1.00 48.17 ? 15  VAL A CB  1 
ATOM   137  C  CG1 . VAL A 1 18  ? 16.975  0.494   -2.711  1.00 47.10 ? 15  VAL A CG1 1 
ATOM   138  C  CG2 . VAL A 1 18  ? 17.166  2.516   -1.219  1.00 45.40 ? 15  VAL A CG2 1 
ATOM   139  N  N   . VAL A 1 19  ? 13.413  1.611   -3.116  1.00 25.54 ? 16  VAL A N   1 
ATOM   140  C  CA  A VAL A 1 19  ? 12.289  0.832   -3.617  0.53 20.21 ? 16  VAL A CA  1 
ATOM   141  C  CA  B VAL A 1 19  ? 12.268  0.845   -3.592  0.47 20.21 ? 16  VAL A CA  1 
ATOM   142  C  C   . VAL A 1 19  ? 11.543  1.540   -4.746  1.00 21.53 ? 16  VAL A C   1 
ATOM   143  O  O   . VAL A 1 19  ? 10.992  0.892   -5.633  1.00 21.59 ? 16  VAL A O   1 
ATOM   144  C  CB  A VAL A 1 19  ? 11.313  0.455   -2.490  0.53 21.97 ? 16  VAL A CB  1 
ATOM   145  C  CB  B VAL A 1 19  ? 11.286  0.523   -2.432  0.47 21.91 ? 16  VAL A CB  1 
ATOM   146  C  CG1 A VAL A 1 19  ? 12.060  -0.255  -1.362  0.53 15.87 ? 16  VAL A CG1 1 
ATOM   147  C  CG1 B VAL A 1 19  ? 11.470  1.496   -1.282  0.47 25.70 ? 16  VAL A CG1 1 
ATOM   148  C  CG2 A VAL A 1 19  ? 10.591  1.681   -1.983  0.53 23.22 ? 16  VAL A CG2 1 
ATOM   149  C  CG2 B VAL A 1 19  ? 9.839   0.512   -2.912  0.47 12.54 ? 16  VAL A CG2 1 
ATOM   150  N  N   . SER A 1 20  ? 11.546  2.868   -4.740  1.00 19.49 ? 17  SER A N   1 
ATOM   151  C  CA  . SER A 1 20  ? 10.747  3.582   -5.737  1.00 18.00 ? 17  SER A CA  1 
ATOM   152  C  C   . SER A 1 20  ? 11.293  3.493   -7.158  1.00 17.12 ? 17  SER A C   1 
ATOM   153  O  O   . SER A 1 20  ? 10.576  3.792   -8.109  1.00 20.64 ? 17  SER A O   1 
ATOM   154  C  CB  . SER A 1 20  ? 10.525  5.045   -5.333  1.00 22.42 ? 17  SER A CB  1 
ATOM   155  O  OG  . SER A 1 20  ? 11.674  5.822   -5.598  1.00 26.08 ? 17  SER A OG  1 
ATOM   156  N  N   . ARG A 1 21  ? 12.544  3.070   -7.318  1.00 20.33 ? 18  ARG A N   1 
ATOM   157  C  CA  A ARG A 1 21  ? 13.093  2.971   -8.673  0.31 26.80 ? 18  ARG A CA  1 
ATOM   158  C  CA  B ARG A 1 21  ? 13.157  2.938   -8.638  0.69 26.82 ? 18  ARG A CA  1 
ATOM   159  C  C   . ARG A 1 21  ? 12.632  1.722   -9.411  1.00 29.82 ? 18  ARG A C   1 
ATOM   160  O  O   . ARG A 1 21  ? 12.621  1.705   -10.637 1.00 25.86 ? 18  ARG A O   1 
ATOM   161  C  CB  A ARG A 1 21  ? 14.621  3.088   -8.686  0.31 32.30 ? 18  ARG A CB  1 
ATOM   162  C  CB  B ARG A 1 21  ? 14.681  2.845   -8.516  0.69 30.93 ? 18  ARG A CB  1 
ATOM   163  C  CG  A ARG A 1 21  ? 15.337  2.281   -7.632  0.31 33.82 ? 18  ARG A CG  1 
ATOM   164  C  CG  B ARG A 1 21  ? 15.319  4.016   -7.774  0.69 35.41 ? 18  ARG A CG  1 
ATOM   165  C  CD  A ARG A 1 21  ? 16.507  3.074   -7.069  0.31 45.90 ? 18  ARG A CD  1 
ATOM   166  C  CD  B ARG A 1 21  ? 16.843  3.955   -7.847  0.69 49.94 ? 18  ARG A CD  1 
ATOM   167  N  NE  A ARG A 1 21  ? 16.678  4.359   -7.748  0.31 49.99 ? 18  ARG A NE  1 
ATOM   168  N  NE  B ARG A 1 21  ? 17.474  4.943   -6.975  0.69 57.43 ? 18  ARG A NE  1 
ATOM   169  C  CZ  A ARG A 1 21  ? 16.008  5.467   -7.441  0.31 54.66 ? 18  ARG A CZ  1 
ATOM   170  C  CZ  B ARG A 1 21  ? 18.283  4.635   -5.964  0.69 57.26 ? 18  ARG A CZ  1 
ATOM   171  N  NH1 A ARG A 1 21  ? 16.231  6.589   -8.114  0.31 64.33 ? 18  ARG A NH1 1 
ATOM   172  N  NH1 B ARG A 1 21  ? 18.814  5.598   -5.221  0.69 59.69 ? 18  ARG A NH1 1 
ATOM   173  N  NH2 A ARG A 1 21  ? 15.108  5.451   -6.469  0.31 43.74 ? 18  ARG A NH2 1 
ATOM   174  N  NH2 B ARG A 1 21  ? 18.566  3.367   -5.699  0.69 52.49 ? 18  ARG A NH2 1 
ATOM   175  N  N   . SER A 1 22  ? 12.228  0.692   -8.674  1.00 21.33 ? 19  SER A N   1 
ATOM   176  C  CA  A SER A 1 22  ? 11.667  -0.512  -9.283  0.46 16.15 ? 19  SER A CA  1 
ATOM   177  C  CA  B SER A 1 22  ? 11.659  -0.505  -9.294  0.54 16.13 ? 19  SER A CA  1 
ATOM   178  C  C   . SER A 1 22  ? 10.333  -0.832  -8.615  1.00 16.25 ? 19  SER A C   1 
ATOM   179  O  O   . SER A 1 22  ? 10.216  -1.830  -7.883  1.00 15.13 ? 19  SER A O   1 
ATOM   180  C  CB  A SER A 1 22  ? 12.629  -1.688  -9.133  0.46 17.42 ? 19  SER A CB  1 
ATOM   181  C  CB  B SER A 1 22  ? 12.632  -1.689  -9.229  0.54 17.42 ? 19  SER A CB  1 
ATOM   182  O  OG  A SER A 1 22  ? 13.903  -1.368  -9.656  0.46 22.65 ? 19  SER A OG  1 
ATOM   183  O  OG  B SER A 1 22  ? 13.146  -1.881  -7.923  0.54 20.26 ? 19  SER A OG  1 
ATOM   184  N  N   . PRO A 1 23  ? 9.325   0.017   -8.849  1.00 15.41 ? 20  PRO A N   1 
ATOM   185  C  CA  . PRO A 1 23  ? 8.089   -0.101  -8.075  1.00 15.01 ? 20  PRO A CA  1 
ATOM   186  C  C   . PRO A 1 23  ? 7.317   -1.381  -8.341  1.00 11.76 ? 20  PRO A C   1 
ATOM   187  O  O   . PRO A 1 23  ? 6.707   -1.894  -7.394  1.00 10.98 ? 20  PRO A O   1 
ATOM   188  C  CB  . PRO A 1 23  ? 7.272   1.132   -8.500  1.00 17.88 ? 20  PRO A CB  1 
ATOM   189  C  CG  . PRO A 1 23  ? 7.844   1.544   -9.813  1.00 22.60 ? 20  PRO A CG  1 
ATOM   190  C  CD  . PRO A 1 23  ? 9.295   1.178   -9.764  1.00 19.79 ? 20  PRO A CD  1 
ATOM   191  N  N   . LEU A 1 24  ? 7.327   -1.889  -9.567  1.00 11.10 ? 21  LEU A N   1 
ATOM   192  C  CA  . LEU A 1 24  ? 6.578   -3.124  -9.815  1.00 10.58 ? 21  LEU A CA  1 
ATOM   193  C  C   . LEU A 1 24  ? 7.236   -4.301  -9.119  1.00 9.18  ? 21  LEU A C   1 
ATOM   194  O  O   . LEU A 1 24  ? 6.550   -5.121  -8.509  1.00 9.62  ? 21  LEU A O   1 
ATOM   195  C  CB  . LEU A 1 24  ? 6.399   -3.423  -11.309 1.00 11.09 ? 21  LEU A CB  1 
ATOM   196  C  CG  . LEU A 1 24  ? 5.617   -4.718  -11.569 1.00 13.34 ? 21  LEU A CG  1 
ATOM   197  C  CD1 . LEU A 1 24  ? 4.208   -4.602  -10.988 1.00 15.34 ? 21  LEU A CD1 1 
ATOM   198  C  CD2 . LEU A 1 24  ? 5.570   -5.072  -13.064 1.00 13.56 ? 21  LEU A CD2 1 
ATOM   199  N  N   . GLU A 1 25  ? 8.558   -4.416  -9.214  1.00 10.92 ? 22  GLU A N   1 
ATOM   200  C  CA  . GLU A 1 25  ? 9.258   -5.508  -8.527  1.00 9.93  ? 22  GLU A CA  1 
ATOM   201  C  C   . GLU A 1 25  ? 8.990   -5.464  -7.026  1.00 10.42 ? 22  GLU A C   1 
ATOM   202  O  O   . GLU A 1 25  ? 8.716   -6.494  -6.389  1.00 11.85 ? 22  GLU A O   1 
ATOM   203  C  CB  . GLU A 1 25  ? 10.760  -5.427  -8.852  1.00 13.37 ? 22  GLU A CB  1 
ATOM   204  C  CG  A GLU A 1 25  ? 11.065  -5.787  -10.296 0.56 14.71 ? 22  GLU A CG  1 
ATOM   205  C  CG  B GLU A 1 25  ? 11.698  -6.087  -7.874  0.44 15.28 ? 22  GLU A CG  1 
ATOM   206  C  CD  A GLU A 1 25  ? 12.485  -5.460  -10.700 0.56 18.88 ? 22  GLU A CD  1 
ATOM   207  C  CD  B GLU A 1 25  ? 13.128  -5.594  -8.049  0.44 18.38 ? 22  GLU A CD  1 
ATOM   208  O  OE1 A GLU A 1 25  ? 13.379  -5.576  -9.848  0.56 17.02 ? 22  GLU A OE1 1 
ATOM   209  O  OE1 B GLU A 1 25  ? 13.823  -5.397  -7.034  0.44 14.03 ? 22  GLU A OE1 1 
ATOM   210  O  OE2 A GLU A 1 25  ? 12.700  -5.087  -11.876 0.56 19.98 ? 22  GLU A OE2 1 
ATOM   211  O  OE2 B GLU A 1 25  ? 13.550  -5.395  -9.208  0.44 20.36 ? 22  GLU A OE2 1 
ATOM   212  N  N   . HIS A 1 26  ? 9.034   -4.266  -6.447  1.00 9.92  ? 23  HIS A N   1 
ATOM   213  C  CA  . HIS A 1 26  ? 8.839   -4.164  -5.011  1.00 9.40  ? 23  HIS A CA  1 
ATOM   214  C  C   . HIS A 1 26  ? 7.374   -4.338  -4.616  1.00 7.04  ? 23  HIS A C   1 
ATOM   215  O  O   . HIS A 1 26  ? 7.077   -5.000  -3.619  1.00 8.59  ? 23  HIS A O   1 
ATOM   216  C  CB  . HIS A 1 26  ? 9.437   -2.854  -4.483  1.00 11.12 ? 23  HIS A CB  1 
ATOM   217  C  CG  . HIS A 1 26  ? 10.927  -2.880  -4.421  1.00 12.04 ? 23  HIS A CG  1 
ATOM   218  N  ND1 . HIS A 1 26  ? 11.729  -2.368  -5.418  1.00 17.59 ? 23  HIS A ND1 1 
ATOM   219  C  CD2 . HIS A 1 26  ? 11.764  -3.410  -3.498  1.00 17.54 ? 23  HIS A CD2 1 
ATOM   220  C  CE1 . HIS A 1 26  ? 12.998  -2.544  -5.089  1.00 14.97 ? 23  HIS A CE1 1 
ATOM   221  N  NE2 . HIS A 1 26  ? 13.047  -3.178  -3.933  1.00 23.14 ? 23  HIS A NE2 1 
ATOM   222  N  N   . GLY A 1 27  ? 6.464   -3.767  -5.401  1.00 8.74  ? 24  GLY A N   1 
ATOM   223  C  CA  . GLY A 1 27  ? 5.047   -3.951  -5.132  1.00 7.16  ? 24  GLY A CA  1 
ATOM   224  C  C   . GLY A 1 27  ? 4.610   -5.407  -5.281  1.00 6.73  ? 24  GLY A C   1 
ATOM   225  O  O   . GLY A 1 27  ? 3.670   -5.849  -4.628  1.00 8.96  ? 24  GLY A O   1 
ATOM   226  N  N   . THR A 1 28  ? 5.278   -6.140  -6.167  1.00 7.44  ? 25  THR A N   1 
ATOM   227  C  CA  . THR A 1 28  ? 5.040   -7.579  -6.290  1.00 6.38  ? 25  THR A CA  1 
ATOM   228  C  C   . THR A 1 28  ? 5.356   -8.309  -4.980  1.00 6.39  ? 25  THR A C   1 
ATOM   229  O  O   . THR A 1 28  ? 4.602   -9.188  -4.550  1.00 9.19  ? 25  THR A O   1 
ATOM   230  C  CB  . THR A 1 28  ? 5.884   -8.146  -7.444  1.00 6.77  ? 25  THR A CB  1 
ATOM   231  O  OG1 . THR A 1 28  ? 5.355   -7.629  -8.663  1.00 9.70  ? 25  THR A OG1 1 
ATOM   232  C  CG2 . THR A 1 28  ? 5.814   -9.686  -7.499  1.00 9.46  ? 25  THR A CG2 1 
ATOM   233  N  N   . VAL A 1 29  ? 6.452   -7.936  -4.328  1.00 7.80  ? 26  VAL A N   1 
ATOM   234  C  CA  . VAL A 1 29  ? 6.765   -8.497  -3.015  1.00 7.30  ? 26  VAL A CA  1 
ATOM   235  C  C   . VAL A 1 29  ? 5.645   -8.172  -2.033  1.00 6.61  ? 26  VAL A C   1 
ATOM   236  O  O   . VAL A 1 29  ? 5.216   -9.033  -1.256  1.00 8.82  ? 26  VAL A O   1 
ATOM   237  C  CB  . VAL A 1 29  ? 8.075   -7.911  -2.470  1.00 7.03  ? 26  VAL A CB  1 
ATOM   238  C  CG1 . VAL A 1 29  ? 8.319   -8.383  -1.043  1.00 9.39  ? 26  VAL A CG1 1 
ATOM   239  C  CG2 . VAL A 1 29  ? 9.244   -8.313  -3.368  1.00 10.28 ? 26  VAL A CG2 1 
ATOM   240  N  N   . LEU A 1 30  ? 5.174   -6.920  -2.050  1.00 6.44  ? 27  LEU A N   1 
ATOM   241  C  CA  . LEU A 1 30  ? 4.117   -6.504  -1.129  1.00 7.10  ? 27  LEU A CA  1 
ATOM   242  C  C   . LEU A 1 30  ? 2.878   -7.381  -1.311  1.00 7.27  ? 27  LEU A C   1 
ATOM   243  O  O   . LEU A 1 30  ? 2.341   -7.913  -0.333  1.00 6.76  ? 27  LEU A O   1 
ATOM   244  C  CB  . LEU A 1 30  ? 3.773   -5.011  -1.337  1.00 6.45  ? 27  LEU A CB  1 
ATOM   245  C  CG  . LEU A 1 30  ? 2.891   -4.305  -0.301  1.00 7.16  ? 27  LEU A CG  1 
ATOM   246  C  CD1 . LEU A 1 30  ? 3.051   -2.773  -0.436  1.00 9.92  ? 27  LEU A CD1 1 
ATOM   247  C  CD2 . LEU A 1 30  ? 1.412   -4.703  -0.424  1.00 10.10 ? 27  LEU A CD2 1 
ATOM   248  N  N   . PHE A 1 31  ? 2.440   -7.573  -2.553  1.00 6.11  ? 28  PHE A N   1 
ATOM   249  C  CA  . PHE A 1 31  ? 1.218   -8.355  -2.774  1.00 6.58  ? 28  PHE A CA  1 
ATOM   250  C  C   . PHE A 1 31  ? 1.387   -9.850  -2.585  1.00 6.84  ? 28  PHE A C   1 
ATOM   251  O  O   . PHE A 1 31  ? 0.442   -10.535 -2.159  1.00 8.11  ? 28  PHE A O   1 
ATOM   252  C  CB  . PHE A 1 31  ? 0.526   -7.999  -4.106  1.00 7.96  ? 28  PHE A CB  1 
ATOM   253  C  CG  . PHE A 1 31  ? -0.294  -6.769  -3.987  1.00 7.49  ? 28  PHE A CG  1 
ATOM   254  C  CD1 . PHE A 1 31  ? -1.607  -6.846  -3.559  1.00 9.01  ? 28  PHE A CD1 1 
ATOM   255  C  CD2 . PHE A 1 31  ? 0.282   -5.519  -4.182  1.00 9.05  ? 28  PHE A CD2 1 
ATOM   256  C  CE1 . PHE A 1 31  ? -2.372  -5.685  -3.402  1.00 10.73 ? 28  PHE A CE1 1 
ATOM   257  C  CE2 . PHE A 1 31  ? -0.472  -4.353  -4.016  1.00 9.79  ? 28  PHE A CE2 1 
ATOM   258  C  CZ  . PHE A 1 31  ? -1.797  -4.442  -3.619  1.00 10.66 ? 28  PHE A CZ  1 
ATOM   259  N  N   . ALA A 1 32  ? 2.570   -10.371 -2.897  1.00 7.45  ? 29  ALA A N   1 
ATOM   260  C  CA  . ALA A 1 32  ? 2.824   -11.779 -2.610  1.00 7.14  ? 29  ALA A CA  1 
ATOM   261  C  C   . ALA A 1 32  ? 2.753   -12.011 -1.104  1.00 7.58  ? 29  ALA A C   1 
ATOM   262  O  O   . ALA A 1 32  ? 2.182   -12.995 -0.645  1.00 9.05  ? 29  ALA A O   1 
ATOM   263  C  CB  . ALA A 1 32  ? 4.193   -12.181 -3.151  1.00 7.95  ? 29  ALA A CB  1 
ATOM   264  N  N   . ARG A 1 33  ? 3.341   -11.096 -0.341  1.00 6.87  ? 30  ARG A N   1 
ATOM   265  C  CA  . ARG A 1 33  ? 3.268   -11.193 1.103   1.00 8.24  ? 30  ARG A CA  1 
ATOM   266  C  C   . ARG A 1 33  ? 1.826   -11.075 1.588   1.00 7.96  ? 30  ARG A C   1 
ATOM   267  O  O   . ARG A 1 33  ? 1.390   -11.853 2.454   1.00 7.86  ? 30  ARG A O   1 
ATOM   268  C  CB  . ARG A 1 33  ? 4.130   -10.099 1.743   1.00 6.66  ? 30  ARG A CB  1 
ATOM   269  C  CG  . ARG A 1 33  ? 4.058   -10.087 3.258   1.00 5.77  ? 30  ARG A CG  1 
ATOM   270  C  CD  . ARG A 1 33  ? 4.715   -11.343 3.836   1.00 7.71  ? 30  ARG A CD  1 
ATOM   271  N  NE  . ARG A 1 33  ? 4.903   -11.252 5.284   1.00 7.36  ? 30  ARG A NE  1 
ATOM   272  C  CZ  . ARG A 1 33  ? 5.343   -12.269 6.017   1.00 8.02  ? 30  ARG A CZ  1 
ATOM   273  N  NH1 . ARG A 1 33  ? 5.576   -13.440 5.436   1.00 8.40  ? 30  ARG A NH1 1 
ATOM   274  N  NH2 . ARG A 1 33  ? 5.525   -12.119 7.330   1.00 10.16 ? 30  ARG A NH2 1 
ATOM   275  N  N   . LEU A 1 34  ? 1.084   -10.122 1.014   1.00 7.02  ? 31  LEU A N   1 
ATOM   276  C  CA  . LEU A 1 34  ? -0.302  -9.892  1.412   1.00 7.62  ? 31  LEU A CA  1 
ATOM   277  C  C   . LEU A 1 34  ? -1.149  -11.152 1.246   1.00 8.28  ? 31  LEU A C   1 
ATOM   278  O  O   . LEU A 1 34  ? -1.905  -11.502 2.151   1.00 7.16  ? 31  LEU A O   1 
ATOM   279  C  CB  . LEU A 1 34  ? -0.889  -8.734  0.599   1.00 7.49  ? 31  LEU A CB  1 
ATOM   280  C  CG  . LEU A 1 34  ? -2.339  -8.380  0.937   1.00 7.35  ? 31  LEU A CG  1 
ATOM   281  C  CD1 . LEU A 1 34  ? -2.482  -7.913  2.383   1.00 9.75  ? 31  LEU A CD1 1 
ATOM   282  C  CD2 . LEU A 1 34  ? -2.876  -7.302  -0.032  1.00 10.00 ? 31  LEU A CD2 1 
ATOM   283  N  N   . PHE A 1 35  ? -1.019  -11.835 0.109   1.00 7.64  ? 32  PHE A N   1 
ATOM   284  C  CA  . PHE A 1 35  ? -1.843  -13.021 -0.105  1.00 6.18  ? 32  PHE A CA  1 
ATOM   285  C  C   . PHE A 1 35  ? -1.375  -14.203 0.736   1.00 7.70  ? 32  PHE A C   1 
ATOM   286  O  O   . PHE A 1 35  ? -2.182  -15.073 1.055   1.00 10.20 ? 32  PHE A O   1 
ATOM   287  C  CB  . PHE A 1 35  ? -1.877  -13.420 -1.586  1.00 8.23  ? 32  PHE A CB  1 
ATOM   288  C  CG  . PHE A 1 35  ? -2.598  -12.431 -2.462  1.00 7.67  ? 32  PHE A CG  1 
ATOM   289  C  CD1 . PHE A 1 35  ? -3.694  -11.711 -1.995  1.00 8.18  ? 32  PHE A CD1 1 
ATOM   290  C  CD2 . PHE A 1 35  ? -2.161  -12.223 -3.760  1.00 7.70  ? 32  PHE A CD2 1 
ATOM   291  C  CE1 . PHE A 1 35  ? -4.354  -10.792 -2.826  1.00 8.26  ? 32  PHE A CE1 1 
ATOM   292  C  CE2 . PHE A 1 35  ? -2.810  -11.314 -4.594  1.00 7.87  ? 32  PHE A CE2 1 
ATOM   293  C  CZ  . PHE A 1 35  ? -3.902  -10.595 -4.129  1.00 7.84  ? 32  PHE A CZ  1 
ATOM   294  N  N   . ALA A 1 36  ? -0.085  -14.250 1.071   1.00 7.42  ? 33  ALA A N   1 
ATOM   295  C  CA  . ALA A 1 36  ? 0.411   -15.273 1.991   1.00 8.03  ? 33  ALA A CA  1 
ATOM   296  C  C   . ALA A 1 36  ? -0.184  -15.104 3.376   1.00 10.74 ? 33  ALA A C   1 
ATOM   297  O  O   . ALA A 1 36  ? -0.455  -16.105 4.068   1.00 10.53 ? 33  ALA A O   1 
ATOM   298  C  CB  . ALA A 1 36  ? 1.938   -15.239 2.064   1.00 9.89  ? 33  ALA A CB  1 
ATOM   299  N  N   . LEU A 1 37  ? -0.373  -13.852 3.791   1.00 7.27  ? 34  LEU A N   1 
ATOM   300  C  CA  . LEU A 1 37  ? -0.910  -13.563 5.123   1.00 6.13  ? 34  LEU A CA  1 
ATOM   301  C  C   . LEU A 1 37  ? -2.427  -13.650 5.171   1.00 9.89  ? 34  LEU A C   1 
ATOM   302  O  O   . LEU A 1 37  ? -3.007  -14.057 6.186   1.00 10.84 ? 34  LEU A O   1 
ATOM   303  C  CB  . LEU A 1 37  ? -0.504  -12.147 5.564   1.00 8.22  ? 34  LEU A CB  1 
ATOM   304  C  CG  . LEU A 1 37  ? 0.991   -11.938 5.764   1.00 9.03  ? 34  LEU A CG  1 
ATOM   305  C  CD1 . LEU A 1 37  ? 1.289   -10.481 6.119   1.00 9.02  ? 34  LEU A CD1 1 
ATOM   306  C  CD2 . LEU A 1 37  ? 1.508   -12.872 6.853   1.00 11.70 ? 34  LEU A CD2 1 
ATOM   307  N  N   . GLU A 1 38  ? -3.086  -13.237 4.091   1.00 8.89  ? 35  GLU A N   1 
ATOM   308  C  CA  A GLU A 1 38  ? -4.540  -13.161 4.092   0.75 8.32  ? 35  GLU A CA  1 
ATOM   309  C  CA  B GLU A 1 38  ? -4.540  -13.169 4.077   0.25 8.42  ? 35  GLU A CA  1 
ATOM   310  C  C   . GLU A 1 38  ? -5.083  -13.576 2.717   1.00 7.06  ? 35  GLU A C   1 
ATOM   311  O  O   . GLU A 1 38  ? -5.445  -12.734 1.901   1.00 8.26  ? 35  GLU A O   1 
ATOM   312  C  CB  A GLU A 1 38  ? -4.998  -11.741 4.470   0.75 10.56 ? 35  GLU A CB  1 
ATOM   313  C  CB  B GLU A 1 38  ? -5.012  -11.756 4.424   0.25 10.60 ? 35  GLU A CB  1 
ATOM   314  C  CG  A GLU A 1 38  ? -6.511  -11.608 4.722   0.75 11.64 ? 35  GLU A CG  1 
ATOM   315  C  CG  B GLU A 1 38  ? -6.513  -11.661 4.636   0.25 11.66 ? 35  GLU A CG  1 
ATOM   316  C  CD  A GLU A 1 38  ? -6.910  -10.231 5.274   0.75 14.80 ? 35  GLU A CD  1 
ATOM   317  C  CD  B GLU A 1 38  ? -6.972  -12.456 5.840   0.25 13.96 ? 35  GLU A CD  1 
ATOM   318  O  OE1 A GLU A 1 38  ? -6.099  -9.600  5.978   0.75 21.45 ? 35  GLU A OE1 1 
ATOM   319  O  OE1 B GLU A 1 38  ? -6.145  -12.686 6.749   0.25 16.68 ? 35  GLU A OE1 1 
ATOM   320  O  OE2 A GLU A 1 38  ? -8.041  -9.781  5.002   0.75 19.59 ? 35  GLU A OE2 1 
ATOM   321  O  OE2 B GLU A 1 38  ? -8.155  -12.854 5.881   0.25 21.04 ? 35  GLU A OE2 1 
ATOM   322  N  N   . PRO A 1 39  ? -5.143  -14.890 2.459   1.00 8.34  ? 36  PRO A N   1 
ATOM   323  C  CA  . PRO A 1 39  ? -5.580  -15.378 1.151   1.00 7.79  ? 36  PRO A CA  1 
ATOM   324  C  C   . PRO A 1 39  ? -6.990  -14.922 0.777   1.00 8.02  ? 36  PRO A C   1 
ATOM   325  O  O   . PRO A 1 39  ? -7.307  -14.904 -0.414  1.00 8.78  ? 36  PRO A O   1 
ATOM   326  C  CB  . PRO A 1 39  ? -5.576  -16.902 1.321   1.00 13.07 ? 36  PRO A CB  1 
ATOM   327  C  CG  . PRO A 1 39  ? -4.844  -17.195 2.532   1.00 13.32 ? 36  PRO A CG  1 
ATOM   328  C  CD  . PRO A 1 39  ? -4.674  -15.970 3.351   1.00 11.80 ? 36  PRO A CD  1 
ATOM   329  N  N   . SER A 1 40  ? -7.815  -14.571 1.754   1.00 7.61  ? 37  SER A N   1 
ATOM   330  C  CA  . SER A 1 40  ? -9.189  -14.210 1.439   1.00 9.22  ? 37  SER A CA  1 
ATOM   331  C  C   . SER A 1 40  ? -9.294  -12.882 0.701   1.00 8.40  ? 37  SER A C   1 
ATOM   332  O  O   . SER A 1 40  ? -10.380 -12.509 0.252   1.00 12.30 ? 37  SER A O   1 
ATOM   333  C  CB  . SER A 1 40  ? -10.059 -14.199 2.702   1.00 10.41 ? 37  SER A CB  1 
ATOM   334  O  OG  . SER A 1 40  ? -9.576  -13.262 3.656   1.00 12.50 ? 37  SER A OG  1 
ATOM   335  N  N   . LEU A 1 41  ? -8.177  -12.167 0.558   1.00 7.57  ? 38  LEU A N   1 
ATOM   336  C  CA  . LEU A 1 41  ? -8.183  -10.933 -0.231  1.00 8.18  ? 38  LEU A CA  1 
ATOM   337  C  C   . LEU A 1 41  ? -8.099  -11.225 -1.724  1.00 9.52  ? 38  LEU A C   1 
ATOM   338  O  O   . LEU A 1 41  ? -8.449  -10.378 -2.542  1.00 8.80  ? 38  LEU A O   1 
ATOM   339  C  CB  . LEU A 1 41  ? -7.023  -10.026 0.174   1.00 8.72  ? 38  LEU A CB  1 
ATOM   340  C  CG  . LEU A 1 41  ? -7.184  -9.419  1.569   1.00 8.84  ? 38  LEU A CG  1 
ATOM   341  C  CD1 . LEU A 1 41  ? -5.908  -8.739  1.997   1.00 10.66 ? 38  LEU A CD1 1 
ATOM   342  C  CD2 . LEU A 1 41  ? -8.336  -8.421  1.596   1.00 12.13 ? 38  LEU A CD2 1 
ATOM   343  N  N   . LEU A 1 42  ? -7.619  -12.414 -2.090  1.00 8.08  ? 39  LEU A N   1 
ATOM   344  C  CA  . LEU A 1 42  ? -7.420  -12.713 -3.520  1.00 7.11  ? 39  LEU A CA  1 
ATOM   345  C  C   . LEU A 1 42  ? -8.679  -12.543 -4.398  1.00 7.77  ? 39  LEU A C   1 
ATOM   346  O  O   . LEU A 1 42  ? -8.597  -11.972 -5.490  1.00 8.78  ? 39  LEU A O   1 
ATOM   347  C  CB  . LEU A 1 42  ? -6.795  -14.111 -3.692  1.00 7.98  ? 39  LEU A CB  1 
ATOM   348  C  CG  . LEU A 1 42  ? -6.479  -14.546 -5.121  1.00 9.35  ? 39  LEU A CG  1 
ATOM   349  C  CD1 . LEU A 1 42  ? -5.340  -13.713 -5.718  1.00 11.03 ? 39  LEU A CD1 1 
ATOM   350  C  CD2 . LEU A 1 42  ? -6.129  -16.050 -5.134  1.00 11.36 ? 39  LEU A CD2 1 
ATOM   351  N  N   . PRO A 1 43  ? -9.850  -13.006 -3.931  1.00 7.41  ? 40  PRO A N   1 
ATOM   352  C  CA  . PRO A 1 43  ? -11.052 -12.904 -4.773  1.00 9.55  ? 40  PRO A CA  1 
ATOM   353  C  C   . PRO A 1 43  ? -11.568 -11.488 -4.972  1.00 11.16 ? 40  PRO A C   1 
ATOM   354  O  O   . PRO A 1 43  ? -12.469 -11.311 -5.799  1.00 13.79 ? 40  PRO A O   1 
ATOM   355  C  CB  . PRO A 1 43  ? -12.109 -13.686 -3.983  1.00 10.57 ? 40  PRO A CB  1 
ATOM   356  C  CG  . PRO A 1 43  ? -11.363 -14.556 -3.081  1.00 13.40 ? 40  PRO A CG  1 
ATOM   357  C  CD  . PRO A 1 43  ? -10.091 -13.826 -2.725  1.00 9.54  ? 40  PRO A CD  1 
ATOM   358  N  N   . LEU A 1 44  ? -11.058 -10.512 -4.229  1.00 9.44  ? 41  LEU A N   1 
ATOM   359  C  CA  . LEU A 1 44  ? -11.567 -9.138  -4.384  1.00 10.58 ? 41  LEU A CA  1 
ATOM   360  C  C   . LEU A 1 44  ? -11.236 -8.542  -5.757  1.00 12.52 ? 41  LEU A C   1 
ATOM   361  O  O   . LEU A 1 44  ? -11.907 -7.602  -6.234  1.00 16.02 ? 41  LEU A O   1 
ATOM   362  C  CB  . LEU A 1 44  ? -11.077 -8.247  -3.254  1.00 10.28 ? 41  LEU A CB  1 
ATOM   363  C  CG  . LEU A 1 44  ? -11.559 -8.632  -1.862  1.00 11.97 ? 41  LEU A CG  1 
ATOM   364  C  CD1 . LEU A 1 44  ? -11.096 -7.605  -0.838  1.00 15.08 ? 41  LEU A CD1 1 
ATOM   365  C  CD2 . LEU A 1 44  ? -13.082 -8.774  -1.832  1.00 14.14 ? 41  LEU A CD2 1 
ATOM   366  N  N   . PHE A 1 45  ? -10.214 -9.080  -6.410  1.00 10.81 ? 42  PHE A N   1 
ATOM   367  C  CA  . PHE A 1 45  ? -9.930  -8.690  -7.780  1.00 14.11 ? 42  PHE A CA  1 
ATOM   368  C  C   . PHE A 1 45  ? -10.917 -9.409  -8.721  1.00 22.35 ? 42  PHE A C   1 
ATOM   369  O  O   . PHE A 1 45  ? -11.167 -10.608 -8.578  1.00 22.75 ? 42  PHE A O   1 
ATOM   370  C  CB  . PHE A 1 45  ? -8.447  -8.916  -8.080  1.00 17.21 ? 42  PHE A CB  1 
ATOM   371  C  CG  . PHE A 1 45  ? -7.548  -8.096  -7.202  1.00 14.19 ? 42  PHE A CG  1 
ATOM   372  C  CD1 . PHE A 1 45  ? -7.232  -6.780  -7.553  1.00 13.02 ? 42  PHE A CD1 1 
ATOM   373  C  CD2 . PHE A 1 45  ? -7.065  -8.593  -5.992  1.00 11.65 ? 42  PHE A CD2 1 
ATOM   374  C  CE1 . PHE A 1 45  ? -6.432  -6.003  -6.731  1.00 11.24 ? 42  PHE A CE1 1 
ATOM   375  C  CE2 . PHE A 1 45  ? -6.276  -7.817  -5.160  1.00 14.66 ? 42  PHE A CE2 1 
ATOM   376  C  CZ  . PHE A 1 45  ? -5.958  -6.504  -5.535  1.00 12.69 ? 42  PHE A CZ  1 
ATOM   377  N  N   . GLN A 1 46  ? -11.527 -8.660  -9.633  1.00 17.87 ? 43  GLN A N   1 
ATOM   378  C  CA  A GLN A 1 46  ? -12.561 -9.236  -10.495 0.48 22.66 ? 43  GLN A CA  1 
ATOM   379  C  CA  B GLN A 1 46  ? -12.605 -9.170  -10.487 0.52 22.76 ? 43  GLN A CA  1 
ATOM   380  C  C   . GLN A 1 46  ? -12.368 -8.930  -11.973 1.00 23.13 ? 43  GLN A C   1 
ATOM   381  O  O   . GLN A 1 46  ? -13.334 -8.754  -12.724 1.00 29.03 ? 43  GLN A O   1 
ATOM   382  C  CB  A GLN A 1 46  ? -13.950 -8.783  -10.041 0.48 27.39 ? 43  GLN A CB  1 
ATOM   383  C  CB  B GLN A 1 46  ? -13.929 -8.464  -10.168 0.52 28.19 ? 43  GLN A CB  1 
ATOM   384  C  CG  A GLN A 1 46  ? -14.450 -9.547  -8.845  0.48 31.75 ? 43  GLN A CG  1 
ATOM   385  C  CG  B GLN A 1 46  ? -14.527 -8.669  -8.799  0.52 28.12 ? 43  GLN A CG  1 
ATOM   386  C  CD  A GLN A 1 46  ? -14.478 -11.036 -9.108  0.48 32.08 ? 43  GLN A CD  1 
ATOM   387  C  CD  B GLN A 1 46  ? -15.888 -7.993  -8.691  0.52 32.83 ? 43  GLN A CD  1 
ATOM   388  O  OE1 A GLN A 1 46  ? -13.851 -11.818 -8.393  0.48 29.20 ? 43  GLN A OE1 1 
ATOM   389  O  OE1 B GLN A 1 46  ? -16.550 -7.746  -9.704  0.52 29.32 ? 43  GLN A OE1 1 
ATOM   390  N  NE2 A GLN A 1 46  ? -15.199 -11.438 -10.148 0.48 33.71 ? 43  GLN A NE2 1 
ATOM   391  N  NE2 B GLN A 1 46  ? -16.305 -7.679  -7.470  0.52 31.12 ? 43  GLN A NE2 1 
ATOM   392  N  N   . TYR A 1 47  ? -11.122 -8.897  -12.407 1.00 17.33 ? 44  TYR A N   1 
ATOM   393  C  CA  . TYR A 1 47  ? -10.842 -8.570  -13.797 1.00 20.15 ? 44  TYR A CA  1 
ATOM   394  C  C   . TYR A 1 47  ? -11.439 -9.586  -14.761 1.00 26.96 ? 44  TYR A C   1 
ATOM   395  O  O   . TYR A 1 47  ? -11.351 -10.786 -14.541 1.00 24.95 ? 44  TYR A O   1 
ATOM   396  C  CB  . TYR A 1 47  ? -9.347  -8.455  -14.009 1.00 21.58 ? 44  TYR A CB  1 
ATOM   397  C  CG  . TYR A 1 47  ? -8.704  -7.522  -13.025 1.00 19.95 ? 44  TYR A CG  1 
ATOM   398  C  CD1 . TYR A 1 47  ? -9.042  -6.172  -13.002 1.00 16.14 ? 44  TYR A CD1 1 
ATOM   399  C  CD2 . TYR A 1 47  ? -7.767  -7.982  -12.113 1.00 15.16 ? 44  TYR A CD2 1 
ATOM   400  C  CE1 . TYR A 1 47  ? -8.456  -5.307  -12.101 1.00 15.36 ? 44  TYR A CE1 1 
ATOM   401  C  CE2 . TYR A 1 47  ? -7.175  -7.125  -11.207 1.00 15.46 ? 44  TYR A CE2 1 
ATOM   402  C  CZ  . TYR A 1 47  ? -7.524  -5.785  -11.209 1.00 16.59 ? 44  TYR A CZ  1 
ATOM   403  O  OH  . TYR A 1 47  ? -6.939  -4.915  -10.326 1.00 13.61 ? 44  TYR A OH  1 
ATOM   404  N  N   . ASN A 1 48  ? -12.052 -9.084  -15.829 1.00 35.33 ? 45  ASN A N   1 
ATOM   405  C  CA  . ASN A 1 48  ? -12.735 -9.935  -16.800 1.00 34.14 ? 45  ASN A CA  1 
ATOM   406  C  C   . ASN A 1 48  ? -13.799 -10.832 -16.166 1.00 33.16 ? 45  ASN A C   1 
ATOM   407  O  O   . ASN A 1 48  ? -14.064 -11.929 -16.654 1.00 42.74 ? 45  ASN A O   1 
ATOM   408  C  CB  . ASN A 1 48  ? -11.726 -10.763 -17.601 1.00 45.66 ? 45  ASN A CB  1 
ATOM   409  C  CG  . ASN A 1 48  ? -10.811 -9.898  -18.453 1.00 57.24 ? 45  ASN A CG  1 
ATOM   410  O  OD1 . ASN A 1 48  ? -11.075 -8.710  -18.654 1.00 59.27 ? 45  ASN A OD1 1 
ATOM   411  N  ND2 . ASN A 1 48  ? -9.737  -10.490 -18.965 1.00 63.13 ? 45  ASN A ND2 1 
ATOM   412  N  N   . GLY A 1 49  ? -14.395 -10.348 -15.079 1.00 29.11 ? 46  GLY A N   1 
ATOM   413  C  CA  . GLY A 1 49  ? -15.498 -11.023 -14.413 1.00 31.54 ? 46  GLY A CA  1 
ATOM   414  C  C   . GLY A 1 49  ? -15.135 -12.354 -13.778 1.00 36.28 ? 46  GLY A C   1 
ATOM   415  O  O   . GLY A 1 49  ? -16.018 -13.161 -13.474 1.00 30.79 ? 46  GLY A O   1 
ATOM   416  N  N   . ARG A 1 50  ? -13.841 -12.580 -13.569 1.00 25.98 ? 47  ARG A N   1 
ATOM   417  C  CA  A ARG A 1 50  ? -13.346 -13.848 -13.041 0.45 21.88 ? 47  ARG A CA  1 
ATOM   418  C  CA  B ARG A 1 50  ? -13.382 -13.846 -13.010 0.55 21.82 ? 47  ARG A CA  1 
ATOM   419  C  C   . ARG A 1 50  ? -12.546 -13.641 -11.757 1.00 17.90 ? 47  ARG A C   1 
ATOM   420  O  O   . ARG A 1 50  ? -11.981 -12.575 -11.540 1.00 17.16 ? 47  ARG A O   1 
ATOM   421  C  CB  A ARG A 1 50  ? -12.457 -14.536 -14.077 0.45 28.20 ? 47  ARG A CB  1 
ATOM   422  C  CB  B ARG A 1 50  ? -12.590 -14.653 -14.042 0.55 28.31 ? 47  ARG A CB  1 
ATOM   423  C  CG  A ARG A 1 50  ? -13.160 -14.884 -15.381 0.45 35.52 ? 47  ARG A CG  1 
ATOM   424  C  CG  B ARG A 1 50  ? -13.441 -15.200 -15.180 0.55 36.01 ? 47  ARG A CG  1 
ATOM   425  C  CD  A ARG A 1 50  ? -12.323 -14.480 -16.586 0.45 41.92 ? 47  ARG A CD  1 
ATOM   426  C  CD  B ARG A 1 50  ? -12.879 -16.509 -15.725 0.55 44.87 ? 47  ARG A CD  1 
ATOM   427  N  NE  A ARG A 1 50  ? -12.769 -15.141 -17.810 0.45 58.24 ? 47  ARG A NE  1 
ATOM   428  N  NE  B ARG A 1 50  ? -11.941 -16.311 -16.828 0.55 53.94 ? 47  ARG A NE  1 
ATOM   429  C  CZ  A ARG A 1 50  ? -13.867 -14.811 -18.485 0.45 61.41 ? 47  ARG A CZ  1 
ATOM   430  C  CZ  B ARG A 1 50  ? -11.368 -17.301 -17.505 0.55 56.66 ? 47  ARG A CZ  1 
ATOM   431  N  NH1 A ARG A 1 50  ? -14.646 -13.830 -18.055 0.45 50.29 ? 47  ARG A NH1 1 
ATOM   432  N  NH1 B ARG A 1 50  ? -11.633 -18.563 -17.193 0.55 61.15 ? 47  ARG A NH1 1 
ATOM   433  N  NH2 A ARG A 1 50  ? -14.190 -15.471 -19.590 0.45 72.34 ? 47  ARG A NH2 1 
ATOM   434  N  NH2 B ARG A 1 50  ? -10.528 -17.032 -18.496 0.55 67.01 ? 47  ARG A NH2 1 
ATOM   435  N  N   . GLN A 1 51  ? -12.493 -14.682 -10.938 1.00 14.05 ? 48  GLN A N   1 
ATOM   436  C  CA  . GLN A 1 51  ? -11.724 -14.700 -9.707  1.00 11.88 ? 48  GLN A CA  1 
ATOM   437  C  C   . GLN A 1 51  ? -10.408 -15.455 -9.940  1.00 9.91  ? 48  GLN A C   1 
ATOM   438  O  O   . GLN A 1 51  ? -10.394 -16.527 -10.554 1.00 14.22 ? 48  GLN A O   1 
ATOM   439  C  CB  . GLN A 1 51  ? -12.566 -15.489 -8.709  1.00 21.91 ? 48  GLN A CB  1 
ATOM   440  C  CG  . GLN A 1 51  ? -12.230 -15.355 -7.280  1.00 25.70 ? 48  GLN A CG  1 
ATOM   441  C  CD  . GLN A 1 51  ? -13.189 -16.162 -6.411  1.00 12.74 ? 48  GLN A CD  1 
ATOM   442  O  OE1 . GLN A 1 51  ? -12.759 -16.950 -5.593  1.00 13.64 ? 48  GLN A OE1 1 
ATOM   443  N  NE2 . GLN A 1 51  ? -14.489 -15.940 -6.580  1.00 15.00 ? 48  GLN A NE2 1 
ATOM   444  N  N   . PHE A 1 52  ? -9.299  -14.930 -9.424  1.00 9.00  ? 49  PHE A N   1 
ATOM   445  C  CA  . PHE A 1 52  ? -8.042  -15.691 -9.437  1.00 7.03  ? 49  PHE A CA  1 
ATOM   446  C  C   . PHE A 1 52  ? -8.145  -16.884 -8.502  1.00 7.53  ? 49  PHE A C   1 
ATOM   447  O  O   . PHE A 1 52  ? -8.605  -16.754 -7.371  1.00 10.42 ? 49  PHE A O   1 
ATOM   448  C  CB  . PHE A 1 52  ? -6.864  -14.836 -8.954  1.00 8.69  ? 49  PHE A CB  1 
ATOM   449  C  CG  . PHE A 1 52  ? -6.583  -13.636 -9.815  1.00 9.13  ? 49  PHE A CG  1 
ATOM   450  C  CD1 . PHE A 1 52  ? -6.326  -13.773 -11.168 1.00 9.77  ? 49  PHE A CD1 1 
ATOM   451  C  CD2 . PHE A 1 52  ? -6.534  -12.374 -9.248  1.00 10.34 ? 49  PHE A CD2 1 
ATOM   452  C  CE1 . PHE A 1 52  ? -6.039  -12.656 -11.957 1.00 10.89 ? 49  PHE A CE1 1 
ATOM   453  C  CE2 . PHE A 1 52  ? -6.250  -11.261 -10.022 1.00 9.74  ? 49  PHE A CE2 1 
ATOM   454  C  CZ  . PHE A 1 52  ? -6.020  -11.395 -11.372 1.00 8.15  ? 49  PHE A CZ  1 
ATOM   455  N  N   . SER A 1 53  ? -7.697  -18.050 -8.958  1.00 7.85  ? 50  SER A N   1 
ATOM   456  C  CA  A SER A 1 53  ? -7.708  -19.233 -8.107  0.65 8.46  ? 50  SER A CA  1 
ATOM   457  C  CA  B SER A 1 53  ? -7.708  -19.240 -8.123  0.35 8.48  ? 50  SER A CA  1 
ATOM   458  C  C   . SER A 1 53  ? -6.583  -19.230 -7.102  1.00 9.68  ? 50  SER A C   1 
ATOM   459  O  O   . SER A 1 53  ? -6.792  -19.521 -5.925  1.00 9.52  ? 50  SER A O   1 
ATOM   460  C  CB  A SER A 1 53  ? -7.619  -20.500 -8.951  0.65 8.44  ? 50  SER A CB  1 
ATOM   461  C  CB  B SER A 1 53  ? -7.578  -20.487 -8.989  0.35 8.45  ? 50  SER A CB  1 
ATOM   462  O  OG  A SER A 1 53  ? -8.857  -20.728 -9.591  0.65 10.86 ? 50  SER A OG  1 
ATOM   463  O  OG  B SER A 1 53  ? -7.555  -21.638 -8.173  0.35 10.78 ? 50  SER A OG  1 
ATOM   464  N  N   . SER A 1 54  ? -5.376  -18.905 -7.566  1.00 9.57  ? 51  SER A N   1 
ATOM   465  C  CA  . SER A 1 54  ? -4.206  -18.930 -6.692  1.00 8.37  ? 51  SER A CA  1 
ATOM   466  C  C   . SER A 1 54  ? -3.469  -17.606 -6.761  1.00 10.45 ? 51  SER A C   1 
ATOM   467  O  O   . SER A 1 54  ? -3.617  -16.861 -7.714  1.00 8.99  ? 51  SER A O   1 
ATOM   468  C  CB  . SER A 1 54  ? -3.237  -20.042 -7.127  1.00 12.43 ? 51  SER A CB  1 
ATOM   469  O  OG  A SER A 1 54  ? -2.710  -19.761 -8.402  0.43 10.00 ? 51  SER A OG  1 
ATOM   470  O  OG  B SER A 1 54  ? -3.854  -21.315 -7.130  0.57 11.43 ? 51  SER A OG  1 
ATOM   471  N  N   . PRO A 1 55  ? -2.645  -17.317 -5.749  1.00 10.53 ? 52  PRO A N   1 
ATOM   472  C  CA  . PRO A 1 55  ? -1.899  -16.054 -5.775  1.00 12.39 ? 52  PRO A CA  1 
ATOM   473  C  C   . PRO A 1 55  ? -1.038  -15.915 -7.022  1.00 10.08 ? 52  PRO A C   1 
ATOM   474  O  O   . PRO A 1 55  ? -0.941  -14.832 -7.596  1.00 12.04 ? 52  PRO A O   1 
ATOM   475  C  CB  . PRO A 1 55  ? -1.034  -16.130 -4.509  1.00 12.03 ? 52  PRO A CB  1 
ATOM   476  C  CG  . PRO A 1 55  ? -1.799  -16.998 -3.597  1.00 14.74 ? 52  PRO A CG  1 
ATOM   477  C  CD  . PRO A 1 55  ? -2.471  -18.038 -4.477  1.00 12.25 ? 52  PRO A CD  1 
ATOM   478  N  N   . GLU A 1 56  ? -0.407  -17.002 -7.468  1.00 10.02 ? 53  GLU A N   1 
ATOM   479  C  CA  . GLU A 1 56  ? 0.409   -16.878 -8.661  1.00 10.81 ? 53  GLU A CA  1 
ATOM   480  C  C   . GLU A 1 56  ? -0.394  -16.479 -9.910  1.00 10.59 ? 53  GLU A C   1 
ATOM   481  O  O   . GLU A 1 56  ? 0.157   -15.867 -10.828 1.00 12.13 ? 53  GLU A O   1 
ATOM   482  C  CB  . GLU A 1 56  ? 1.296   -18.125 -8.882  1.00 10.25 ? 53  GLU A CB  1 
ATOM   483  C  CG  . GLU A 1 56  ? 0.539   -19.427 -9.162  1.00 11.74 ? 53  GLU A CG  1 
ATOM   484  C  CD  . GLU A 1 56  ? 0.228   -20.221 -7.908  1.00 11.05 ? 53  GLU A CD  1 
ATOM   485  O  OE1 . GLU A 1 56  ? 0.171   -19.639 -6.804  1.00 10.70 ? 53  GLU A OE1 1 
ATOM   486  O  OE2 . GLU A 1 56  ? 0.046   -21.456 -8.022  1.00 10.88 ? 53  GLU A OE2 1 
ATOM   487  N  N   . ASP A 1 57  ? -1.698  -16.786 -9.948  1.00 8.31  ? 54  ASP A N   1 
ATOM   488  C  CA  . ASP A 1 57  ? -2.548  -16.337 -11.050 1.00 8.21  ? 54  ASP A CA  1 
ATOM   489  C  C   . ASP A 1 57  ? -2.566  -14.806 -11.143 1.00 8.49  ? 54  ASP A C   1 
ATOM   490  O  O   . ASP A 1 57  ? -2.584  -14.246 -12.242 1.00 9.94  ? 54  ASP A O   1 
ATOM   491  C  CB  . ASP A 1 57  ? -3.990  -16.838 -10.879 1.00 8.71  ? 54  ASP A CB  1 
ATOM   492  C  CG  . ASP A 1 57  ? -4.134  -18.337 -11.052 1.00 10.87 ? 54  ASP A CG  1 
ATOM   493  O  OD1 . ASP A 1 57  ? -3.492  -18.936 -11.935 1.00 13.61 ? 54  ASP A OD1 1 
ATOM   494  O  OD2 . ASP A 1 57  ? -4.947  -18.918 -10.317 1.00 15.29 ? 54  ASP A OD2 1 
ATOM   495  N  N   . SER A 1 58  ? -2.580  -14.120 -9.999  1.00 8.23  ? 55  SER A N   1 
ATOM   496  C  CA  . SER A 1 58  ? -2.655  -12.656 -10.010 1.00 7.66  ? 55  SER A CA  1 
ATOM   497  C  C   . SER A 1 58  ? -1.445  -12.041 -10.708 1.00 8.17  ? 55  SER A C   1 
ATOM   498  O  O   . SER A 1 58  ? -1.562  -11.014 -11.383 1.00 9.01  ? 55  SER A O   1 
ATOM   499  C  CB  . SER A 1 58  ? -2.819  -12.122 -8.574  1.00 9.42  ? 55  SER A CB  1 
ATOM   500  O  OG  . SER A 1 58  ? -1.629  -12.276 -7.816  1.00 8.96  ? 55  SER A OG  1 
ATOM   501  N  N   . LEU A 1 59  ? -0.290  -12.675 -10.545 1.00 9.51  ? 56  LEU A N   1 
ATOM   502  C  CA  . LEU A 1 59  ? 0.955   -12.125 -11.070 1.00 7.83  ? 56  LEU A CA  1 
ATOM   503  C  C   . LEU A 1 59  ? 1.027   -12.218 -12.591 1.00 8.69  ? 56  LEU A C   1 
ATOM   504  O  O   . LEU A 1 59  ? 1.867   -11.577 -13.209 1.00 9.47  ? 56  LEU A O   1 
ATOM   505  C  CB  . LEU A 1 59  ? 2.146   -12.836 -10.421 1.00 9.06  ? 56  LEU A CB  1 
ATOM   506  C  CG  . LEU A 1 59  ? 2.234   -12.633 -8.903  1.00 10.74 ? 56  LEU A CG  1 
ATOM   507  C  CD1 . LEU A 1 59  ? 3.467   -13.320 -8.328  1.00 16.11 ? 56  LEU A CD1 1 
ATOM   508  C  CD2 . LEU A 1 59  ? 2.254   -11.145 -8.545  1.00 15.63 ? 56  LEU A CD2 1 
ATOM   509  N  N   . SER A 1 60  ? 0.125   -12.991 -13.194 1.00 8.65  ? 57  SER A N   1 
ATOM   510  C  CA  A SER A 1 60  ? 0.056   -13.128 -14.647 0.68 10.31 ? 57  SER A CA  1 
ATOM   511  C  CA  B SER A 1 60  ? 0.078   -13.106 -14.647 0.32 10.37 ? 57  SER A CA  1 
ATOM   512  C  C   . SER A 1 60  ? -0.957  -12.177 -15.277 1.00 12.53 ? 57  SER A C   1 
ATOM   513  O  O   . SER A 1 60  ? -1.143  -12.173 -16.498 1.00 17.01 ? 57  SER A O   1 
ATOM   514  C  CB  A SER A 1 60  ? -0.318  -14.567 -15.031 0.68 13.30 ? 57  SER A CB  1 
ATOM   515  C  CB  B SER A 1 60  ? -0.203  -14.553 -15.063 0.32 13.42 ? 57  SER A CB  1 
ATOM   516  O  OG  A SER A 1 60  ? -1.680  -14.838 -14.732 0.68 12.25 ? 57  SER A OG  1 
ATOM   517  O  OG  B SER A 1 60  ? 0.826   -15.041 -15.906 0.32 17.28 ? 57  SER A OG  1 
ATOM   518  N  N   . SER A 1 61  ? -1.631  -11.382 -14.452 1.00 9.70  ? 58  SER A N   1 
ATOM   519  C  CA  . SER A 1 61  ? -2.695  -10.510 -14.937 1.00 10.23 ? 58  SER A CA  1 
ATOM   520  C  C   . SER A 1 61  ? -2.216  -9.086  -15.165 1.00 10.27 ? 58  SER A C   1 
ATOM   521  O  O   . SER A 1 61  ? -1.791  -8.426  -14.223 1.00 9.35  ? 58  SER A O   1 
ATOM   522  C  CB  . SER A 1 61  ? -3.810  -10.491 -13.899 1.00 9.93  ? 58  SER A CB  1 
ATOM   523  O  OG  . SER A 1 61  ? -4.714  -9.417  -14.115 1.00 11.15 ? 58  SER A OG  1 
ATOM   524  N  N   . PRO A 1 62  ? -2.292  -8.593  -16.414 1.00 11.70 ? 59  PRO A N   1 
ATOM   525  C  CA  . PRO A 1 62  ? -1.837  -7.219  -16.654 1.00 11.09 ? 59  PRO A CA  1 
ATOM   526  C  C   . PRO A 1 62  ? -2.575  -6.201  -15.791 1.00 12.74 ? 59  PRO A C   1 
ATOM   527  O  O   . PRO A 1 62  ? -1.959  -5.251  -15.283 1.00 12.70 ? 59  PRO A O   1 
ATOM   528  C  CB  . PRO A 1 62  ? -2.142  -7.010  -18.147 1.00 15.96 ? 59  PRO A CB  1 
ATOM   529  C  CG  . PRO A 1 62  ? -2.067  -8.389  -18.728 1.00 22.95 ? 59  PRO A CG  1 
ATOM   530  C  CD  . PRO A 1 62  ? -2.647  -9.290  -17.665 1.00 16.24 ? 59  PRO A CD  1 
ATOM   531  N  N   . GLU A 1 63  ? -3.872  -6.401  -15.599 1.00 12.43 ? 60  GLU A N   1 
ATOM   532  C  CA  A GLU A 1 63  ? -4.684  -5.509  -14.778 0.54 12.93 ? 60  GLU A CA  1 
ATOM   533  C  CA  B GLU A 1 63  ? -4.659  -5.489  -14.781 0.46 12.92 ? 60  GLU A CA  1 
ATOM   534  C  C   . GLU A 1 63  ? -4.232  -5.525  -13.318 1.00 10.47 ? 60  GLU A C   1 
ATOM   535  O  O   . GLU A 1 63  ? -4.161  -4.484  -12.659 1.00 10.27 ? 60  GLU A O   1 
ATOM   536  C  CB  A GLU A 1 63  ? -6.160  -5.909  -14.867 0.54 15.57 ? 60  GLU A CB  1 
ATOM   537  C  CB  B GLU A 1 63  ? -6.155  -5.773  -14.924 0.46 15.63 ? 60  GLU A CB  1 
ATOM   538  C  CG  A GLU A 1 63  ? -6.697  -6.030  -16.303 0.54 22.02 ? 60  GLU A CG  1 
ATOM   539  C  CG  B GLU A 1 63  ? -6.745  -5.231  -16.223 0.46 16.28 ? 60  GLU A CG  1 
ATOM   540  C  CD  A GLU A 1 63  ? -6.683  -7.461  -16.839 0.54 18.93 ? 60  GLU A CD  1 
ATOM   541  C  CD  B GLU A 1 63  ? -7.871  -6.090  -16.760 0.46 22.21 ? 60  GLU A CD  1 
ATOM   542  O  OE1 A GLU A 1 63  ? -5.598  -8.078  -16.926 0.54 22.18 ? 60  GLU A OE1 1 
ATOM   543  O  OE1 B GLU A 1 63  ? -9.031  -5.860  -16.367 0.46 34.93 ? 60  GLU A OE1 1 
ATOM   544  O  OE2 A GLU A 1 63  ? -7.776  -7.961  -17.190 0.54 37.20 ? 60  GLU A OE2 1 
ATOM   545  O  OE2 B GLU A 1 63  ? -7.597  -6.990  -17.581 0.46 30.91 ? 60  GLU A OE2 1 
ATOM   546  N  N   . PHE A 1 64  ? -3.933  -6.718  -12.803 1.00 9.46  ? 61  PHE A N   1 
ATOM   547  C  CA  . PHE A 1 64  ? -3.474  -6.813  -11.428 1.00 8.34  ? 61  PHE A CA  1 
ATOM   548  C  C   . PHE A 1 64  ? -2.126  -6.114  -11.275 1.00 7.99  ? 61  PHE A C   1 
ATOM   549  O  O   . PHE A 1 64  ? -1.870  -5.415  -10.292 1.00 8.27  ? 61  PHE A O   1 
ATOM   550  C  CB  . PHE A 1 64  ? -3.361  -8.287  -10.994 1.00 7.33  ? 61  PHE A CB  1 
ATOM   551  C  CG  . PHE A 1 64  ? -2.911  -8.458  -9.562  1.00 6.70  ? 61  PHE A CG  1 
ATOM   552  C  CD1 . PHE A 1 64  ? -3.825  -8.370  -8.522  1.00 8.31  ? 61  PHE A CD1 1 
ATOM   553  C  CD2 . PHE A 1 64  ? -1.574  -8.700  -9.265  1.00 6.19  ? 61  PHE A CD2 1 
ATOM   554  C  CE1 . PHE A 1 64  ? -3.419  -8.501  -7.215  1.00 7.82  ? 61  PHE A CE1 1 
ATOM   555  C  CE2 . PHE A 1 64  ? -1.160  -8.838  -7.938  1.00 6.74  ? 61  PHE A CE2 1 
ATOM   556  C  CZ  . PHE A 1 64  ? -2.089  -8.733  -6.919  1.00 8.78  ? 61  PHE A CZ  1 
ATOM   557  N  N   . LEU A 1 65  ? -1.235  -6.316  -12.237 1.00 7.75  ? 62  LEU A N   1 
ATOM   558  C  CA  . LEU A 1 65  ? 0.057   -5.652  -12.182 1.00 6.76  ? 62  LEU A CA  1 
ATOM   559  C  C   . LEU A 1 65  ? -0.092  -4.135  -12.308 1.00 8.02  ? 62  LEU A C   1 
ATOM   560  O  O   . LEU A 1 65  ? 0.635   -3.371  -11.649 1.00 9.19  ? 62  LEU A O   1 
ATOM   561  C  CB  . LEU A 1 65  ? 1.004   -6.207  -13.254 1.00 10.09 ? 62  LEU A CB  1 
ATOM   562  C  CG  . LEU A 1 65  ? 1.303   -7.717  -13.176 1.00 9.14  ? 62  LEU A CG  1 
ATOM   563  C  CD1 . LEU A 1 65  ? 2.183   -8.129  -14.359 1.00 13.18 ? 62  LEU A CD1 1 
ATOM   564  C  CD2 . LEU A 1 65  ? 1.985   -8.076  -11.850 1.00 11.17 ? 62  LEU A CD2 1 
ATOM   565  N  N   . ASP A 1 66  ? -1.062  -3.698  -13.117 1.00 10.04 ? 63  ASP A N   1 
ATOM   566  C  CA  . ASP A 1 66  ? -1.368  -2.264  -13.184 1.00 10.26 ? 63  ASP A CA  1 
ATOM   567  C  C   . ASP A 1 66  ? -1.789  -1.742  -11.818 1.00 10.84 ? 63  ASP A C   1 
ATOM   568  O  O   . ASP A 1 66  ? -1.409  -0.631  -11.432 1.00 11.27 ? 63  ASP A O   1 
ATOM   569  C  CB  . ASP A 1 66  ? -2.481  -1.969  -14.197 1.00 11.07 ? 63  ASP A CB  1 
ATOM   570  C  CG  . ASP A 1 66  ? -2.048  -2.162  -15.643 1.00 19.32 ? 63  ASP A CG  1 
ATOM   571  O  OD1 . ASP A 1 66  ? -0.841  -2.077  -15.938 1.00 20.50 ? 63  ASP A OD1 1 
ATOM   572  O  OD2 . ASP A 1 66  ? -2.942  -2.366  -16.491 1.00 26.14 ? 63  ASP A OD2 1 
ATOM   573  N  N   . HIS A 1 67  ? -2.572  -2.523  -11.080 1.00 8.12  ? 64  HIS A N   1 
ATOM   574  C  CA  . HIS A 1 67  ? -2.976  -2.085  -9.757  1.00 8.26  ? 64  HIS A CA  1 
ATOM   575  C  C   . HIS A 1 67  ? -1.768  -1.969  -8.804  1.00 7.42  ? 64  HIS A C   1 
ATOM   576  O  O   . HIS A 1 67  ? -1.718  -1.076  -7.964  1.00 9.79  ? 64  HIS A O   1 
ATOM   577  C  CB  . HIS A 1 67  ? -4.060  -3.006  -9.197  1.00 9.45  ? 64  HIS A CB  1 
ATOM   578  C  CG  A HIS A 1 67  ? -4.441  -2.675  -7.786  0.57 9.25  ? 64  HIS A CG  1 
ATOM   579  C  CG  B HIS A 1 67  ? -4.467  -2.680  -7.792  0.43 9.27  ? 64  HIS A CG  1 
ATOM   580  N  ND1 A HIS A 1 67  ? -3.866  -3.293  -6.699  0.57 8.41  ? 64  HIS A ND1 1 
ATOM   581  N  ND1 B HIS A 1 67  ? -3.866  -3.254  -6.694  0.43 8.41  ? 64  HIS A ND1 1 
ATOM   582  C  CD2 A HIS A 1 67  ? -5.309  -1.762  -7.287  0.57 8.73  ? 64  HIS A CD2 1 
ATOM   583  C  CD2 B HIS A 1 67  ? -5.415  -1.842  -7.309  0.43 8.83  ? 64  HIS A CD2 1 
ATOM   584  C  CE1 A HIS A 1 67  ? -4.380  -2.793  -5.588  0.57 7.19  ? 64  HIS A CE1 1 
ATOM   585  C  CE1 B HIS A 1 67  ? -4.428  -2.787  -5.593  0.43 7.25  ? 64  HIS A CE1 1 
ATOM   586  N  NE2 A HIS A 1 67  ? -5.259  -1.862  -5.919  0.57 9.10  ? 64  HIS A NE2 1 
ATOM   587  N  NE2 B HIS A 1 67  ? -5.372  -1.928  -5.940  0.43 9.03  ? 64  HIS A NE2 1 
ATOM   588  N  N   . ILE A 1 68  ? -0.783  -2.859  -8.925  1.00 7.26  ? 65  ILE A N   1 
ATOM   589  C  CA  . ILE A 1 68  ? 0.416   -2.706  -8.108  1.00 5.89  ? 65  ILE A CA  1 
ATOM   590  C  C   . ILE A 1 68  ? 1.064   -1.354  -8.375  1.00 8.27  ? 65  ILE A C   1 
ATOM   591  O  O   . ILE A 1 68  ? 1.493   -0.671  -7.441  1.00 9.22  ? 65  ILE A O   1 
ATOM   592  C  CB  . ILE A 1 68  ? 1.464   -3.815  -8.370  1.00 7.01  ? 65  ILE A CB  1 
ATOM   593  C  CG1 . ILE A 1 68  ? 0.892   -5.171  -7.968  1.00 9.58  ? 65  ILE A CG1 1 
ATOM   594  C  CG2 . ILE A 1 68  ? 2.762   -3.522  -7.583  1.00 9.74  ? 65  ILE A CG2 1 
ATOM   595  C  CD1 . ILE A 1 68  ? 1.858   -6.354  -8.165  1.00 9.19  ? 65  ILE A CD1 1 
ATOM   596  N  N   . ARG A 1 69  ? 1.134   -0.975  -9.650  1.00 9.61  ? 66  ARG A N   1 
ATOM   597  C  CA  . ARG A 1 69  ? 1.687   0.342   -9.981  1.00 10.99 ? 66  ARG A CA  1 
ATOM   598  C  C   . ARG A 1 69  ? 0.856   1.477   -9.375  1.00 9.80  ? 66  ARG A C   1 
ATOM   599  O  O   . ARG A 1 69  ? 1.435   2.467   -8.899  1.00 11.20 ? 66  ARG A O   1 
ATOM   600  C  CB  . ARG A 1 69  ? 1.859   0.505   -11.496 1.00 11.64 ? 66  ARG A CB  1 
ATOM   601  C  CG  A ARG A 1 69  ? 2.882   -0.450  -12.095 0.74 12.62 ? 66  ARG A CG  1 
ATOM   602  C  CG  B ARG A 1 69  ? 2.952   -0.374  -12.087 0.26 12.69 ? 66  ARG A CG  1 
ATOM   603  C  CD  A ARG A 1 69  ? 3.064   -0.187  -13.588 0.74 15.03 ? 66  ARG A CD  1 
ATOM   604  C  CD  B ARG A 1 69  ? 3.318   0.083   -13.491 0.26 14.70 ? 66  ARG A CD  1 
ATOM   605  N  NE  A ARG A 1 69  ? 4.009   -1.128  -14.197 0.74 16.65 ? 66  ARG A NE  1 
ATOM   606  N  NE  B ARG A 1 69  ? 4.210   -0.854  -14.171 0.26 17.71 ? 66  ARG A NE  1 
ATOM   607  C  CZ  A ARG A 1 69  ? 5.338   -1.055  -14.079 0.74 14.32 ? 66  ARG A CZ  1 
ATOM   608  C  CZ  B ARG A 1 69  ? 3.797   -1.826  -14.977 0.26 20.69 ? 66  ARG A CZ  1 
ATOM   609  N  NH1 A ARG A 1 69  ? 5.913   -0.093  -13.366 0.74 16.09 ? 66  ARG A NH1 1 
ATOM   610  N  NH1 B ARG A 1 69  ? 4.676   -2.632  -15.558 0.26 18.12 ? 66  ARG A NH1 1 
ATOM   611  N  NH2 A ARG A 1 69  ? 6.102   -1.962  -14.677 0.74 18.05 ? 66  ARG A NH2 1 
ATOM   612  N  NH2 B ARG A 1 69  ? 2.502   -1.993  -15.205 0.26 17.33 ? 66  ARG A NH2 1 
ATOM   613  N  N   . LYS A 1 70  ? -0.470  1.354   -9.395  1.00 9.66  ? 67  LYS A N   1 
ATOM   614  C  CA  . LYS A 1 70  ? -1.351  2.352   -8.750  1.00 8.13  ? 67  LYS A CA  1 
ATOM   615  C  C   . LYS A 1 70  ? -1.036  2.467   -7.263  1.00 11.05 ? 67  LYS A C   1 
ATOM   616  O  O   . LYS A 1 70  ? -0.967  3.565   -6.724  1.00 11.04 ? 67  LYS A O   1 
ATOM   617  C  CB  . LYS A 1 70  ? -2.833  2.000   -8.916  1.00 12.08 ? 67  LYS A CB  1 
ATOM   618  C  CG  . LYS A 1 70  ? -3.290  1.927   -10.351 1.00 12.41 ? 67  LYS A CG  1 
ATOM   619  C  CD  . LYS A 1 70  ? -4.735  1.441   -10.426 1.00 13.45 ? 67  LYS A CD  1 
ATOM   620  C  CE  . LYS A 1 70  ? -5.078  1.072   -11.863 1.00 20.45 ? 67  LYS A CE  1 
ATOM   621  N  NZ  . LYS A 1 70  ? -6.549  0.921   -12.044 1.00 16.83 ? 67  LYS A NZ  1 
ATOM   622  N  N   . VAL A 1 71  ? -0.878  1.328   -6.593  1.00 9.91  ? 68  VAL A N   1 
ATOM   623  C  CA  . VAL A 1 71  ? -0.590  1.321   -5.171  1.00 9.55  ? 68  VAL A CA  1 
ATOM   624  C  C   . VAL A 1 71  ? 0.709   2.049   -4.886  1.00 10.37 ? 68  VAL A C   1 
ATOM   625  O  O   . VAL A 1 71  ? 0.784   2.880   -3.981  1.00 11.68 ? 68  VAL A O   1 
ATOM   626  C  CB  . VAL A 1 71  ? -0.496  -0.131  -4.642  1.00 8.59  ? 68  VAL A CB  1 
ATOM   627  C  CG1 . VAL A 1 71  ? 0.018   -0.146  -3.192  1.00 11.59 ? 68  VAL A CG1 1 
ATOM   628  C  CG2 . VAL A 1 71  ? -1.866  -0.812  -4.722  1.00 9.52  ? 68  VAL A CG2 1 
ATOM   629  N  N   . MET A 1 72  ? 1.741   1.724   -5.654  1.00 10.40 ? 69  MET A N   1 
ATOM   630  C  CA  . MET A 1 72  ? 3.035   2.338   -5.433  1.00 9.91  ? 69  MET A CA  1 
ATOM   631  C  C   . MET A 1 72  ? 2.996   3.844   -5.718  1.00 14.97 ? 69  MET A C   1 
ATOM   632  O  O   . MET A 1 72  ? 3.688   4.605   -5.043  1.00 15.43 ? 69  MET A O   1 
ATOM   633  C  CB  . MET A 1 72  ? 4.108   1.621   -6.249  1.00 11.94 ? 69  MET A CB  1 
ATOM   634  C  CG  . MET A 1 72  ? 4.304   0.148   -5.834  1.00 12.38 ? 69  MET A CG  1 
ATOM   635  S  SD  . MET A 1 72  ? 4.867   -0.127  -4.147  1.00 13.57 ? 69  MET A SD  1 
ATOM   636  C  CE  . MET A 1 72  ? 6.629   0.085   -4.379  1.00 13.34 ? 69  MET A CE  1 
ATOM   637  N  N   . LEU A 1 73  ? 2.180   4.277   -6.679  1.00 12.83 ? 70  LEU A N   1 
ATOM   638  C  CA  A LEU A 1 73  ? 2.048   5.708   -6.970  0.58 13.83 ? 70  LEU A CA  1 
ATOM   639  C  CA  B LEU A 1 73  ? 2.037   5.705   -6.978  0.42 13.86 ? 70  LEU A CA  1 
ATOM   640  C  C   . LEU A 1 73  ? 1.338   6.461   -5.842  1.00 14.92 ? 70  LEU A C   1 
ATOM   641  O  O   . LEU A 1 73  ? 1.675   7.612   -5.554  1.00 15.45 ? 70  LEU A O   1 
ATOM   642  C  CB  A LEU A 1 73  ? 1.329   5.939   -8.302  0.58 16.56 ? 70  LEU A CB  1 
ATOM   643  C  CB  B LEU A 1 73  ? 1.289   5.913   -8.298  0.42 16.61 ? 70  LEU A CB  1 
ATOM   644  C  CG  A LEU A 1 73  ? 2.157   6.374   -9.517  0.58 30.41 ? 70  LEU A CG  1 
ATOM   645  C  CG  B LEU A 1 73  ? 1.232   7.349   -8.826  0.42 17.36 ? 70  LEU A CG  1 
ATOM   646  C  CD1 A LEU A 1 73  ? 3.403   7.160   -9.096  0.58 21.55 ? 70  LEU A CD1 1 
ATOM   647  C  CD1 B LEU A 1 73  ? 2.634   7.840   -9.152  0.42 19.99 ? 70  LEU A CD1 1 
ATOM   648  C  CD2 A LEU A 1 73  ? 2.535   5.183   -10.373 0.58 28.31 ? 70  LEU A CD2 1 
ATOM   649  C  CD2 B LEU A 1 73  ? 0.338   7.439   -10.051 0.42 20.44 ? 70  LEU A CD2 1 
ATOM   650  N  N   . VAL A 1 74  ? 0.364   5.825   -5.191  1.00 11.19 ? 71  VAL A N   1 
ATOM   651  C  CA  . VAL A 1 74  ? -0.303  6.467   -4.056  1.00 10.25 ? 71  VAL A CA  1 
ATOM   652  C  C   . VAL A 1 74  ? 0.678   6.578   -2.881  1.00 16.60 ? 71  VAL A C   1 
ATOM   653  O  O   . VAL A 1 74  ? 0.735   7.601   -2.204  1.00 14.78 ? 71  VAL A O   1 
ATOM   654  C  CB  . VAL A 1 74  ? -1.582  5.713   -3.612  1.00 11.06 ? 71  VAL A CB  1 
ATOM   655  C  CG1 . VAL A 1 74  ? -2.135  6.293   -2.312  1.00 12.95 ? 71  VAL A CG1 1 
ATOM   656  C  CG2 . VAL A 1 74  ? -2.642  5.758   -4.700  1.00 13.09 ? 71  VAL A CG2 1 
ATOM   657  N  N   . ILE A 1 75  ? 1.456   5.531   -2.636  1.00 13.16 ? 72  ILE A N   1 
ATOM   658  C  CA  . ILE A 1 75  ? 2.470   5.632   -1.603  1.00 11.46 ? 72  ILE A CA  1 
ATOM   659  C  C   . ILE A 1 75  ? 3.471   6.735   -1.950  1.00 15.20 ? 72  ILE A C   1 
ATOM   660  O  O   . ILE A 1 75  ? 3.902   7.484   -1.070  1.00 16.85 ? 72  ILE A O   1 
ATOM   661  C  CB  . ILE A 1 75  ? 3.170   4.283   -1.330  1.00 10.93 ? 72  ILE A CB  1 
ATOM   662  C  CG1 . ILE A 1 75  ? 2.135   3.258   -0.859  1.00 14.41 ? 72  ILE A CG1 1 
ATOM   663  C  CG2 . ILE A 1 75  ? 4.273   4.459   -0.291  1.00 14.54 ? 72  ILE A CG2 1 
ATOM   664  C  CD1 . ILE A 1 75  ? 2.680   1.821   -0.826  1.00 15.24 ? 72  ILE A CD1 1 
ATOM   665  N  N   . ASP A 1 76  ? 3.819   6.852   -3.230  1.00 15.26 ? 73  ASP A N   1 
ATOM   666  C  CA  . ASP A 1 76  ? 4.754   7.887   -3.659  1.00 15.37 ? 73  ASP A CA  1 
ATOM   667  C  C   . ASP A 1 76  ? 4.177   9.272   -3.360  1.00 16.39 ? 73  ASP A C   1 
ATOM   668  O  O   . ASP A 1 76  ? 4.919   10.173  -2.968  1.00 21.38 ? 73  ASP A O   1 
ATOM   669  C  CB  . ASP A 1 76  ? 5.097   7.745   -5.152  1.00 16.79 ? 73  ASP A CB  1 
ATOM   670  C  CG  . ASP A 1 76  ? 6.286   8.616   -5.572  1.00 19.99 ? 73  ASP A CG  1 
ATOM   671  O  OD1 . ASP A 1 76  ? 7.408   8.406   -5.064  1.00 24.52 ? 73  ASP A OD1 1 
ATOM   672  O  OD2 . ASP A 1 76  ? 6.101   9.494   -6.436  1.00 32.47 ? 73  ASP A OD2 1 
ATOM   673  N  N   . ALA A 1 77  ? 2.866   9.430   -3.535  1.00 14.34 ? 74  ALA A N   1 
ATOM   674  C  CA  . ALA A 1 77  ? 2.197   10.709  -3.248  1.00 17.10 ? 74  ALA A CA  1 
ATOM   675  C  C   . ALA A 1 77  ? 2.269   11.005  -1.754  1.00 22.32 ? 74  ALA A C   1 
ATOM   676  O  O   . ALA A 1 77  ? 2.501   12.146  -1.349  1.00 20.60 ? 74  ALA A O   1 
ATOM   677  C  CB  . ALA A 1 77  ? 0.754   10.687  -3.712  1.00 19.46 ? 74  ALA A CB  1 
ATOM   678  N  N   . ALA A 1 78  ? 2.073   9.974   -0.935  1.00 15.11 ? 75  ALA A N   1 
ATOM   679  C  CA  . ALA A 1 78  ? 2.176   10.136  0.513   1.00 15.00 ? 75  ALA A CA  1 
ATOM   680  C  C   . ALA A 1 78  ? 3.595   10.547  0.938   1.00 18.68 ? 75  ALA A C   1 
ATOM   681  O  O   . ALA A 1 78  ? 3.773   11.406  1.816   1.00 19.80 ? 75  ALA A O   1 
ATOM   682  C  CB  . ALA A 1 78  ? 1.754   8.848   1.223   1.00 15.84 ? 75  ALA A CB  1 
ATOM   683  N  N   . VAL A 1 79  ? 4.605   9.935   0.323   1.00 16.65 ? 76  VAL A N   1 
ATOM   684  C  CA  . VAL A 1 79  ? 5.997   10.294  0.608   1.00 17.25 ? 76  VAL A CA  1 
ATOM   685  C  C   . VAL A 1 79  ? 6.279   11.735  0.184   1.00 25.83 ? 76  VAL A C   1 
ATOM   686  O  O   . VAL A 1 79  ? 6.869   12.514  0.937   1.00 26.02 ? 76  VAL A O   1 
ATOM   687  C  CB  . VAL A 1 79  ? 6.979   9.337   -0.097  1.00 19.28 ? 76  VAL A CB  1 
ATOM   688  C  CG1 . VAL A 1 79  ? 8.418   9.846   0.012   1.00 21.78 ? 76  VAL A CG1 1 
ATOM   689  C  CG2 . VAL A 1 79  ? 6.853   7.940   0.488   1.00 14.83 ? 76  VAL A CG2 1 
ATOM   690  N  N   . THR A 1 80  ? 5.848   12.086  -1.020  1.00 20.83 ? 77  THR A N   1 
ATOM   691  C  CA  . THR A 1 80  ? 5.982   13.453  -1.530  1.00 30.33 ? 77  THR A CA  1 
ATOM   692  C  C   . THR A 1 80  ? 5.370   14.487  -0.582  1.00 28.72 ? 77  THR A C   1 
ATOM   693  O  O   . THR A 1 80  ? 5.913   15.579  -0.414  1.00 30.84 ? 77  THR A O   1 
ATOM   694  C  CB  . THR A 1 80  ? 5.353   13.590  -2.932  1.00 23.66 ? 77  THR A CB  1 
ATOM   695  O  OG1 . THR A 1 80  ? 6.194   12.939  -3.891  1.00 31.91 ? 77  THR A OG1 1 
ATOM   696  C  CG2 . THR A 1 80  ? 5.200   15.061  -3.314  1.00 33.86 ? 77  THR A CG2 1 
ATOM   697  N  N   . ASN A 1 81  ? 4.257   14.123  0.047   1.00 21.04 ? 78  ASN A N   1 
ATOM   698  C  CA  . ASN A 1 81  ? 3.511   15.010  0.942   1.00 20.91 ? 78  ASN A CA  1 
ATOM   699  C  C   . ASN A 1 81  ? 3.654   14.636  2.417   1.00 18.37 ? 78  ASN A C   1 
ATOM   700  O  O   . ASN A 1 81  ? 2.776   14.934  3.229   1.00 21.02 ? 78  ASN A O   1 
ATOM   701  C  CB  . ASN A 1 81  ? 2.031   14.982  0.577   1.00 25.49 ? 78  ASN A CB  1 
ATOM   702  C  CG  . ASN A 1 81  ? 1.751   15.632  -0.757  1.00 40.32 ? 78  ASN A CG  1 
ATOM   703  O  OD1 . ASN A 1 81  ? 1.576   16.848  -0.835  1.00 35.75 ? 78  ASN A OD1 1 
ATOM   704  N  ND2 . ASN A 1 81  ? 1.704   14.827  -1.820  1.00 31.44 ? 78  ASN A ND2 1 
ATOM   705  N  N   . VAL A 1 82  ? 4.755   13.986  2.759   1.00 20.97 ? 79  VAL A N   1 
ATOM   706  C  CA  . VAL A 1 82  ? 4.925   13.433  4.099   1.00 22.93 ? 79  VAL A CA  1 
ATOM   707  C  C   . VAL A 1 82  ? 4.825   14.495  5.207   1.00 26.86 ? 79  VAL A C   1 
ATOM   708  O  O   . VAL A 1 82  ? 4.346   14.216  6.301   1.00 23.11 ? 79  VAL A O   1 
ATOM   709  C  CB  . VAL A 1 82  ? 6.251   12.647  4.217   1.00 28.64 ? 79  VAL A CB  1 
ATOM   710  C  CG1 . VAL A 1 82  ? 7.444   13.589  4.062   1.00 25.86 ? 79  VAL A CG1 1 
ATOM   711  C  CG2 . VAL A 1 82  ? 6.307   11.888  5.533   1.00 25.12 ? 79  VAL A CG2 1 
ATOM   712  N  N   . GLU A 1 83  ? 5.272   15.709  4.914   1.00 27.01 ? 80  GLU A N   1 
ATOM   713  C  CA  . GLU A 1 83  ? 5.234   16.783  5.904   1.00 30.93 ? 80  GLU A CA  1 
ATOM   714  C  C   . GLU A 1 83  ? 3.869   17.465  5.910   1.00 40.59 ? 80  GLU A C   1 
ATOM   715  O  O   . GLU A 1 83  ? 3.574   18.286  6.781   1.00 34.81 ? 80  GLU A O   1 
ATOM   716  C  CB  . GLU A 1 83  ? 6.344   17.803  5.631   1.00 37.57 ? 80  GLU A CB  1 
ATOM   717  C  CG  . GLU A 1 83  ? 7.720   17.183  5.440   1.00 44.27 ? 80  GLU A CG  1 
ATOM   718  C  CD  . GLU A 1 83  ? 8.763   17.754  6.385   1.00 56.24 ? 80  GLU A CD  1 
ATOM   719  O  OE1 . GLU A 1 83  ? 8.374   18.371  7.400   1.00 61.79 ? 80  GLU A OE1 1 
ATOM   720  O  OE2 . GLU A 1 83  ? 9.974   17.586  6.114   1.00 53.71 ? 80  GLU A OE2 1 
ATOM   721  N  N   A ASP A 1 84  ? 3.032   17.132  4.932   0.54 35.33 ? 81  ASP A N   1 
ATOM   722  N  N   B ASP A 1 84  ? 3.045   17.107  4.931   0.46 35.37 ? 81  ASP A N   1 
ATOM   723  C  CA  A ASP A 1 84  ? 1.711   17.747  4.828   0.54 42.62 ? 81  ASP A CA  1 
ATOM   724  C  CA  B ASP A 1 84  ? 1.674   17.586  4.854   0.46 42.40 ? 81  ASP A CA  1 
ATOM   725  C  C   A ASP A 1 84  ? 0.671   16.823  4.190   0.54 30.13 ? 81  ASP A C   1 
ATOM   726  C  C   B ASP A 1 84  ? 0.738   16.444  5.227   0.46 36.36 ? 81  ASP A C   1 
ATOM   727  O  O   A ASP A 1 84  ? 0.225   17.056  3.069   0.54 22.37 ? 81  ASP A O   1 
ATOM   728  O  O   B ASP A 1 84  ? 0.560   16.134  6.403   0.46 45.06 ? 81  ASP A O   1 
ATOM   729  C  CB  A ASP A 1 84  ? 1.798   19.080  4.072   0.54 45.98 ? 81  ASP A CB  1 
ATOM   730  C  CB  B ASP A 1 84  ? 1.362   18.074  3.437   0.46 44.88 ? 81  ASP A CB  1 
ATOM   731  C  CG  A ASP A 1 84  ? 2.853   19.069  2.974   0.54 49.44 ? 81  ASP A CG  1 
ATOM   732  C  CG  B ASP A 1 84  ? 0.545   19.354  3.424   0.46 49.44 ? 81  ASP A CG  1 
ATOM   733  O  OD1 A ASP A 1 84  ? 2.740   19.882  2.030   0.54 58.81 ? 81  ASP A OD1 1 
ATOM   734  O  OD1 B ASP A 1 84  ? 0.696   20.143  2.468   0.46 51.84 ? 81  ASP A OD1 1 
ATOM   735  O  OD2 A ASP A 1 84  ? 3.793   18.253  3.053   0.54 50.97 ? 81  ASP A OD2 1 
ATOM   736  O  OD2 B ASP A 1 84  ? -0.243  19.574  4.368   0.46 41.81 ? 81  ASP A OD2 1 
ATOM   737  N  N   A LEU A 1 85  ? 0.279   15.780  4.919   0.54 27.64 ? 82  LEU A N   1 
ATOM   738  N  N   B LEU A 1 85  ? 0.159   15.822  4.204   0.46 39.64 ? 82  LEU A N   1 
ATOM   739  C  CA  A LEU A 1 85  ? -0.643  14.779  4.382   0.54 34.21 ? 82  LEU A CA  1 
ATOM   740  C  CA  B LEU A 1 85  ? -0.730  14.668  4.353   0.46 34.09 ? 82  LEU A CA  1 
ATOM   741  C  C   A LEU A 1 85  ? -2.054  15.308  4.151   0.54 32.65 ? 82  LEU A C   1 
ATOM   742  C  C   B LEU A 1 85  ? -2.207  15.049  4.374   0.46 32.06 ? 82  LEU A C   1 
ATOM   743  O  O   A LEU A 1 85  ? -2.682  14.981  3.144   0.54 31.28 ? 82  LEU A O   1 
ATOM   744  O  O   B LEU A 1 85  ? -3.028  14.376  3.755   0.46 19.53 ? 82  LEU A O   1 
ATOM   745  C  CB  A LEU A 1 85  ? -0.697  13.535  5.277   0.54 36.76 ? 82  LEU A CB  1 
ATOM   746  C  CB  B LEU A 1 85  ? -0.369  13.807  5.567   0.46 39.87 ? 82  LEU A CB  1 
ATOM   747  C  CG  A LEU A 1 85  ? 0.438   12.517  5.142   0.54 37.69 ? 82  LEU A CG  1 
ATOM   748  C  CG  B LEU A 1 85  ? 0.577   12.631  5.303   0.46 37.30 ? 82  LEU A CG  1 
ATOM   749  C  CD1 A LEU A 1 85  ? 0.590   12.040  3.700   0.54 32.55 ? 82  LEU A CD1 1 
ATOM   750  C  CD1 B LEU A 1 85  ? 0.629   12.287  3.818   0.46 33.79 ? 82  LEU A CD1 1 
ATOM   751  C  CD2 A LEU A 1 85  ? 1.740   13.098  5.654   0.54 40.00 ? 82  LEU A CD2 1 
ATOM   752  C  CD2 B LEU A 1 85  ? 1.968   12.919  5.833   0.46 41.00 ? 82  LEU A CD2 1 
ATOM   753  N  N   . SER A 1 86  ? -2.551  16.120  5.080   1.00 28.50 ? 83  SER A N   1 
ATOM   754  C  CA  . SER A 1 86  ? -3.922  16.630  5.012   1.00 29.89 ? 83  SER A CA  1 
ATOM   755  C  C   . SER A 1 86  ? -4.285  17.068  3.586   1.00 20.79 ? 83  SER A C   1 
ATOM   756  O  O   . SER A 1 86  ? -5.458  17.062  3.201   1.00 29.10 ? 83  SER A O   1 
ATOM   757  C  CB  . SER A 1 86  ? -4.143  17.774  6.005   1.00 33.97 ? 83  SER A CB  1 
ATOM   758  O  OG  . SER A 1 86  ? -3.344  18.895  5.679   1.00 32.74 ? 83  SER A OG  1 
ATOM   759  N  N   . SER A 1 87  ? -3.270  17.430  2.808   1.00 24.81 ? 84  SER A N   1 
ATOM   760  C  CA  . SER A 1 87  ? -3.450  17.761  1.393   1.00 25.89 ? 84  SER A CA  1 
ATOM   761  C  C   . SER A 1 87  ? -3.977  16.582  0.559   1.00 30.92 ? 84  SER A C   1 
ATOM   762  O  O   . SER A 1 87  ? -4.519  16.777  -0.535  1.00 25.16 ? 84  SER A O   1 
ATOM   763  C  CB  . SER A 1 87  ? -2.127  18.244  0.798   1.00 31.95 ? 84  SER A CB  1 
ATOM   764  O  OG  . SER A 1 87  ? -1.637  19.364  1.513   1.00 47.79 ? 84  SER A OG  1 
ATOM   765  N  N   . LEU A 1 88  ? -3.802  15.363  1.065   1.00 24.41 ? 85  LEU A N   1 
ATOM   766  C  CA  . LEU A 1 88  ? -4.283  14.162  0.373   1.00 20.87 ? 85  LEU A CA  1 
ATOM   767  C  C   . LEU A 1 88  ? -5.558  13.608  0.993   1.00 22.51 ? 85  LEU A C   1 
ATOM   768  O  O   . LEU A 1 88  ? -6.087  12.591  0.538   1.00 20.43 ? 85  LEU A O   1 
ATOM   769  C  CB  . LEU A 1 88  ? -3.214  13.061  0.414   1.00 20.08 ? 85  LEU A CB  1 
ATOM   770  C  CG  . LEU A 1 88  ? -1.901  13.330  -0.313  1.00 21.22 ? 85  LEU A CG  1 
ATOM   771  C  CD1 . LEU A 1 88  ? -0.953  12.155  -0.135  1.00 25.80 ? 85  LEU A CD1 1 
ATOM   772  C  CD2 . LEU A 1 88  ? -2.158  13.578  -1.788  1.00 25.46 ? 85  LEU A CD2 1 
ATOM   773  N  N   . GLU A 1 89  ? -6.059  14.274  2.028   1.00 20.05 ? 86  GLU A N   1 
ATOM   774  C  CA  A GLU A 1 89  ? -7.194  13.781  2.803   0.33 22.72 ? 86  GLU A CA  1 
ATOM   775  C  CA  B GLU A 1 89  ? -7.176  13.735  2.796   0.67 22.66 ? 86  GLU A CA  1 
ATOM   776  C  C   . GLU A 1 89  ? -8.425  13.433  1.966   1.00 21.13 ? 86  GLU A C   1 
ATOM   777  O  O   . GLU A 1 89  ? -8.984  12.349  2.077   1.00 17.11 ? 86  GLU A O   1 
ATOM   778  C  CB  A GLU A 1 89  ? -7.580  14.803  3.874   0.33 26.14 ? 86  GLU A CB  1 
ATOM   779  C  CB  B GLU A 1 89  ? -7.528  14.633  3.988   0.67 25.94 ? 86  GLU A CB  1 
ATOM   780  C  CG  A GLU A 1 89  ? -8.566  14.269  4.879   0.33 29.98 ? 86  GLU A CG  1 
ATOM   781  C  CG  B GLU A 1 89  ? -8.630  14.057  4.863   0.67 29.64 ? 86  GLU A CG  1 
ATOM   782  C  CD  A GLU A 1 89  ? -8.013  13.082  5.630   0.33 29.39 ? 86  GLU A CD  1 
ATOM   783  C  CD  B GLU A 1 89  ? -8.773  14.794  6.182   0.67 39.02 ? 86  GLU A CD  1 
ATOM   784  O  OE1 A GLU A 1 89  ? -8.720  12.060  5.727   0.33 34.89 ? 86  GLU A OE1 1 
ATOM   785  O  OE1 B GLU A 1 89  ? -9.338  15.903  6.183   0.67 35.30 ? 86  GLU A OE1 1 
ATOM   786  O  OE2 A GLU A 1 89  ? -6.866  13.167  6.118   0.33 34.32 ? 86  GLU A OE2 1 
ATOM   787  O  OE2 B GLU A 1 89  ? -8.318  14.261  7.218   0.67 40.93 ? 86  GLU A OE2 1 
ATOM   788  N  N   . GLU A 1 90  ? -8.865  14.369  1.129   1.00 19.92 ? 87  GLU A N   1 
ATOM   789  C  CA  A GLU A 1 90  ? -10.053 14.139  0.324   0.69 18.68 ? 87  GLU A CA  1 
ATOM   790  C  CA  B GLU A 1 90  ? -10.059 14.144  0.311   0.31 18.74 ? 87  GLU A CA  1 
ATOM   791  C  C   . GLU A 1 90  ? -9.852  13.021  -0.699  1.00 13.44 ? 87  GLU A C   1 
ATOM   792  O  O   . GLU A 1 90  ? -10.729 12.171  -0.883  1.00 14.87 ? 87  GLU A O   1 
ATOM   793  C  CB  A GLU A 1 90  ? -10.494 15.432  -0.355  0.69 19.38 ? 87  GLU A CB  1 
ATOM   794  C  CB  B GLU A 1 90  ? -10.483 15.418  -0.420  0.31 19.39 ? 87  GLU A CB  1 
ATOM   795  C  CG  A GLU A 1 90  ? -11.016 16.461  0.633   0.69 22.36 ? 87  GLU A CG  1 
ATOM   796  C  CG  B GLU A 1 90  ? -11.033 16.502  0.485   0.31 22.41 ? 87  GLU A CG  1 
ATOM   797  C  CD  A GLU A 1 90  ? -12.149 15.911  1.487   0.69 28.67 ? 87  GLU A CD  1 
ATOM   798  C  CD  B GLU A 1 90  ? -9.940  17.324  1.116   0.31 23.64 ? 87  GLU A CD  1 
ATOM   799  O  OE1 A GLU A 1 90  ? -12.121 16.106  2.722   0.69 38.77 ? 87  GLU A OE1 1 
ATOM   800  O  OE1 B GLU A 1 90  ? -8.770  17.136  0.726   0.31 17.94 ? 87  GLU A OE1 1 
ATOM   801  O  OE2 A GLU A 1 90  ? -13.070 15.280  0.925   0.69 31.83 ? 87  GLU A OE2 1 
ATOM   802  O  OE2 B GLU A 1 90  ? -10.245 18.156  1.995   0.31 29.32 ? 87  GLU A OE2 1 
ATOM   803  N  N   . TYR A 1 91  ? -8.700  13.023  -1.354  1.00 12.76 ? 88  TYR A N   1 
ATOM   804  C  CA  . TYR A 1 91  ? -8.395  11.947  -2.304  1.00 12.36 ? 88  TYR A CA  1 
ATOM   805  C  C   . TYR A 1 91  ? -8.418  10.581  -1.605  1.00 14.53 ? 88  TYR A C   1 
ATOM   806  O  O   . TYR A 1 91  ? -9.016  9.622   -2.103  1.00 13.49 ? 88  TYR A O   1 
ATOM   807  C  CB  . TYR A 1 91  ? -7.052  12.161  -2.990  1.00 13.64 ? 88  TYR A CB  1 
ATOM   808  C  CG  . TYR A 1 91  ? -6.632  10.940  -3.765  1.00 14.09 ? 88  TYR A CG  1 
ATOM   809  C  CD1 . TYR A 1 91  ? -7.170  10.677  -5.012  1.00 16.50 ? 88  TYR A CD1 1 
ATOM   810  C  CD2 . TYR A 1 91  ? -5.719  10.042  -3.236  1.00 13.15 ? 88  TYR A CD2 1 
ATOM   811  C  CE1 . TYR A 1 91  ? -6.810  9.548   -5.716  1.00 18.55 ? 88  TYR A CE1 1 
ATOM   812  C  CE2 . TYR A 1 91  ? -5.352  8.909   -3.932  1.00 18.13 ? 88  TYR A CE2 1 
ATOM   813  C  CZ  . TYR A 1 91  ? -5.906  8.671   -5.170  1.00 21.98 ? 88  TYR A CZ  1 
ATOM   814  O  OH  . TYR A 1 91  ? -5.559  7.555   -5.894  1.00 21.47 ? 88  TYR A OH  1 
ATOM   815  N  N   . LEU A 1 92  ? -7.776  10.498  -0.443  1.00 14.61 ? 89  LEU A N   1 
ATOM   816  C  CA  . LEU A 1 92  ? -7.711  9.223   0.278   1.00 11.44 ? 89  LEU A CA  1 
ATOM   817  C  C   . LEU A 1 92  ? -9.072  8.785   0.830   1.00 13.46 ? 89  LEU A C   1 
ATOM   818  O  O   . LEU A 1 92  ? -9.392  7.596   0.846   1.00 12.97 ? 89  LEU A O   1 
ATOM   819  C  CB  . LEU A 1 92  ? -6.659  9.283   1.392   1.00 12.44 ? 89  LEU A CB  1 
ATOM   820  C  CG  . LEU A 1 92  ? -5.214  9.378   0.890   1.00 14.09 ? 89  LEU A CG  1 
ATOM   821  C  CD1 . LEU A 1 92  ? -4.245  9.638   2.059   1.00 15.03 ? 89  LEU A CD1 1 
ATOM   822  C  CD2 . LEU A 1 92  ? -4.805  8.125   0.118   1.00 13.70 ? 89  LEU A CD2 1 
ATOM   823  N  N   . THR A 1 93  ? -9.898  9.738   1.257   1.00 13.83 ? 90  THR A N   1 
ATOM   824  C  CA  . THR A 1 93  ? -11.238 9.388   1.697   1.00 14.79 ? 90  THR A CA  1 
ATOM   825  C  C   . THR A 1 93  ? -12.017 8.689   0.588   1.00 12.41 ? 90  THR A C   1 
ATOM   826  O  O   . THR A 1 93  ? -12.694 7.676   0.821   1.00 14.38 ? 90  THR A O   1 
ATOM   827  C  CB  . THR A 1 93  ? -12.009 10.632  2.163   1.00 18.11 ? 90  THR A CB  1 
ATOM   828  O  OG1 . THR A 1 93  ? -11.362 11.168  3.325   1.00 20.60 ? 90  THR A OG1 1 
ATOM   829  C  CG2 . THR A 1 93  ? -13.444 10.266  2.507   1.00 19.61 ? 90  THR A CG2 1 
ATOM   830  N  N   . SER A 1 94  ? -11.932 9.220   -0.631  1.00 12.42 ? 91  SER A N   1 
ATOM   831  C  CA  A SER A 1 94  ? -12.626 8.619   -1.774  0.53 14.59 ? 91  SER A CA  1 
ATOM   832  C  CA  B SER A 1 94  ? -12.648 8.604   -1.742  0.47 14.59 ? 91  SER A CA  1 
ATOM   833  C  C   . SER A 1 94  ? -12.024 7.270   -2.143  1.00 13.53 ? 91  SER A C   1 
ATOM   834  O  O   . SER A 1 94  ? -12.735 6.347   -2.540  1.00 14.42 ? 91  SER A O   1 
ATOM   835  C  CB  A SER A 1 94  ? -12.592 9.542   -2.995  0.53 16.46 ? 91  SER A CB  1 
ATOM   836  C  CB  B SER A 1 94  ? -12.735 9.559   -2.928  0.47 16.94 ? 91  SER A CB  1 
ATOM   837  O  OG  A SER A 1 94  ? -11.281 9.702   -3.504  0.53 28.60 ? 91  SER A OG  1 
ATOM   838  O  OG  B SER A 1 94  ? -13.567 10.665  -2.593  0.47 20.89 ? 91  SER A OG  1 
ATOM   839  N  N   . LEU A 1 95  ? -10.708 7.170   -2.011  1.00 12.12 ? 92  LEU A N   1 
ATOM   840  C  CA  . LEU A 1 95  ? -10.024 5.907   -2.317  1.00 11.02 ? 92  LEU A CA  1 
ATOM   841  C  C   . LEU A 1 95  ? -10.468 4.845   -1.319  1.00 11.38 ? 92  LEU A C   1 
ATOM   842  O  O   . LEU A 1 95  ? -10.710 3.690   -1.678  1.00 12.27 ? 92  LEU A O   1 
ATOM   843  C  CB  . LEU A 1 95  ? -8.511  6.098   -2.269  1.00 12.25 ? 92  LEU A CB  1 
ATOM   844  C  CG  . LEU A 1 95  ? -7.700  4.871   -2.713  1.00 11.64 ? 92  LEU A CG  1 
ATOM   845  C  CD1 . LEU A 1 95  ? -7.938  4.585   -4.212  1.00 14.61 ? 92  LEU A CD1 1 
ATOM   846  C  CD2 . LEU A 1 95  ? -6.233  5.116   -2.443  1.00 13.35 ? 92  LEU A CD2 1 
ATOM   847  N  N   . GLY A 1 96  ? -10.634 5.249   -0.061  1.00 11.19 ? 93  GLY A N   1 
ATOM   848  C  CA  . GLY A 1 96  ? -11.174 4.334   0.931   1.00 14.64 ? 93  GLY A CA  1 
ATOM   849  C  C   . GLY A 1 96  ? -12.589 3.876   0.613   1.00 16.89 ? 93  GLY A C   1 
ATOM   850  O  O   . GLY A 1 96  ? -12.923 2.691   0.692   1.00 15.65 ? 93  GLY A O   1 
ATOM   851  N  N   . ARG A 1 97  ? -13.439 4.830   0.256   1.00 14.39 ? 94  ARG A N   1 
ATOM   852  C  CA  . ARG A 1 97  ? -14.808 4.508   -0.131  1.00 13.68 ? 94  ARG A CA  1 
ATOM   853  C  C   . ARG A 1 97  ? -14.847 3.493   -1.282  1.00 13.19 ? 94  ARG A C   1 
ATOM   854  O  O   . ARG A 1 97  ? -15.612 2.528   -1.237  1.00 15.92 ? 94  ARG A O   1 
ATOM   855  C  CB  . ARG A 1 97  ? -15.560 5.789   -0.504  1.00 16.64 ? 94  ARG A CB  1 
ATOM   856  C  CG  . ARG A 1 97  ? -17.057 5.592   -0.657  1.00 26.19 ? 94  ARG A CG  1 
ATOM   857  C  CD  . ARG A 1 97  ? -17.771 6.910   -0.952  1.00 29.79 ? 94  ARG A CD  1 
ATOM   858  N  NE  . ARG A 1 97  ? -17.617 7.874   0.135   1.00 34.83 ? 94  ARG A NE  1 
ATOM   859  C  CZ  . ARG A 1 97  ? -16.880 8.980   0.065   1.00 36.35 ? 94  ARG A CZ  1 
ATOM   860  N  NH1 . ARG A 1 97  ? -16.223 9.283   -1.050  1.00 34.36 ? 94  ARG A NH1 1 
ATOM   861  N  NH2 . ARG A 1 97  ? -16.803 9.789   1.114   1.00 41.37 ? 94  ARG A NH2 1 
ATOM   862  N  N   . LYS A 1 98  ? -14.015 3.716   -2.299  1.00 13.65 ? 95  LYS A N   1 
ATOM   863  C  CA  . LYS A 1 98  ? -13.890 2.802   -3.431  1.00 14.02 ? 95  LYS A CA  1 
ATOM   864  C  C   . LYS A 1 98  ? -13.523 1.397   -2.962  1.00 13.85 ? 95  LYS A C   1 
ATOM   865  O  O   . LYS A 1 98  ? -14.109 0.405   -3.399  1.00 13.81 ? 95  LYS A O   1 
ATOM   866  C  CB  . LYS A 1 98  ? -12.829 3.317   -4.416  1.00 15.85 ? 95  LYS A CB  1 
ATOM   867  C  CG  . LYS A 1 98  ? -12.423 2.341   -5.521  1.00 17.85 ? 95  LYS A CG  1 
ATOM   868  C  CD  . LYS A 1 98  ? -13.570 2.038   -6.459  1.00 17.89 ? 95  LYS A CD  1 
ATOM   869  C  CE  . LYS A 1 98  ? -13.067 1.270   -7.674  1.00 25.38 ? 95  LYS A CE  1 
ATOM   870  N  NZ  . LYS A 1 98  ? -14.161 0.989   -8.654  1.00 32.70 ? 95  LYS A NZ  1 
ATOM   871  N  N   . HIS A 1 99  ? -12.527 1.313   -2.090  1.00 11.25 ? 96  HIS A N   1 
ATOM   872  C  CA  . HIS A 1 99  ? -12.085 0.000   -1.632  1.00 10.43 ? 96  HIS A CA  1 
ATOM   873  C  C   . HIS A 1 99  ? -13.117 -0.707  -0.759  1.00 9.97  ? 96  HIS A C   1 
ATOM   874  O  O   . HIS A 1 99  ? -13.228 -1.930  -0.789  1.00 14.80 ? 96  HIS A O   1 
ATOM   875  C  CB  . HIS A 1 99  ? -10.724 0.082   -0.943  1.00 12.10 ? 96  HIS A CB  1 
ATOM   876  C  CG  A HIS A 1 99  ? -9.600  0.198   -1.916  0.97 11.53 ? 96  HIS A CG  1 
ATOM   877  C  CG  B HIS A 1 99  ? -9.594  0.402   -1.865  0.03 11.55 ? 96  HIS A CG  1 
ATOM   878  N  ND1 A HIS A 1 99  ? -9.198  1.405   -2.445  0.97 14.01 ? 96  HIS A ND1 1 
ATOM   879  N  ND1 B HIS A 1 99  ? -9.368  1.669   -2.356  0.03 12.95 ? 96  HIS A ND1 1 
ATOM   880  C  CD2 A HIS A 1 99  ? -8.838  -0.749  -2.515  0.97 9.69  ? 96  HIS A CD2 1 
ATOM   881  C  CD2 B HIS A 1 99  ? -8.615  -0.381  -2.379  0.03 10.43 ? 96  HIS A CD2 1 
ATOM   882  C  CE1 A HIS A 1 99  ? -8.223  1.200   -3.311  0.97 12.23 ? 96  HIS A CE1 1 
ATOM   883  C  CE1 B HIS A 1 99  ? -8.304  1.653   -3.138  0.03 11.75 ? 96  HIS A CE1 1 
ATOM   884  N  NE2 A HIS A 1 99  ? -7.985  -0.096  -3.375  0.97 10.33 ? 96  HIS A NE2 1 
ATOM   885  N  NE2 B HIS A 1 99  ? -7.829  0.421   -3.168  0.03 10.88 ? 96  HIS A NE2 1 
ATOM   886  N  N   . ARG A 1 100 ? -13.868 0.062   0.024   1.00 12.79 ? 97  ARG A N   1 
ATOM   887  C  CA  A ARG A 1 100 ? -14.943 -0.526  0.804   0.58 17.31 ? 97  ARG A CA  1 
ATOM   888  C  CA  B ARG A 1 100 ? -14.960 -0.503  0.802   0.42 17.34 ? 97  ARG A CA  1 
ATOM   889  C  C   . ARG A 1 100 ? -15.939 -1.180  -0.156  1.00 14.08 ? 97  ARG A C   1 
ATOM   890  O  O   . ARG A 1 100 ? -16.445 -2.275  0.107   1.00 17.43 ? 97  ARG A O   1 
ATOM   891  C  CB  A ARG A 1 100 ? -15.609 0.545   1.673   0.58 18.22 ? 97  ARG A CB  1 
ATOM   892  C  CB  B ARG A 1 100 ? -15.649 0.609   1.601   0.42 18.26 ? 97  ARG A CB  1 
ATOM   893  C  CG  A ARG A 1 100 ? -16.891 0.107   2.364   0.58 29.84 ? 97  ARG A CG  1 
ATOM   894  C  CG  B ARG A 1 100 ? -17.092 0.329   1.996   0.42 31.97 ? 97  ARG A CG  1 
ATOM   895  C  CD  A ARG A 1 100 ? -17.413 1.217   3.263   0.58 32.63 ? 97  ARG A CD  1 
ATOM   896  C  CD  B ARG A 1 100 ? -17.213 -0.283  3.381   0.42 35.39 ? 97  ARG A CD  1 
ATOM   897  N  NE  A ARG A 1 100 ? -18.871 1.258   3.329   0.58 49.55 ? 97  ARG A NE  1 
ATOM   898  N  NE  B ARG A 1 100 ? -18.469 0.107   4.018   0.42 39.08 ? 97  ARG A NE  1 
ATOM   899  C  CZ  A ARG A 1 100 ? -19.609 2.287   2.919   0.58 54.55 ? 97  ARG A CZ  1 
ATOM   900  C  CZ  B ARG A 1 100 ? -19.054 -0.560  5.008   0.42 51.56 ? 97  ARG A CZ  1 
ATOM   901  N  NH1 A ARG A 1 100 ? -19.028 3.370   2.415   0.58 33.08 ? 97  ARG A NH1 1 
ATOM   902  N  NH1 B ARG A 1 100 ? -18.506 -1.669  5.483   0.42 50.69 ? 97  ARG A NH1 1 
ATOM   903  N  NH2 A ARG A 1 100 ? -20.931 2.235   3.017   0.58 62.50 ? 97  ARG A NH2 1 
ATOM   904  N  NH2 B ARG A 1 100 ? -20.195 -0.117  5.518   0.42 54.24 ? 97  ARG A NH2 1 
ATOM   905  N  N   . ALA A 1 101 ? -16.191 -0.524  -1.284  1.00 14.08 ? 98  ALA A N   1 
ATOM   906  C  CA  . ALA A 1 101 ? -17.129 -1.027  -2.275  1.00 19.21 ? 98  ALA A CA  1 
ATOM   907  C  C   . ALA A 1 101 ? -16.590 -2.292  -2.957  1.00 19.70 ? 98  ALA A C   1 
ATOM   908  O  O   . ALA A 1 101 ? -17.352 -3.197  -3.294  1.00 22.74 ? 98  ALA A O   1 
ATOM   909  C  CB  . ALA A 1 101 ? -17.428 0.053   -3.301  1.00 17.28 ? 98  ALA A CB  1 
ATOM   910  N  N   . VAL A 1 102 ? -15.277 -2.346  -3.158  1.00 17.53 ? 99  VAL A N   1 
ATOM   911  C  CA  A VAL A 1 102 ? -14.693 -3.538  -3.756  0.32 18.80 ? 99  VAL A CA  1 
ATOM   912  C  CA  B VAL A 1 102 ? -14.582 -3.510  -3.706  0.68 18.94 ? 99  VAL A CA  1 
ATOM   913  C  C   . VAL A 1 102 ? -14.706 -4.698  -2.760  1.00 16.70 ? 99  VAL A C   1 
ATOM   914  O  O   . VAL A 1 102 ? -14.682 -5.859  -3.169  1.00 18.19 ? 99  VAL A O   1 
ATOM   915  C  CB  A VAL A 1 102 ? -13.273 -3.295  -4.326  0.32 16.92 ? 99  VAL A CB  1 
ATOM   916  C  CB  B VAL A 1 102 ? -13.076 -3.185  -3.916  0.68 16.17 ? 99  VAL A CB  1 
ATOM   917  C  CG1 A VAL A 1 102 ? -13.262 -2.069  -5.227  0.32 18.88 ? 99  VAL A CG1 1 
ATOM   918  C  CG1 B VAL A 1 102 ? -12.212 -4.461  -3.885  0.68 14.64 ? 99  VAL A CG1 1 
ATOM   919  C  CG2 A VAL A 1 102 ? -12.255 -3.161  -3.211  0.32 13.97 ? 99  VAL A CG2 1 
ATOM   920  C  CG2 B VAL A 1 102 ? -12.876 -2.411  -5.206  0.68 17.10 ? 99  VAL A CG2 1 
ATOM   921  N  N   . GLY A 1 103 ? -14.811 -4.390  -1.470  1.00 17.75 ? 100 GLY A N   1 
ATOM   922  C  CA  . GLY A 1 103 ? -14.923 -5.420  -0.464  1.00 16.13 ? 100 GLY A CA  1 
ATOM   923  C  C   . GLY A 1 103 ? -13.820 -5.461  0.569   1.00 16.44 ? 100 GLY A C   1 
ATOM   924  O  O   . GLY A 1 103 ? -13.780 -6.375  1.398   1.00 17.45 ? 100 GLY A O   1 
ATOM   925  N  N   . VAL A 1 104 ? -12.901 -4.497  0.522   1.00 15.79 ? 101 VAL A N   1 
ATOM   926  C  CA  . VAL A 1 104 ? -11.866 -4.447  1.541   1.00 17.21 ? 101 VAL A CA  1 
ATOM   927  C  C   . VAL A 1 104 ? -12.492 -4.016  2.863   1.00 23.28 ? 101 VAL A C   1 
ATOM   928  O  O   . VAL A 1 104 ? -13.260 -3.054  2.913   1.00 25.67 ? 101 VAL A O   1 
ATOM   929  C  CB  . VAL A 1 104 ? -10.714 -3.491  1.173   1.00 14.03 ? 101 VAL A CB  1 
ATOM   930  C  CG1 . VAL A 1 104 ? -9.627  -3.543  2.237   1.00 18.15 ? 101 VAL A CG1 1 
ATOM   931  C  CG2 . VAL A 1 104 ? -10.140 -3.867  -0.177  1.00 13.28 ? 101 VAL A CG2 1 
ATOM   932  N  N   . ARG A 1 105 ? -12.184 -4.744  3.928   1.00 17.91 ? 102 ARG A N   1 
ATOM   933  C  CA  . ARG A 1 105 ? -12.688 -4.390  5.245   1.00 23.16 ? 102 ARG A CA  1 
ATOM   934  C  C   . ARG A 1 105 ? -11.635 -3.635  6.038   1.00 16.48 ? 102 ARG A C   1 
ATOM   935  O  O   . ARG A 1 105 ? -10.442 -3.695  5.736   1.00 15.72 ? 102 ARG A O   1 
ATOM   936  C  CB  . ARG A 1 105 ? -13.143 -5.643  5.998   1.00 20.99 ? 102 ARG A CB  1 
ATOM   937  C  CG  . ARG A 1 105 ? -13.995 -6.573  5.138   1.00 30.49 ? 102 ARG A CG  1 
ATOM   938  C  CD  . ARG A 1 105 ? -14.568 -7.716  5.944   1.00 42.58 ? 102 ARG A CD  1 
ATOM   939  N  NE  . ARG A 1 105 ? -15.651 -7.267  6.810   1.00 45.54 ? 102 ARG A NE  1 
ATOM   940  C  CZ  . ARG A 1 105 ? -16.925 -7.201  6.436   1.00 38.48 ? 102 ARG A CZ  1 
ATOM   941  N  NH1 . ARG A 1 105 ? -17.280 -7.560  5.207   1.00 39.81 ? 102 ARG A NH1 1 
ATOM   942  N  NH2 . ARG A 1 105 ? -17.847 -6.784  7.292   1.00 35.01 ? 102 ARG A NH2 1 
ATOM   943  N  N   . LEU A 1 106 ? -12.071 -2.918  7.070   1.00 19.28 ? 103 LEU A N   1 
ATOM   944  C  CA  . LEU A 1 106 ? -11.143 -2.118  7.861   1.00 18.07 ? 103 LEU A CA  1 
ATOM   945  C  C   . LEU A 1 106 ? -9.966  -2.915  8.382   1.00 16.73 ? 103 LEU A C   1 
ATOM   946  O  O   . LEU A 1 106 ? -8.838  -2.435  8.372   1.00 19.32 ? 103 LEU A O   1 
ATOM   947  C  CB  . LEU A 1 106 ? -11.872 -1.455  9.034   1.00 28.93 ? 103 LEU A CB  1 
ATOM   948  C  CG  . LEU A 1 106 ? -12.844 -0.360  8.607   1.00 35.60 ? 103 LEU A CG  1 
ATOM   949  C  CD1 . LEU A 1 106 ? -13.559 0.217   9.823   1.00 34.58 ? 103 LEU A CD1 1 
ATOM   950  C  CD2 . LEU A 1 106 ? -12.097 0.724   7.846   1.00 25.27 ? 103 LEU A CD2 1 
ATOM   951  N  N   . SER A 1 107 ? -10.227 -4.143  8.830   1.00 20.55 ? 104 SER A N   1 
ATOM   952  C  CA  . SER A 1 107 ? -9.181  -4.997  9.385   1.00 20.43 ? 104 SER A CA  1 
ATOM   953  C  C   . SER A 1 107 ? -8.094  -5.314  8.374   1.00 20.74 ? 104 SER A C   1 
ATOM   954  O  O   . SER A 1 107 ? -6.937  -5.500  8.731   1.00 19.42 ? 104 SER A O   1 
ATOM   955  C  CB  . SER A 1 107 ? -9.780  -6.310  9.900   1.00 22.79 ? 104 SER A CB  1 
ATOM   956  O  OG  . SER A 1 107 ? -10.344 -7.057  8.832   1.00 25.98 ? 104 SER A OG  1 
ATOM   957  N  N   . SER A 1 108 ? -8.465  -5.392  7.103   1.00 14.55 ? 105 SER A N   1 
ATOM   958  C  CA  . SER A 1 108 ? -7.487  -5.765  6.087   1.00 13.26 ? 105 SER A CA  1 
ATOM   959  C  C   . SER A 1 108 ? -6.398  -4.728  5.897   1.00 13.58 ? 105 SER A C   1 
ATOM   960  O  O   . SER A 1 108 ? -5.304  -5.055  5.442   1.00 13.46 ? 105 SER A O   1 
ATOM   961  C  CB  . SER A 1 108 ? -8.183  -6.030  4.762   1.00 16.91 ? 105 SER A CB  1 
ATOM   962  O  OG  . SER A 1 108 ? -9.052  -7.132  4.916   1.00 19.90 ? 105 SER A OG  1 
ATOM   963  N  N   . TRP A 1 109 ? -6.680  -3.477  6.237   1.00 11.95 ? 106 TRP A N   1 
ATOM   964  C  CA  . TRP A 1 109 ? -5.645  -2.457  6.085   1.00 12.25 ? 106 TRP A CA  1 
ATOM   965  C  C   . TRP A 1 109 ? -4.455  -2.736  6.983   1.00 7.45  ? 106 TRP A C   1 
ATOM   966  O  O   . TRP A 1 109 ? -3.346  -2.309  6.684   1.00 11.01 ? 106 TRP A O   1 
ATOM   967  C  CB  . TRP A 1 109 ? -6.185  -1.043  6.373   1.00 10.97 ? 106 TRP A CB  1 
ATOM   968  C  CG  . TRP A 1 109 ? -7.229  -0.607  5.386   1.00 12.88 ? 106 TRP A CG  1 
ATOM   969  C  CD1 . TRP A 1 109 ? -8.504  -0.207  5.681   1.00 19.54 ? 106 TRP A CD1 1 
ATOM   970  C  CD2 . TRP A 1 109 ? -7.102  -0.523  3.957   1.00 13.57 ? 106 TRP A CD2 1 
ATOM   971  N  NE1 . TRP A 1 109 ? -9.172  0.123   4.535   1.00 22.16 ? 106 TRP A NE1 1 
ATOM   972  C  CE2 . TRP A 1 109 ? -8.343  -0.062  3.460   1.00 21.26 ? 106 TRP A CE2 1 
ATOM   973  C  CE3 . TRP A 1 109 ? -6.067  -0.782  3.058   1.00 14.21 ? 106 TRP A CE3 1 
ATOM   974  C  CZ2 . TRP A 1 109 ? -8.577  0.143   2.100   1.00 22.39 ? 106 TRP A CZ2 1 
ATOM   975  C  CZ3 . TRP A 1 109 ? -6.303  -0.584  1.693   1.00 18.44 ? 106 TRP A CZ3 1 
ATOM   976  C  CH2 . TRP A 1 109 ? -7.553  -0.131  1.237   1.00 13.93 ? 106 TRP A CH2 1 
ATOM   977  N  N   . SER A 1 110 ? -4.669  -3.413  8.109   1.00 11.30 ? 107 SER A N   1 
ATOM   978  C  CA  . SER A 1 110 ? -3.539  -3.751  8.971   1.00 12.24 ? 107 SER A CA  1 
ATOM   979  C  C   . SER A 1 110 ? -2.614  -4.762  8.286   1.00 9.36  ? 107 SER A C   1 
ATOM   980  O  O   . SER A 1 110 ? -1.394  -4.653  8.384   1.00 10.44 ? 107 SER A O   1 
ATOM   981  C  CB  . SER A 1 110 ? -4.019  -4.300  10.315  1.00 15.62 ? 107 SER A CB  1 
ATOM   982  O  OG  A SER A 1 110 ? -4.930  -5.366  10.135  0.42 16.69 ? 107 SER A OG  1 
ATOM   983  O  OG  B SER A 1 110 ? -4.812  -3.344  10.991  0.58 19.81 ? 107 SER A OG  1 
ATOM   984  N  N   . THR A 1 111 ? -3.201  -5.727  7.587   1.00 9.78  ? 108 THR A N   1 
ATOM   985  C  CA  . THR A 1 111 ? -2.409  -6.711  6.861   1.00 8.80  ? 108 THR A CA  1 
ATOM   986  C  C   . THR A 1 111 ? -1.655  -6.057  5.711   1.00 8.02  ? 108 THR A C   1 
ATOM   987  O  O   . THR A 1 111 ? -0.513  -6.402  5.426   1.00 9.61  ? 108 THR A O   1 
ATOM   988  C  CB  . THR A 1 111 ? -3.293  -7.864  6.339   1.00 10.36 ? 108 THR A CB  1 
ATOM   989  O  OG1 . THR A 1 111 ? -4.168  -8.294  7.398   1.00 15.54 ? 108 THR A OG1 1 
ATOM   990  C  CG2 . THR A 1 111 ? -2.436  -9.044  5.911   1.00 12.88 ? 108 THR A CG2 1 
ATOM   991  N  N   . VAL A 1 112 ? -2.290  -5.095  5.048   1.00 6.92  ? 109 VAL A N   1 
ATOM   992  C  CA  . VAL A 1 112 ? -1.602  -4.356  4.000   1.00 6.98  ? 109 VAL A CA  1 
ATOM   993  C  C   . VAL A 1 112 ? -0.400  -3.609  4.583   1.00 8.10  ? 109 VAL A C   1 
ATOM   994  O  O   . VAL A 1 112 ? 0.690   -3.614  4.001   1.00 9.63  ? 109 VAL A O   1 
ATOM   995  C  CB  . VAL A 1 112 ? -2.569  -3.386  3.307   1.00 10.35 ? 109 VAL A CB  1 
ATOM   996  C  CG1 . VAL A 1 112 ? -1.836  -2.469  2.320   1.00 11.09 ? 109 VAL A CG1 1 
ATOM   997  C  CG2 . VAL A 1 112 ? -3.690  -4.158  2.613   1.00 11.60 ? 109 VAL A CG2 1 
ATOM   998  N  N   . GLY A 1 113 ? -0.598  -3.010  5.760   1.00 9.10  ? 110 GLY A N   1 
ATOM   999  C  CA  . GLY A 1 113 ? 0.472   -2.316  6.460   1.00 9.44  ? 110 GLY A CA  1 
ATOM   1000 C  C   . GLY A 1 113 ? 1.648   -3.217  6.783   1.00 8.28  ? 110 GLY A C   1 
ATOM   1001 O  O   . GLY A 1 113 ? 2.807   -2.868  6.551   1.00 8.89  ? 110 GLY A O   1 
ATOM   1002 N  N   . GLU A 1 114 ? 1.335   -4.405  7.292   1.00 7.92  ? 111 GLU A N   1 
ATOM   1003 C  CA  . GLU A 1 114 ? 2.382   -5.375  7.600   1.00 8.34  ? 111 GLU A CA  1 
ATOM   1004 C  C   . GLU A 1 114 ? 3.102   -5.831  6.334   1.00 9.06  ? 111 GLU A C   1 
ATOM   1005 O  O   . GLU A 1 114 ? 4.311   -6.062  6.349   1.00 8.67  ? 111 GLU A O   1 
ATOM   1006 C  CB  . GLU A 1 114 ? 1.798   -6.571  8.339   1.00 9.04  ? 111 GLU A CB  1 
ATOM   1007 C  CG  A GLU A 1 114 ? 1.216   -6.211  9.689   0.36 10.53 ? 111 GLU A CG  1 
ATOM   1008 C  CG  B GLU A 1 114 ? 1.176   -6.231  9.693   0.64 10.49 ? 111 GLU A CG  1 
ATOM   1009 C  CD  A GLU A 1 114 ? 0.136   -7.166  10.110  0.36 15.94 ? 111 GLU A CD  1 
ATOM   1010 C  CD  B GLU A 1 114 ? 2.198   -5.921  10.790  0.64 14.70 ? 111 GLU A CD  1 
ATOM   1011 O  OE1 A GLU A 1 114 ? -0.228  -8.032  9.290   0.36 16.01 ? 111 GLU A OE1 1 
ATOM   1012 O  OE1 B GLU A 1 114 ? 3.411   -5.803  10.508  0.64 13.08 ? 111 GLU A OE1 1 
ATOM   1013 O  OE2 A GLU A 1 114 ? -0.370  -7.058  11.250  0.36 21.35 ? 111 GLU A OE2 1 
ATOM   1014 O  OE2 B GLU A 1 114 ? 1.769   -5.786  11.957  0.64 17.48 ? 111 GLU A OE2 1 
ATOM   1015 N  N   . SER A 1 115 ? 2.364   -5.911  5.222   1.00 7.27  ? 112 SER A N   1 
ATOM   1016 C  CA  . SER A 1 115 ? 2.977   -6.318  3.954   1.00 6.35  ? 112 SER A CA  1 
ATOM   1017 C  C   . SER A 1 115 ? 3.900   -5.225  3.407   1.00 7.22  ? 112 SER A C   1 
ATOM   1018 O  O   . SER A 1 115 ? 4.957   -5.509  2.850   1.00 8.24  ? 112 SER A O   1 
ATOM   1019 C  CB  . SER A 1 115 ? 1.888   -6.682  2.938   1.00 8.04  ? 112 SER A CB  1 
ATOM   1020 O  OG  . SER A 1 115 ? 1.102   -7.751  3.430   1.00 8.90  ? 112 SER A OG  1 
ATOM   1021 N  N   . LEU A 1 116 ? 3.498   -3.970  3.594   1.00 7.85  ? 113 LEU A N   1 
ATOM   1022 C  CA  . LEU A 1 116 ? 4.338   -2.832  3.219   1.00 9.46  ? 113 LEU A CA  1 
ATOM   1023 C  C   . LEU A 1 116 ? 5.620   -2.822  4.058   1.00 9.09  ? 113 LEU A C   1 
ATOM   1024 O  O   . LEU A 1 116 ? 6.724   -2.673  3.526   1.00 10.72 ? 113 LEU A O   1 
ATOM   1025 C  CB  . LEU A 1 116 ? 3.570   -1.517  3.412   1.00 8.74  ? 113 LEU A CB  1 
ATOM   1026 C  CG  . LEU A 1 116 ? 4.377   -0.219  3.285   1.00 9.89  ? 113 LEU A CG  1 
ATOM   1027 C  CD1 . LEU A 1 116 ? 4.946   -0.083  1.883   1.00 13.39 ? 113 LEU A CD1 1 
ATOM   1028 C  CD2 . LEU A 1 116 ? 3.480   0.960   3.618   1.00 13.96 ? 113 LEU A CD2 1 
ATOM   1029 N  N   . LEU A 1 117 ? 5.481   -2.979  5.367   1.00 8.64  ? 114 LEU A N   1 
ATOM   1030 C  CA  . LEU A 1 117 ? 6.660   -3.017  6.218   1.00 9.53  ? 114 LEU A CA  1 
ATOM   1031 C  C   . LEU A 1 117 ? 7.556   -4.213  5.901   1.00 8.66  ? 114 LEU A C   1 
ATOM   1032 O  O   . LEU A 1 117 ? 8.774   -4.116  5.990   1.00 11.01 ? 114 LEU A O   1 
ATOM   1033 C  CB  . LEU A 1 117 ? 6.269   -3.065  7.690   1.00 11.75 ? 114 LEU A CB  1 
ATOM   1034 C  CG  . LEU A 1 117 ? 5.542   -1.841  8.236   1.00 14.64 ? 114 LEU A CG  1 
ATOM   1035 C  CD1 . LEU A 1 117 ? 5.106   -2.109  9.665   1.00 21.82 ? 114 LEU A CD1 1 
ATOM   1036 C  CD2 . LEU A 1 117 ? 6.431   -0.634  8.169   1.00 16.72 ? 114 LEU A CD2 1 
ATOM   1037 N  N   . TYR A 1 118 ? 6.949   -5.342  5.558   1.00 8.72  ? 115 TYR A N   1 
ATOM   1038 C  CA  . TYR A 1 118 ? 7.701   -6.513  5.149   1.00 9.24  ? 115 TYR A CA  1 
ATOM   1039 C  C   . TYR A 1 118 ? 8.536   -6.188  3.912   1.00 8.86  ? 115 TYR A C   1 
ATOM   1040 O  O   . TYR A 1 118 ? 9.737   -6.465  3.855   1.00 9.06  ? 115 TYR A O   1 
ATOM   1041 C  CB  . TYR A 1 118 ? 6.734   -7.681  4.864   1.00 8.50  ? 115 TYR A CB  1 
ATOM   1042 C  CG  . TYR A 1 118 ? 7.413   -8.833  4.180   1.00 9.59  ? 115 TYR A CG  1 
ATOM   1043 C  CD1 . TYR A 1 118 ? 8.119   -9.774  4.911   1.00 10.59 ? 115 TYR A CD1 1 
ATOM   1044 C  CD2 . TYR A 1 118 ? 7.375   -8.953  2.787   1.00 9.14  ? 115 TYR A CD2 1 
ATOM   1045 C  CE1 . TYR A 1 118 ? 8.773   -10.846 4.268   1.00 8.26  ? 115 TYR A CE1 1 
ATOM   1046 C  CE2 . TYR A 1 118 ? 8.015   -10.000 2.142   1.00 10.25 ? 115 TYR A CE2 1 
ATOM   1047 C  CZ  . TYR A 1 118 ? 8.705   -10.934 2.882   1.00 9.22  ? 115 TYR A CZ  1 
ATOM   1048 O  OH  . TYR A 1 118 ? 9.343   -11.949 2.188   1.00 13.35 ? 115 TYR A OH  1 
ATOM   1049 N  N   . MET A 1 119 ? 7.892   -5.609  2.912   1.00 9.14  ? 116 MET A N   1 
ATOM   1050 C  CA  A MET A 1 119 ? 8.596   -5.285  1.689   0.63 8.49  ? 116 MET A CA  1 
ATOM   1051 C  CA  B MET A 1 119 ? 8.550   -5.197  1.667   0.37 8.59  ? 116 MET A CA  1 
ATOM   1052 C  C   . MET A 1 119 ? 9.746   -4.294  1.947   1.00 11.16 ? 116 MET A C   1 
ATOM   1053 O  O   . MET A 1 119 ? 10.830  -4.463  1.396   1.00 10.31 ? 116 MET A O   1 
ATOM   1054 C  CB  A MET A 1 119 ? 7.611   -4.783  0.630   0.63 9.73  ? 116 MET A CB  1 
ATOM   1055 C  CB  B MET A 1 119 ? 7.559   -4.445  0.759   0.37 9.91  ? 116 MET A CB  1 
ATOM   1056 C  CG  A MET A 1 119 ? 8.255   -4.419  -0.709  0.63 9.62  ? 116 MET A CG  1 
ATOM   1057 C  CG  B MET A 1 119 ? 8.169   -3.929  -0.569  0.37 10.36 ? 116 MET A CG  1 
ATOM   1058 S  SD  A MET A 1 119 ? 8.936   -2.759  -0.661  0.63 8.93  ? 116 MET A SD  1 
ATOM   1059 S  SD  B MET A 1 119 ? 7.178   -2.699  -1.469  0.37 16.38 ? 116 MET A SD  1 
ATOM   1060 C  CE  A MET A 1 119 ? 7.455   -1.767  -0.615  0.63 15.70 ? 116 MET A CE  1 
ATOM   1061 C  CE  B MET A 1 119 ? 7.340   -1.284  -0.389  0.37 15.91 ? 116 MET A CE  1 
ATOM   1062 N  N   . LEU A 1 120 ? 9.530   -3.310  2.811   1.00 9.21  ? 117 LEU A N   1 
ATOM   1063 C  CA  . LEU A 1 120 ? 10.602  -2.367  3.131   1.00 8.96  ? 117 LEU A CA  1 
ATOM   1064 C  C   . LEU A 1 120 ? 11.744  -3.047  3.877   1.00 11.26 ? 117 LEU A C   1 
ATOM   1065 O  O   . LEU A 1 120 ? 12.911  -2.805  3.583   1.00 14.66 ? 117 LEU A O   1 
ATOM   1066 C  CB  . LEU A 1 120 ? 10.062  -1.209  3.952   1.00 10.34 ? 117 LEU A CB  1 
ATOM   1067 C  CG  . LEU A 1 120 ? 9.091   -0.324  3.162   1.00 10.86 ? 117 LEU A CG  1 
ATOM   1068 C  CD1 . LEU A 1 120 ? 8.267   0.531   4.111   1.00 13.24 ? 117 LEU A CD1 1 
ATOM   1069 C  CD2 . LEU A 1 120 ? 9.817   0.555   2.148   1.00 17.84 ? 117 LEU A CD2 1 
ATOM   1070 N  N   . GLU A 1 121 ? 11.406  -3.898  4.836   1.00 10.34 ? 118 GLU A N   1 
ATOM   1071 C  CA  A GLU A 1 121 ? 12.406  -4.639  5.614   0.69 10.02 ? 118 GLU A CA  1 
ATOM   1072 C  CA  B GLU A 1 121 ? 12.429  -4.588  5.602   0.31 10.09 ? 118 GLU A CA  1 
ATOM   1073 C  C   . GLU A 1 121 ? 13.289  -5.459  4.688   1.00 14.73 ? 118 GLU A C   1 
ATOM   1074 O  O   . GLU A 1 121 ? 14.516  -5.501  4.836   1.00 13.95 ? 118 GLU A O   1 
ATOM   1075 C  CB  A GLU A 1 121 ? 11.735  -5.581  6.638   0.69 13.75 ? 118 GLU A CB  1 
ATOM   1076 C  CB  B GLU A 1 121 ? 11.796  -5.409  6.723   0.31 13.70 ? 118 GLU A CB  1 
ATOM   1077 C  CG  A GLU A 1 121 ? 12.696  -6.587  7.340   0.69 14.61 ? 118 GLU A CG  1 
ATOM   1078 C  CG  B GLU A 1 121 ? 12.791  -5.866  7.777   0.31 20.45 ? 118 GLU A CG  1 
ATOM   1079 C  CD  A GLU A 1 121 ? 12.008  -7.549  8.333   0.69 15.35 ? 118 GLU A CD  1 
ATOM   1080 C  CD  B GLU A 1 121 ? 13.739  -6.927  7.264   0.31 22.33 ? 118 GLU A CD  1 
ATOM   1081 O  OE1 A GLU A 1 121 ? 10.894  -7.261  8.822   0.69 11.43 ? 118 GLU A OE1 1 
ATOM   1082 O  OE1 B GLU A 1 121 ? 13.322  -7.728  6.400   0.31 25.38 ? 118 GLU A OE1 1 
ATOM   1083 O  OE2 A GLU A 1 121 ? 12.599  -8.616  8.620   0.69 27.51 ? 118 GLU A OE2 1 
ATOM   1084 O  OE2 B GLU A 1 121 ? 14.900  -6.966  7.727   0.31 34.07 ? 118 GLU A OE2 1 
ATOM   1085 N  N   . LYS A 1 122 ? 12.657  -6.137  3.728   1.00 10.54 ? 119 LYS A N   1 
ATOM   1086 C  CA  . LYS A 1 122 ? 13.418  -7.035  2.867   1.00 10.10 ? 119 LYS A CA  1 
ATOM   1087 C  C   . LYS A 1 122 ? 14.309  -6.265  1.916   1.00 13.20 ? 119 LYS A C   1 
ATOM   1088 O  O   . LYS A 1 122 ? 15.429  -6.683  1.639   1.00 16.60 ? 119 LYS A O   1 
ATOM   1089 C  CB  . LYS A 1 122 ? 12.500  -7.977  2.079   1.00 9.98  ? 119 LYS A CB  1 
ATOM   1090 C  CG  . LYS A 1 122 ? 11.654  -8.894  2.927   1.00 11.67 ? 119 LYS A CG  1 
ATOM   1091 C  CD  . LYS A 1 122 ? 12.473  -9.747  3.866   1.00 18.39 ? 119 LYS A CD  1 
ATOM   1092 C  CE  . LYS A 1 122 ? 13.390  -10.691 3.126   1.00 17.95 ? 119 LYS A CE  1 
ATOM   1093 N  NZ  . LYS A 1 122 ? 13.998  -11.649 4.106   1.00 25.20 ? 119 LYS A NZ  1 
ATOM   1094 N  N   . SER A 1 123 ? 13.821  -5.130  1.432   1.00 13.20 ? 120 SER A N   1 
ATOM   1095 C  CA  . SER A 1 123 ? 14.603  -4.325  0.493   1.00 11.56 ? 120 SER A CA  1 
ATOM   1096 C  C   . SER A 1 123 ? 15.751  -3.578  1.174   1.00 15.76 ? 120 SER A C   1 
ATOM   1097 O  O   . SER A 1 123 ? 16.846  -3.467  0.609   1.00 18.56 ? 120 SER A O   1 
ATOM   1098 C  CB  . SER A 1 123 ? 13.706  -3.316  -0.225  1.00 15.00 ? 120 SER A CB  1 
ATOM   1099 O  OG  A SER A 1 123 ? 12.535  -3.933  -0.734  0.43 16.90 ? 120 SER A OG  1 
ATOM   1100 O  OG  B SER A 1 123 ? 14.433  -2.614  -1.220  0.57 18.08 ? 120 SER A OG  1 
ATOM   1101 N  N   . LEU A 1 124 ? 15.503  -3.066  2.378   1.00 13.86 ? 121 LEU A N   1 
ATOM   1102 C  CA  . LEU A 1 124 ? 16.491  -2.210  3.049   1.00 18.95 ? 121 LEU A CA  1 
ATOM   1103 C  C   . LEU A 1 124 ? 17.506  -2.982  3.884   1.00 20.91 ? 121 LEU A C   1 
ATOM   1104 O  O   . LEU A 1 124 ? 18.622  -2.504  4.109   1.00 22.45 ? 121 LEU A O   1 
ATOM   1105 C  CB  . LEU A 1 124 ? 15.796  -1.146  3.900   1.00 19.52 ? 121 LEU A CB  1 
ATOM   1106 C  CG  . LEU A 1 124 ? 14.945  -0.112  3.148   1.00 20.96 ? 121 LEU A CG  1 
ATOM   1107 C  CD1 . LEU A 1 124 ? 13.978  0.584   4.104   1.00 20.73 ? 121 LEU A CD1 1 
ATOM   1108 C  CD2 . LEU A 1 124 ? 15.828  0.894   2.428   1.00 30.08 ? 121 LEU A CD2 1 
ATOM   1109 N  N   . GLY A 1 125 ? 17.137  -4.177  4.328   1.00 19.53 ? 122 GLY A N   1 
ATOM   1110 C  CA  . GLY A 1 125 ? 18.033  -4.998  5.126   1.00 21.50 ? 122 GLY A CA  1 
ATOM   1111 C  C   . GLY A 1 125 ? 18.478  -4.274  6.384   1.00 21.96 ? 122 GLY A C   1 
ATOM   1112 O  O   . GLY A 1 125 ? 17.651  -3.798  7.158   1.00 24.15 ? 122 GLY A O   1 
ATOM   1113 N  N   . PRO A 1 126 ? 19.798  -4.164  6.590   1.00 34.98 ? 123 PRO A N   1 
ATOM   1114 C  CA  . PRO A 1 126 ? 20.316  -3.520  7.801   1.00 30.86 ? 123 PRO A CA  1 
ATOM   1115 C  C   . PRO A 1 126 ? 19.895  -2.052  7.911   1.00 29.71 ? 123 PRO A C   1 
ATOM   1116 O  O   . PRO A 1 126 ? 19.924  -1.488  9.007   1.00 33.54 ? 123 PRO A O   1 
ATOM   1117 C  CB  . PRO A 1 126 ? 21.839  -3.636  7.636   1.00 31.26 ? 123 PRO A CB  1 
ATOM   1118 C  CG  . PRO A 1 126 ? 22.058  -3.790  6.171   1.00 36.35 ? 123 PRO A CG  1 
ATOM   1119 C  CD  . PRO A 1 126 ? 20.872  -4.567  5.667   1.00 34.04 ? 123 PRO A CD  1 
ATOM   1120 N  N   . ASP A 1 127 ? 19.503  -1.450  6.793   1.00 25.71 ? 124 ASP A N   1 
ATOM   1121 C  CA  . ASP A 1 127 ? 19.063  -0.056  6.779   1.00 26.35 ? 124 ASP A CA  1 
ATOM   1122 C  C   . ASP A 1 127 ? 17.625  0.145   7.264   1.00 27.82 ? 124 ASP A C   1 
ATOM   1123 O  O   . ASP A 1 127 ? 17.179  1.280   7.418   1.00 29.78 ? 124 ASP A O   1 
ATOM   1124 C  CB  . ASP A 1 127 ? 19.244  0.558   5.387   1.00 28.29 ? 124 ASP A CB  1 
ATOM   1125 C  CG  . ASP A 1 127 ? 20.703  0.697   4.997   1.00 39.04 ? 124 ASP A CG  1 
ATOM   1126 O  OD1 . ASP A 1 127 ? 21.560  0.699   5.905   1.00 44.50 ? 124 ASP A OD1 1 
ATOM   1127 O  OD2 . ASP A 1 127 ? 20.994  0.809   3.786   1.00 38.87 ? 124 ASP A OD2 1 
ATOM   1128 N  N   . PHE A 1 128 ? 16.898  -0.950  7.487   1.00 23.54 ? 125 PHE A N   1 
ATOM   1129 C  CA  A PHE A 1 128 ? 15.552  -0.849  8.039   0.37 24.72 ? 125 PHE A CA  1 
ATOM   1130 C  CA  B PHE A 1 128 ? 15.547  -0.892  8.044   0.63 24.79 ? 125 PHE A CA  1 
ATOM   1131 C  C   . PHE A 1 128 ? 15.626  -0.782  9.561   1.00 23.46 ? 125 PHE A C   1 
ATOM   1132 O  O   . PHE A 1 128 ? 15.335  -1.747  10.274  1.00 28.52 ? 125 PHE A O   1 
ATOM   1133 C  CB  A PHE A 1 128 ? 14.664  -2.002  7.572   0.37 21.10 ? 125 PHE A CB  1 
ATOM   1134 C  CB  B PHE A 1 128 ? 14.759  -2.149  7.652   0.63 21.21 ? 125 PHE A CB  1 
ATOM   1135 C  CG  A PHE A 1 128 ? 13.193  -1.721  7.704   0.37 19.91 ? 125 PHE A CG  1 
ATOM   1136 C  CG  B PHE A 1 128 ? 13.327  -2.156  8.128   0.63 21.32 ? 125 PHE A CG  1 
ATOM   1137 C  CD1 A PHE A 1 128 ? 12.594  -0.734  6.939   0.37 19.78 ? 125 PHE A CD1 1 
ATOM   1138 C  CD1 B PHE A 1 128 ? 12.378  -1.361  7.512   0.63 16.85 ? 125 PHE A CD1 1 
ATOM   1139 C  CD2 A PHE A 1 128 ? 12.414  -2.437  8.595   0.37 19.31 ? 125 PHE A CD2 1 
ATOM   1140 C  CD2 B PHE A 1 128 ? 12.928  -2.976  9.170   0.63 21.35 ? 125 PHE A CD2 1 
ATOM   1141 C  CE1 A PHE A 1 128 ? 11.242  -0.468  7.058   0.37 19.01 ? 125 PHE A CE1 1 
ATOM   1142 C  CE1 B PHE A 1 128 ? 11.059  -1.371  7.931   0.63 18.01 ? 125 PHE A CE1 1 
ATOM   1143 C  CE2 A PHE A 1 128 ? 11.062  -2.177  8.717   0.37 21.75 ? 125 PHE A CE2 1 
ATOM   1144 C  CE2 B PHE A 1 128 ? 11.606  -2.996  9.598   0.63 20.10 ? 125 PHE A CE2 1 
ATOM   1145 C  CZ  A PHE A 1 128 ? 10.475  -1.192  7.948   0.37 19.01 ? 125 PHE A CZ  1 
ATOM   1146 C  CZ  B PHE A 1 128 ? 10.672  -2.187  8.979   0.63 22.87 ? 125 PHE A CZ  1 
ATOM   1147 N  N   . THR A 1 129 ? 16.036  0.383   10.048  1.00 20.04 ? 126 THR A N   1 
ATOM   1148 C  CA  . THR A 1 129 ? 16.221  0.598   11.476  1.00 22.27 ? 126 THR A CA  1 
ATOM   1149 C  C   . THR A 1 129 ? 14.888  0.744   12.192  1.00 25.16 ? 126 THR A C   1 
ATOM   1150 O  O   . THR A 1 129 ? 13.873  1.073   11.570  1.00 23.58 ? 126 THR A O   1 
ATOM   1151 C  CB  . THR A 1 129 ? 17.033  1.870   11.718  1.00 23.16 ? 126 THR A CB  1 
ATOM   1152 O  OG1 . THR A 1 129 ? 16.284  2.998   11.254  1.00 23.97 ? 126 THR A OG1 1 
ATOM   1153 C  CG2 . THR A 1 129 ? 18.340  1.805   10.969  1.00 26.56 ? 126 THR A CG2 1 
ATOM   1154 N  N   . PRO A 1 130 ? 14.878  0.514   13.512  1.00 22.19 ? 127 PRO A N   1 
ATOM   1155 C  CA  . PRO A 1 130 ? 13.616  0.681   14.238  1.00 21.07 ? 127 PRO A CA  1 
ATOM   1156 C  C   . PRO A 1 130 ? 12.992  2.066   14.020  1.00 19.56 ? 127 PRO A C   1 
ATOM   1157 O  O   . PRO A 1 130 ? 11.766  2.168   13.963  1.00 22.24 ? 127 PRO A O   1 
ATOM   1158 C  CB  . PRO A 1 130 ? 14.029  0.486   15.699  1.00 32.18 ? 127 PRO A CB  1 
ATOM   1159 C  CG  . PRO A 1 130 ? 15.234  -0.406  15.625  1.00 28.99 ? 127 PRO A CG  1 
ATOM   1160 C  CD  . PRO A 1 130 ? 15.963  0.021   14.383  1.00 30.49 ? 127 PRO A CD  1 
ATOM   1161 N  N   . ALA A 1 131 ? 13.807  3.111   13.887  1.00 24.66 ? 128 ALA A N   1 
ATOM   1162 C  CA  . ALA A 1 131 ? 13.266  4.447   13.642  1.00 25.47 ? 128 ALA A CA  1 
ATOM   1163 C  C   . ALA A 1 131 ? 12.600  4.513   12.273  1.00 21.82 ? 128 ALA A C   1 
ATOM   1164 O  O   . ALA A 1 131 ? 11.620  5.227   12.086  1.00 21.07 ? 128 ALA A O   1 
ATOM   1165 C  CB  . ALA A 1 131 ? 14.357  5.507   13.749  1.00 27.05 ? 128 ALA A CB  1 
ATOM   1166 N  N   . THR A 1 132 ? 13.147  3.764   11.320  1.00 19.17 ? 129 THR A N   1 
ATOM   1167 C  CA  . THR A 1 132 ? 12.593  3.719   9.972   1.00 18.91 ? 129 THR A CA  1 
ATOM   1168 C  C   . THR A 1 132 ? 11.258  2.986   10.003  1.00 16.73 ? 129 THR A C   1 
ATOM   1169 O  O   . THR A 1 132 ? 10.283  3.438   9.391   1.00 15.22 ? 129 THR A O   1 
ATOM   1170 C  CB  . THR A 1 132 ? 13.563  3.051   8.978   1.00 22.24 ? 129 THR A CB  1 
ATOM   1171 O  OG1 . THR A 1 132 ? 14.814  3.756   8.997   1.00 25.22 ? 129 THR A OG1 1 
ATOM   1172 C  CG2 . THR A 1 132 ? 12.995  3.095   7.557   1.00 21.50 ? 129 THR A CG2 1 
ATOM   1173 N  N   . ARG A 1 133 ? 11.211  1.868   10.726  1.00 18.22 ? 130 ARG A N   1 
ATOM   1174 C  CA  . ARG A 1 133 ? 9.963   1.130   10.890  1.00 17.42 ? 130 ARG A CA  1 
ATOM   1175 C  C   . ARG A 1 133 ? 8.892   2.022   11.520  1.00 19.53 ? 130 ARG A C   1 
ATOM   1176 O  O   . ARG A 1 133 ? 7.759   2.078   11.052  1.00 18.02 ? 130 ARG A O   1 
ATOM   1177 C  CB  . ARG A 1 133 ? 10.170  -0.122  11.747  1.00 18.61 ? 130 ARG A CB  1 
ATOM   1178 C  CG  . ARG A 1 133 ? 8.888   -0.939  11.920  1.00 21.58 ? 130 ARG A CG  1 
ATOM   1179 C  CD  . ARG A 1 133 ? 9.017   -2.008  12.999  1.00 26.97 ? 130 ARG A CD  1 
ATOM   1180 N  NE  . ARG A 1 133 ? 7.881   -2.933  12.978  1.00 36.04 ? 130 ARG A NE  1 
ATOM   1181 C  CZ  . ARG A 1 133 ? 6.634   -2.607  13.315  1.00 38.45 ? 130 ARG A CZ  1 
ATOM   1182 N  NH1 . ARG A 1 133 ? 6.340   -1.368  13.692  1.00 40.39 ? 130 ARG A NH1 1 
ATOM   1183 N  NH2 . ARG A 1 133 ? 5.669   -3.517  13.268  1.00 33.84 ? 130 ARG A NH2 1 
ATOM   1184 N  N   . THR A 1 134 ? 9.260   2.726   12.588  1.00 17.89 ? 131 THR A N   1 
ATOM   1185 C  CA  . THR A 1 134 ? 8.324   3.604   13.282  1.00 18.98 ? 131 THR A CA  1 
ATOM   1186 C  C   . THR A 1 134 ? 7.814   4.745   12.384  1.00 15.95 ? 131 THR A C   1 
ATOM   1187 O  O   . THR A 1 134 ? 6.622   5.062   12.381  1.00 18.33 ? 131 THR A O   1 
ATOM   1188 C  CB  . THR A 1 134 ? 8.951   4.155   14.587  1.00 21.75 ? 131 THR A CB  1 
ATOM   1189 O  OG1 . THR A 1 134 ? 9.206   3.063   15.478  1.00 21.44 ? 131 THR A OG1 1 
ATOM   1190 C  CG2 . THR A 1 134 ? 8.009   5.130   15.262  1.00 25.20 ? 131 THR A CG2 1 
ATOM   1191 N  N   . ALA A 1 135 ? 8.707   5.348   11.612  1.00 16.56 ? 132 ALA A N   1 
ATOM   1192 C  CA  . ALA A 1 135 ? 8.303   6.409   10.693  1.00 16.19 ? 132 ALA A CA  1 
ATOM   1193 C  C   . ALA A 1 135 ? 7.289   5.908   9.662   1.00 14.66 ? 132 ALA A C   1 
ATOM   1194 O  O   . ALA A 1 135 ? 6.299   6.576   9.362   1.00 15.55 ? 132 ALA A O   1 
ATOM   1195 C  CB  . ALA A 1 135 ? 9.517   7.007   10.003  1.00 20.63 ? 132 ALA A CB  1 
ATOM   1196 N  N   . TRP A 1 136 ? 7.550   4.728   9.111   1.00 16.42 ? 133 TRP A N   1 
ATOM   1197 C  CA  . TRP A 1 136 ? 6.639   4.164   8.116   1.00 14.92 ? 133 TRP A CA  1 
ATOM   1198 C  C   . TRP A 1 136 ? 5.300   3.750   8.720   1.00 12.27 ? 133 TRP A C   1 
ATOM   1199 O  O   . TRP A 1 136 ? 4.250   3.888   8.085   1.00 14.37 ? 133 TRP A O   1 
ATOM   1200 C  CB  . TRP A 1 136 ? 7.297   2.990   7.390   1.00 12.73 ? 133 TRP A CB  1 
ATOM   1201 C  CG  . TRP A 1 136 ? 8.119   3.439   6.235   1.00 12.65 ? 133 TRP A CG  1 
ATOM   1202 C  CD1 . TRP A 1 136 ? 9.476   3.571   6.182   1.00 12.84 ? 133 TRP A CD1 1 
ATOM   1203 C  CD2 . TRP A 1 136 ? 7.624   3.840   4.955   1.00 13.29 ? 133 TRP A CD2 1 
ATOM   1204 N  NE1 . TRP A 1 136 ? 9.860   4.029   4.942   1.00 16.45 ? 133 TRP A NE1 1 
ATOM   1205 C  CE2 . TRP A 1 136 ? 8.739   4.200   4.170   1.00 12.64 ? 133 TRP A CE2 1 
ATOM   1206 C  CE3 . TRP A 1 136 ? 6.341   3.933   4.400   1.00 14.45 ? 133 TRP A CE3 1 
ATOM   1207 C  CZ2 . TRP A 1 136 ? 8.611   4.644   2.852   1.00 14.46 ? 133 TRP A CZ2 1 
ATOM   1208 C  CZ3 . TRP A 1 136 ? 6.214   4.375   3.088   1.00 15.81 ? 133 TRP A CZ3 1 
ATOM   1209 C  CH2 . TRP A 1 136 ? 7.339   4.718   2.330   1.00 14.66 ? 133 TRP A CH2 1 
ATOM   1210 N  N   . SER A 1 137 ? 5.320   3.222   9.940   1.00 14.35 ? 134 SER A N   1 
ATOM   1211 C  CA  . SER A 1 137 ? 4.082   2.854   10.602  1.00 13.86 ? 134 SER A CA  1 
ATOM   1212 C  C   . SER A 1 137 ? 3.208   4.083   10.822  1.00 15.04 ? 134 SER A C   1 
ATOM   1213 O  O   . SER A 1 137 ? 1.981   4.024   10.689  1.00 17.23 ? 134 SER A O   1 
ATOM   1214 C  CB  . SER A 1 137 ? 4.374   2.163   11.937  1.00 17.04 ? 134 SER A CB  1 
ATOM   1215 O  OG  A SER A 1 137 ? 5.081   0.956   11.734  0.47 18.05 ? 134 SER A OG  1 
ATOM   1216 O  OG  B SER A 1 137 ? 3.181   1.731   12.555  0.53 18.83 ? 134 SER A OG  1 
ATOM   1217 N  N   . ARG A 1 138 ? 3.848   5.199   11.160  1.00 15.30 ? 135 ARG A N   1 
ATOM   1218 C  CA  . ARG A 1 138 ? 3.142   6.468   11.343  1.00 14.37 ? 135 ARG A CA  1 
ATOM   1219 C  C   . ARG A 1 138 ? 2.572   7.018   10.045  1.00 14.74 ? 135 ARG A C   1 
ATOM   1220 O  O   . ARG A 1 138 ? 1.427   7.467   10.005  1.00 17.16 ? 135 ARG A O   1 
ATOM   1221 C  CB  . ARG A 1 138 ? 4.064   7.507   11.986  1.00 23.69 ? 135 ARG A CB  1 
ATOM   1222 C  CG  . ARG A 1 138 ? 4.471   7.160   13.397  1.00 34.80 ? 135 ARG A CG  1 
ATOM   1223 C  CD  . ARG A 1 138 ? 5.207   8.315   14.067  1.00 41.16 ? 135 ARG A CD  1 
ATOM   1224 N  NE  . ARG A 1 138 ? 4.377   8.975   15.073  1.00 63.78 ? 135 ARG A NE  1 
ATOM   1225 C  CZ  . ARG A 1 138 ? 3.840   10.183  14.932  1.00 66.46 ? 135 ARG A CZ  1 
ATOM   1226 N  NH1 . ARG A 1 138 ? 4.052   10.883  13.827  1.00 56.59 ? 135 ARG A NH1 1 
ATOM   1227 N  NH2 . ARG A 1 138 ? 3.096   10.696  15.906  1.00 75.01 ? 135 ARG A NH2 1 
ATOM   1228 N  N   . LEU A 1 139 ? 3.366   7.006   8.985   1.00 17.82 ? 136 LEU A N   1 
ATOM   1229 C  CA  A LEU A 1 139 ? 2.880   7.485   7.703   0.67 13.67 ? 136 LEU A CA  1 
ATOM   1230 C  CA  B LEU A 1 139 ? 2.888   7.477   7.690   0.33 13.74 ? 136 LEU A CA  1 
ATOM   1231 C  C   . LEU A 1 139 ? 1.740   6.603   7.206   1.00 14.77 ? 136 LEU A C   1 
ATOM   1232 O  O   . LEU A 1 139 ? 0.685   7.094   6.821   1.00 13.66 ? 136 LEU A O   1 
ATOM   1233 C  CB  A LEU A 1 139 ? 4.009   7.522   6.683   0.67 14.60 ? 136 LEU A CB  1 
ATOM   1234 C  CB  B LEU A 1 139 ? 4.019   7.489   6.657   0.33 14.60 ? 136 LEU A CB  1 
ATOM   1235 C  CG  A LEU A 1 139 ? 3.563   7.862   5.262   0.67 13.78 ? 136 LEU A CG  1 
ATOM   1236 C  CG  B LEU A 1 139 ? 3.643   7.855   5.213   0.33 13.86 ? 136 LEU A CG  1 
ATOM   1237 C  CD1 A LEU A 1 139 ? 2.884   9.225   5.226   0.67 17.56 ? 136 LEU A CD1 1 
ATOM   1238 C  CD1 B LEU A 1 139 ? 4.828   8.467   4.477   0.33 16.10 ? 136 LEU A CD1 1 
ATOM   1239 C  CD2 A LEU A 1 139 ? 4.751   7.826   4.325   0.67 16.23 ? 136 LEU A CD2 1 
ATOM   1240 C  CD2 B LEU A 1 139 ? 3.088   6.661   4.437   0.33 13.01 ? 136 LEU A CD2 1 
ATOM   1241 N  N   . TYR A 1 140 ? 1.952   5.290   7.219   1.00 14.69 ? 137 TYR A N   1 
ATOM   1242 C  CA  . TYR A 1 140 ? 0.903   4.381   6.773   1.00 13.16 ? 137 TYR A CA  1 
ATOM   1243 C  C   . TYR A 1 140 ? -0.362  4.515   7.612   1.00 13.01 ? 137 TYR A C   1 
ATOM   1244 O  O   . TYR A 1 140 ? -1.483  4.486   7.091   1.00 13.34 ? 137 TYR A O   1 
ATOM   1245 C  CB  . TYR A 1 140 ? 1.408   2.931   6.764   1.00 10.71 ? 137 TYR A CB  1 
ATOM   1246 C  CG  . TYR A 1 140 ? 0.344   1.992   6.257   1.00 11.31 ? 137 TYR A CG  1 
ATOM   1247 C  CD1 . TYR A 1 140 ? 0.031   1.949   4.900   1.00 12.32 ? 137 TYR A CD1 1 
ATOM   1248 C  CD2 . TYR A 1 140 ? -0.386  1.211   7.131   1.00 11.51 ? 137 TYR A CD2 1 
ATOM   1249 C  CE1 . TYR A 1 140 ? -0.987  1.115   4.421   1.00 10.75 ? 137 TYR A CE1 1 
ATOM   1250 C  CE2 . TYR A 1 140 ? -1.394  0.369   6.671   1.00 10.71 ? 137 TYR A CE2 1 
ATOM   1251 C  CZ  . TYR A 1 140 ? -1.678  0.324   5.315   1.00 10.00 ? 137 TYR A CZ  1 
ATOM   1252 O  OH  . TYR A 1 140 ? -2.690  -0.494  4.874   1.00 12.16 ? 137 TYR A OH  1 
ATOM   1253 N  N   . GLY A 1 141 ? -0.194  4.670   8.922   1.00 13.85 ? 138 GLY A N   1 
ATOM   1254 C  CA  . GLY A 1 141 ? -1.332  4.846   9.804   1.00 15.96 ? 138 GLY A CA  1 
ATOM   1255 C  C   . GLY A 1 141 ? -2.146  6.079   9.462   1.00 14.57 ? 138 GLY A C   1 
ATOM   1256 O  O   . GLY A 1 141 ? -3.378  6.051   9.512   1.00 14.90 ? 138 GLY A O   1 
ATOM   1257 N  N   . ALA A 1 142 ? -1.462  7.166   9.115   1.00 17.35 ? 139 ALA A N   1 
ATOM   1258 C  CA  . ALA A 1 142 ? -2.147  8.387   8.702   1.00 15.88 ? 139 ALA A CA  1 
ATOM   1259 C  C   . ALA A 1 142 ? -2.916  8.169   7.406   1.00 15.39 ? 139 ALA A C   1 
ATOM   1260 O  O   . ALA A 1 142 ? -4.054  8.641   7.257   1.00 17.87 ? 139 ALA A O   1 
ATOM   1261 C  CB  . ALA A 1 142 ? -1.152  9.531   8.535   1.00 17.49 ? 139 ALA A CB  1 
ATOM   1262 N  N   . VAL A 1 143 ? -2.293  7.454   6.470   1.00 13.64 ? 140 VAL A N   1 
ATOM   1263 C  CA  . VAL A 1 143 ? -2.959  7.134   5.208   1.00 12.78 ? 140 VAL A CA  1 
ATOM   1264 C  C   . VAL A 1 143 ? -4.239  6.330   5.462   1.00 11.05 ? 140 VAL A C   1 
ATOM   1265 O  O   . VAL A 1 143 ? -5.303  6.651   4.928   1.00 13.30 ? 140 VAL A O   1 
ATOM   1266 C  CB  . VAL A 1 143 ? -2.017  6.380   4.249   1.00 14.41 ? 140 VAL A CB  1 
ATOM   1267 C  CG1 . VAL A 1 143 ? -2.785  5.811   3.059   1.00 13.79 ? 140 VAL A CG1 1 
ATOM   1268 C  CG2 . VAL A 1 143 ? -0.891  7.292   3.793   1.00 14.39 ? 140 VAL A CG2 1 
ATOM   1269 N  N   . VAL A 1 144 ? -4.147  5.280   6.282   1.00 11.80 ? 141 VAL A N   1 
ATOM   1270 C  CA  . VAL A 1 144 ? -5.319  4.478   6.617   1.00 10.95 ? 141 VAL A CA  1 
ATOM   1271 C  C   . VAL A 1 144 ? -6.391  5.289   7.354   1.00 13.31 ? 141 VAL A C   1 
ATOM   1272 O  O   . VAL A 1 144 ? -7.574  5.086   7.141   1.00 14.91 ? 141 VAL A O   1 
ATOM   1273 C  CB  . VAL A 1 144 ? -4.932  3.241   7.448   1.00 14.29 ? 141 VAL A CB  1 
ATOM   1274 C  CG1 . VAL A 1 144 ? -6.169  2.486   7.906   1.00 15.62 ? 141 VAL A CG1 1 
ATOM   1275 C  CG2 . VAL A 1 144 ? -4.038  2.336   6.625   1.00 16.29 ? 141 VAL A CG2 1 
ATOM   1276 N  N   . GLN A 1 145 ? -5.973  6.200   8.224   1.00 14.25 ? 142 GLN A N   1 
ATOM   1277 C  CA  A GLN A 1 145 ? -6.947  7.028   8.935   0.54 15.15 ? 142 GLN A CA  1 
ATOM   1278 C  CA  B GLN A 1 145 ? -6.935  7.040   8.935   0.46 15.21 ? 142 GLN A CA  1 
ATOM   1279 C  C   . GLN A 1 145 ? -7.760  7.856   7.941   1.00 12.62 ? 142 GLN A C   1 
ATOM   1280 O  O   . GLN A 1 145 ? -8.988  7.961   8.063   1.00 18.20 ? 142 GLN A O   1 
ATOM   1281 C  CB  A GLN A 1 145 ? -6.259  7.944   9.947   0.54 19.91 ? 142 GLN A CB  1 
ATOM   1282 C  CB  B GLN A 1 145 ? -6.217  7.969   9.916   0.46 19.92 ? 142 GLN A CB  1 
ATOM   1283 C  CG  A GLN A 1 145 ? -7.215  8.870   10.692  0.54 25.92 ? 142 GLN A CG  1 
ATOM   1284 C  CG  B GLN A 1 145 ? -7.145  8.894   10.687  0.46 25.94 ? 142 GLN A CG  1 
ATOM   1285 C  CD  A GLN A 1 145 ? -8.033  8.148   11.752  0.54 33.05 ? 142 GLN A CD  1 
ATOM   1286 C  CD  B GLN A 1 145 ? -6.407  9.734   11.716  0.46 30.12 ? 142 GLN A CD  1 
ATOM   1287 O  OE1 A GLN A 1 145 ? -7.881  6.944   11.959  0.54 35.25 ? 142 GLN A OE1 1 
ATOM   1288 O  OE1 B GLN A 1 145 ? -5.208  9.980   11.590  0.46 36.81 ? 142 GLN A OE1 1 
ATOM   1289 N  NE2 A GLN A 1 145 ? -8.905  8.888   12.432  0.54 39.47 ? 142 GLN A NE2 1 
ATOM   1290 N  NE2 B GLN A 1 145 ? -7.124  10.172  12.746  0.46 36.52 ? 142 GLN A NE2 1 
ATOM   1291 N  N   . ALA A 1 146 ? -7.081  8.426   6.948   1.00 15.40 ? 143 ALA A N   1 
ATOM   1292 C  CA  . ALA A 1 146 ? -7.766  9.195   5.907   1.00 17.10 ? 143 ALA A CA  1 
ATOM   1293 C  C   . ALA A 1 146 ? -8.692  8.303   5.076   1.00 16.58 ? 143 ALA A C   1 
ATOM   1294 O  O   . ALA A 1 146 ? -9.841  8.651   4.815   1.00 16.83 ? 143 ALA A O   1 
ATOM   1295 C  CB  . ALA A 1 146 ? -6.758  9.909   5.012   1.00 17.82 ? 143 ALA A CB  1 
ATOM   1296 N  N   . MET A 1 147 ? -8.209  7.131   4.674   1.00 14.54 ? 144 MET A N   1 
ATOM   1297 C  CA  A MET A 1 147 ? -9.014  6.225   3.865   0.46 14.53 ? 144 MET A CA  1 
ATOM   1298 C  CA  B MET A 1 147 ? -9.027  6.221   3.878   0.54 14.50 ? 144 MET A CA  1 
ATOM   1299 C  C   . MET A 1 147 ? -10.249 5.719   4.625   1.00 16.36 ? 144 MET A C   1 
ATOM   1300 O  O   . MET A 1 147 ? -11.301 5.470   4.029   1.00 17.96 ? 144 MET A O   1 
ATOM   1301 C  CB  A MET A 1 147 ? -8.157  5.059   3.335   0.46 12.82 ? 144 MET A CB  1 
ATOM   1302 C  CB  B MET A 1 147 ? -8.208  5.027   3.391   0.54 12.86 ? 144 MET A CB  1 
ATOM   1303 C  CG  A MET A 1 147 ? -6.955  5.499   2.479   0.46 11.85 ? 144 MET A CG  1 
ATOM   1304 C  CG  B MET A 1 147 ? -7.348  5.335   2.193   0.54 10.48 ? 144 MET A CG  1 
ATOM   1305 S  SD  A MET A 1 147 ? -5.990  4.156   1.718   0.46 15.07 ? 144 MET A SD  1 
ATOM   1306 S  SD  B MET A 1 147 ? -6.747  3.835   1.414   0.54 14.15 ? 144 MET A SD  1 
ATOM   1307 C  CE  A MET A 1 147 ? -7.279  3.371   0.747   0.46 17.02 ? 144 MET A CE  1 
ATOM   1308 C  CE  B MET A 1 147 ? -5.985  3.002   2.806   0.54 12.12 ? 144 MET A CE  1 
ATOM   1309 N  N   . SER A 1 148 ? -10.116 5.582   5.942   1.00 17.19 ? 145 SER A N   1 
ATOM   1310 C  CA  A SER A 1 148 ? -11.185 5.043   6.771   0.44 19.25 ? 145 SER A CA  1 
ATOM   1311 C  CA  B SER A 1 148 ? -11.190 5.030   6.752   0.56 19.22 ? 145 SER A CA  1 
ATOM   1312 C  C   . SER A 1 148 ? -12.359 6.010   6.884   1.00 23.84 ? 145 SER A C   1 
ATOM   1313 O  O   . SER A 1 148 ? -13.466 5.614   7.262   1.00 25.23 ? 145 SER A O   1 
ATOM   1314 C  CB  A SER A 1 148 ? -10.653 4.716   8.168   0.44 18.14 ? 145 SER A CB  1 
ATOM   1315 C  CB  B SER A 1 148 ? -10.661 4.603   8.127   0.56 18.16 ? 145 SER A CB  1 
ATOM   1316 O  OG  A SER A 1 148 ? -10.245 5.900   8.826   0.44 22.46 ? 145 SER A OG  1 
ATOM   1317 O  OG  B SER A 1 148 ? -9.681  3.582   7.994   0.56 17.21 ? 145 SER A OG  1 
ATOM   1318 N  N   . ARG A 1 149 ? -12.113 7.285   6.575   1.00 19.64 ? 146 ARG A N   1 
ATOM   1319 C  CA  . ARG A 1 149 ? -13.187 8.278   6.558   1.00 24.91 ? 146 ARG A CA  1 
ATOM   1320 C  C   . ARG A 1 149 ? -14.192 7.917   5.466   1.00 24.79 ? 146 ARG A C   1 
ATOM   1321 O  O   . ARG A 1 149 ? -15.325 8.388   5.474   1.00 29.56 ? 146 ARG A O   1 
ATOM   1322 C  CB  . ARG A 1 149 ? -12.645 9.690   6.310   1.00 22.74 ? 146 ARG A CB  1 
ATOM   1323 C  CG  . ARG A 1 149 ? -11.791 10.244  7.429   1.00 22.98 ? 146 ARG A CG  1 
ATOM   1324 C  CD  . ARG A 1 149 ? -11.083 11.525  7.019   1.00 29.46 ? 146 ARG A CD  1 
ATOM   1325 N  NE  . ARG A 1 149 ? -11.738 12.719  7.549   1.00 49.37 ? 146 ARG A NE  1 
ATOM   1326 C  CZ  . ARG A 1 149 ? -12.582 13.483  6.863   1.00 55.81 ? 146 ARG A CZ  1 
ATOM   1327 N  NH1 . ARG A 1 149 ? -12.881 13.186  5.605   1.00 58.84 ? 146 ARG A NH1 1 
ATOM   1328 N  NH2 . ARG A 1 149 ? -13.125 14.551  7.435   1.00 56.09 ? 146 ARG A NH2 1 
ATOM   1329 N  N   . GLY A 1 150 ? -13.741 7.073   4.543   1.00 25.58 ? 147 GLY A N   1 
ATOM   1330 C  CA  . GLY A 1 150 ? -14.531 6.562   3.436   1.00 23.38 ? 147 GLY A CA  1 
ATOM   1331 C  C   . GLY A 1 150 ? -15.691 5.708   3.902   1.00 26.10 ? 147 GLY A C   1 
ATOM   1332 O  O   . GLY A 1 150 ? -16.757 5.693   3.293   1.00 28.66 ? 147 GLY A O   1 
ATOM   1333 N  N   . TRP A 1 151 ? -15.473 5.006   5.011   1.00 28.48 ? 148 TRP A N   1 
ATOM   1334 C  CA  . TRP A 1 151 ? -16.474 4.135   5.617   1.00 37.46 ? 148 TRP A CA  1 
ATOM   1335 C  C   . TRP A 1 151 ? -17.562 4.936   6.317   1.00 47.08 ? 148 TRP A C   1 
ATOM   1336 O  O   . TRP A 1 151 ? -17.380 6.112   6.624   1.00 49.71 ? 148 TRP A O   1 
ATOM   1337 C  CB  . TRP A 1 151 ? -15.813 3.201   6.634   1.00 39.67 ? 148 TRP A CB  1 
ATOM   1338 C  CG  . TRP A 1 151 ? -15.368 1.888   6.071   1.00 33.27 ? 148 TRP A CG  1 
ATOM   1339 C  CD1 . TRP A 1 151 ? -15.946 0.672   6.279   1.00 29.17 ? 148 TRP A CD1 1 
ATOM   1340 C  CD2 . TRP A 1 151 ? -14.247 1.657   5.211   1.00 20.47 ? 148 TRP A CD2 1 
ATOM   1341 N  NE1 . TRP A 1 151 ? -15.259 -0.304  5.600   1.00 34.78 ? 148 TRP A NE1 1 
ATOM   1342 C  CE2 . TRP A 1 151 ? -14.211 0.276   4.935   1.00 27.88 ? 148 TRP A CE2 1 
ATOM   1343 C  CE3 . TRP A 1 151 ? -13.274 2.484   4.644   1.00 21.73 ? 148 TRP A CE3 1 
ATOM   1344 C  CZ2 . TRP A 1 151 ? -13.237 -0.296  4.119   1.00 25.22 ? 148 TRP A CZ2 1 
ATOM   1345 C  CZ3 . TRP A 1 151 ? -12.310 1.915   3.836   1.00 25.38 ? 148 TRP A CZ3 1 
ATOM   1346 C  CH2 . TRP A 1 151 ? -12.299 0.539   3.581   1.00 23.76 ? 148 TRP A CH2 1 
ATOM   1347 N  N   . ASP A 1 152 ? -18.696 4.290   6.569   1.00 54.09 ? 149 ASP A N   1 
ATOM   1348 C  CA  . ASP A 1 152 ? -19.818 4.942   7.235   1.00 54.00 ? 149 ASP A CA  1 
ATOM   1349 C  C   . ASP A 1 152 ? -20.454 4.022   8.270   1.00 68.65 ? 149 ASP A C   1 
ATOM   1350 O  O   . ASP A 1 152 ? -20.449 2.800   8.116   1.00 75.01 ? 149 ASP A O   1 
ATOM   1351 C  CB  . ASP A 1 152 ? -20.865 5.385   6.211   1.00 52.97 ? 149 ASP A CB  1 
ATOM   1352 C  CG  . ASP A 1 152 ? -20.310 6.370   5.200   1.00 53.11 ? 149 ASP A CG  1 
ATOM   1353 O  OD1 . ASP A 1 152 ? -21.070 6.797   4.306   1.00 54.46 ? 149 ASP A OD1 1 
ATOM   1354 O  OD2 . ASP A 1 152 ? -19.115 6.718   5.301   1.00 43.71 ? 149 ASP A OD2 1 
ATOM   1355 N  N   . GLY A 1 153 ? -21.003 4.616   9.326   1.00 75.33 ? 150 GLY A N   1 
ATOM   1356 C  CA  . GLY A 1 153 ? -21.641 3.855   10.382  1.00 83.74 ? 150 GLY A CA  1 
ATOM   1357 C  C   . GLY A 1 153 ? -23.053 4.328   10.667  1.00 89.70 ? 150 GLY A C   1 
ATOM   1358 O  O   . GLY A 1 153 ? -23.827 3.640   11.333  1.00 94.04 ? 150 GLY A O   1 
HETATM 1359 C  CHA A HEM B 2 .   ? -8.476  0.125   -7.435  0.68 10.99 ? 201 HEM A CHA 1 
HETATM 1360 C  CHA B HEM B 2 .   ? -8.260  0.364   -7.200  0.32 11.06 ? 201 HEM A CHA 1 
HETATM 1361 C  CHB A HEM B 2 .   ? -8.486  -4.004  -4.860  0.68 9.78  ? 201 HEM A CHB 1 
HETATM 1362 C  CHB B HEM B 2 .   ? -4.402  1.958   -4.721  0.32 9.54  ? 201 HEM A CHB 1 
HETATM 1363 C  CHC A HEM B 2 .   ? -5.107  -2.072  -1.912  0.68 10.76 ? 201 HEM A CHC 1 
HETATM 1364 C  CHC B HEM B 2 .   ? -4.932  -1.738  -1.619  0.32 10.66 ? 201 HEM A CHC 1 
HETATM 1365 C  CHD A HEM B 2 .   ? -4.896  1.919   -4.617  0.68 8.37  ? 201 HEM A CHD 1 
HETATM 1366 C  CHD B HEM B 2 .   ? -8.173  -3.778  -4.616  0.32 10.23 ? 201 HEM A CHD 1 
HETATM 1367 C  C1A A HEM B 2 .   ? -8.745  -1.145  -6.994  0.68 9.65  ? 201 HEM A C1A 1 
HETATM 1368 C  C1A B HEM B 2 .   ? -7.206  1.125   -6.757  0.32 11.46 ? 201 HEM A C1A 1 
HETATM 1369 C  C2A A HEM B 2 .   ? -9.653  -2.054  -7.642  0.68 12.49 ? 201 HEM A C2A 1 
HETATM 1370 C  C2A B HEM B 2 .   ? -6.828  2.412   -7.297  0.32 8.83  ? 201 HEM A C2A 1 
HETATM 1371 C  C3A A HEM B 2 .   ? -9.660  -3.187  -6.941  0.68 10.32 ? 201 HEM A C3A 1 
HETATM 1372 C  C3A B HEM B 2 .   ? -5.774  2.851   -6.618  0.32 12.23 ? 201 HEM A C3A 1 
HETATM 1373 C  C4A A HEM B 2 .   ? -8.755  -3.045  -5.821  0.68 10.07 ? 201 HEM A C4A 1 
HETATM 1374 C  C4A B HEM B 2 .   ? -5.434  1.860   -5.622  0.32 10.51 ? 201 HEM A C4A 1 
HETATM 1375 C  CMA A HEM B 2 .   ? -10.502 -4.440  -7.262  0.68 14.45 ? 201 HEM A CMA 1 
HETATM 1376 C  CMA B HEM B 2 .   ? -5.032  4.179   -6.847  0.32 10.62 ? 201 HEM A CMA 1 
HETATM 1377 C  CAA A HEM B 2 .   ? -10.459 -1.751  -8.924  0.68 12.40 ? 201 HEM A CAA 1 
HETATM 1378 C  CAA B HEM B 2 .   ? -7.542  3.153   -8.442  0.32 11.29 ? 201 HEM A CAA 1 
HETATM 1379 C  CBA A HEM B 2 .   ? -9.741  -2.340  -10.148 0.68 12.53 ? 201 HEM A CBA 1 
HETATM 1380 C  CBA B HEM B 2 .   ? -8.975  3.415   -7.981  0.32 15.70 ? 201 HEM A CBA 1 
HETATM 1381 C  CGA A HEM B 2 .   ? -8.433  -1.648  -10.467 0.68 17.07 ? 201 HEM A CGA 1 
HETATM 1382 C  CGA B HEM B 2 .   ? -9.670  4.356   -8.929  0.32 19.12 ? 201 HEM A CGA 1 
HETATM 1383 O  O1A A HEM B 2 .   ? -8.422  -0.414  -10.722 0.68 15.18 ? 201 HEM A O1A 1 
HETATM 1384 O  O1A B HEM B 2 .   ? -9.125  5.461   -9.185  0.32 16.53 ? 201 HEM A O1A 1 
HETATM 1385 O  O2A A HEM B 2 .   ? -7.378  -2.330  -10.503 0.68 13.07 ? 201 HEM A O2A 1 
HETATM 1386 O  O2A B HEM B 2 .   ? -10.775 3.998   -9.412  0.32 21.90 ? 201 HEM A O2A 1 
HETATM 1387 C  C1B A HEM B 2 .   ? -7.621  -3.807  -3.807  0.68 9.09  ? 201 HEM A C1B 1 
HETATM 1388 C  C1B B HEM B 2 .   ? -4.272  1.152   -3.611  0.32 10.34 ? 201 HEM A C1B 1 
HETATM 1389 C  C2B A HEM B 2 .   ? -7.455  -4.668  -2.653  0.68 12.18 ? 201 HEM A C2B 1 
HETATM 1390 C  C2B B HEM B 2 .   ? -3.443  1.419   -2.457  0.32 10.47 ? 201 HEM A C2B 1 
HETATM 1391 C  C3B A HEM B 2 .   ? -6.521  -4.130  -1.851  0.68 11.86 ? 201 HEM A C3B 1 
HETATM 1392 C  C3B B HEM B 2 .   ? -3.586  0.393   -1.605  0.32 10.74 ? 201 HEM A C3B 1 
HETATM 1393 C  C4B A HEM B 2 .   ? -6.066  -2.906  -2.452  0.68 12.29 ? 201 HEM A C4B 1 
HETATM 1394 C  C4B B HEM B 2 .   ? -4.518  -0.549  -2.188  0.32 9.94  ? 201 HEM A C4B 1 
HETATM 1395 C  CMB A HEM B 2 .   ? -8.237  -5.980  -2.433  0.68 14.01 ? 201 HEM A CMB 1 
HETATM 1396 C  CMB B HEM B 2 .   ? -2.560  2.672   -2.291  0.32 13.22 ? 201 HEM A CMB 1 
HETATM 1397 C  CAB A HEM B 2 .   ? -5.976  -4.644  -0.492  0.68 12.70 ? 201 HEM A CAB 1 
HETATM 1398 C  CAB B HEM B 2 .   ? -2.919  0.200   -0.225  0.32 14.39 ? 201 HEM A CAB 1 
HETATM 1399 C  CBB A HEM B 2 .   ? -6.611  -5.570  0.223   0.68 23.03 ? 201 HEM A CBB 1 
HETATM 1400 C  CBB B HEM B 2 .   ? -2.170  1.152   0.334   0.32 16.17 ? 201 HEM A CBB 1 
HETATM 1401 C  C1C A HEM B 2 .   ? -4.785  -0.817  -2.377  0.68 10.59 ? 201 HEM A C1C 1 
HETATM 1402 C  C1C B HEM B 2 .   ? -5.795  -2.645  -2.200  0.32 11.44 ? 201 HEM A C1C 1 
HETATM 1403 C  C2C A HEM B 2 .   ? -3.884  0.117   -1.733  0.68 10.80 ? 201 HEM A C2C 1 
HETATM 1404 C  C2C B HEM B 2 .   ? -6.056  -3.992  -1.746  0.32 11.89 ? 201 HEM A C2C 1 
HETATM 1405 C  C3C A HEM B 2 .   ? -3.823  1.218   -2.488  0.68 10.46 ? 201 HEM A C3C 1 
HETATM 1406 C  C3C B HEM B 2 .   ? -6.946  -4.548  -2.567  0.32 10.04 ? 201 HEM A C3C 1 
HETATM 1407 C  C4C A HEM B 2 .   ? -4.697  1.004   -3.616  0.68 8.18  ? 201 HEM A C4C 1 
HETATM 1408 C  C4C B HEM B 2 .   ? -7.287  -3.580  -3.585  0.32 10.92 ? 201 HEM A C4C 1 
HETATM 1409 C  CMC A HEM B 2 .   ? -3.123  -0.168  -0.420  0.68 14.19 ? 201 HEM A CMC 1 
HETATM 1410 C  CMC B HEM B 2 .   ? -5.418  -4.666  -0.515  0.32 11.08 ? 201 HEM A CMC 1 
HETATM 1411 C  CAC A HEM B 2 .   ? -3.020  2.523   -2.264  0.68 13.28 ? 201 HEM A CAC 1 
HETATM 1412 C  CAC B HEM B 2 .   ? -7.513  -5.979  -2.455  0.32 13.03 ? 201 HEM A CAC 1 
HETATM 1413 C  CBC A HEM B 2 .   ? -2.406  2.789   -1.105  0.68 17.65 ? 201 HEM A CBC 1 
HETATM 1414 C  CBC B HEM B 2 .   ? -8.520  -6.347  -3.251  0.32 15.06 ? 201 HEM A CBC 1 
HETATM 1415 C  C1D A HEM B 2 .   ? -5.830  1.778   -5.604  0.68 10.57 ? 201 HEM A C1D 1 
HETATM 1416 C  C1D B HEM B 2 .   ? -8.504  -2.861  -5.584  0.32 10.22 ? 201 HEM A C1D 1 
HETATM 1417 C  C2D A HEM B 2 .   ? -6.086  2.789   -6.593  0.68 11.67 ? 201 HEM A C2D 1 
HETATM 1418 C  C2D B HEM B 2 .   ? -9.453  -3.098  -6.650  0.32 10.36 ? 201 HEM A C2D 1 
HETATM 1419 C  C3D A HEM B 2 .   ? -7.186  2.229   -7.467  0.68 9.77  ? 201 HEM A C3D 1 
HETATM 1420 C  C3D B HEM B 2 .   ? -9.485  -1.797  -7.455  0.32 11.43 ? 201 HEM A C3D 1 
HETATM 1421 C  C4D A HEM B 2 .   ? -7.503  0.939   -6.924  0.68 10.11 ? 201 HEM A C4D 1 
HETATM 1422 C  C4D B HEM B 2 .   ? -8.547  -0.918  -6.797  0.32 10.58 ? 201 HEM A C4D 1 
HETATM 1423 C  CMD A HEM B 2 .   ? -5.372  4.140   -6.730  0.68 10.00 ? 201 HEM A CMD 1 
HETATM 1424 C  CMD B HEM B 2 .   ? -10.273 -4.383  -6.912  0.32 13.32 ? 201 HEM A CMD 1 
HETATM 1425 C  CAD A HEM B 2 .   ? -7.876  2.905   -8.648  0.68 11.57 ? 201 HEM A CAD 1 
HETATM 1426 C  CAD B HEM B 2 .   ? -10.326 -1.503  -8.715  0.32 12.45 ? 201 HEM A CAD 1 
HETATM 1427 C  CBD A HEM B 2 .   ? -9.002  3.648   -7.923  0.68 15.19 ? 201 HEM A CBD 1 
HETATM 1428 C  CBD B HEM B 2 .   ? -9.775  -2.337  -9.872  0.32 13.12 ? 201 HEM A CBD 1 
HETATM 1429 C  CGD A HEM B 2 .   ? -9.894  4.378   -8.890  0.68 19.39 ? 201 HEM A CGD 1 
HETATM 1430 C  CGD B HEM B 2 .   ? -8.532  -1.695  -10.438 0.32 16.84 ? 201 HEM A CGD 1 
HETATM 1431 O  O1D A HEM B 2 .   ? -10.610 3.714   -9.681  0.68 23.89 ? 201 HEM A O1D 1 
HETATM 1432 O  O1D B HEM B 2 .   ? -7.579  -2.437  -10.795 0.32 13.58 ? 201 HEM A O1D 1 
HETATM 1433 O  O2D A HEM B 2 .   ? -9.880  5.628   -8.840  0.68 23.82 ? 201 HEM A O2D 1 
HETATM 1434 O  O2D B HEM B 2 .   ? -8.487  -0.439  -10.526 0.32 15.47 ? 201 HEM A O2D 1 
HETATM 1435 N  NA  A HEM B 2 .   ? -8.196  -1.778  -5.890  0.68 10.57 ? 201 HEM A NA  1 
HETATM 1436 N  NA  B HEM B 2 .   ? -6.329  0.817   -5.728  0.32 8.26  ? 201 HEM A NA  1 
HETATM 1437 N  NB  A HEM B 2 .   ? -6.762  -2.734  -3.641  0.68 7.66  ? 201 HEM A NB  1 
HETATM 1438 N  NB  B HEM B 2 .   ? -4.913  -0.051  -3.415  0.32 10.77 ? 201 HEM A NB  1 
HETATM 1439 N  NC  A HEM B 2 .   ? -5.273  -0.244  -3.536  0.68 10.85 ? 201 HEM A NC  1 
HETATM 1440 N  NC  B HEM B 2 .   ? -6.569  -2.428  -3.326  0.32 9.27  ? 201 HEM A NC  1 
HETATM 1441 N  ND  A HEM B 2 .   ? -6.682  0.703   -5.818  0.68 8.43  ? 201 HEM A ND  1 
HETATM 1442 N  ND  B HEM B 2 .   ? -7.983  -1.573  -5.701  0.32 8.58  ? 201 HEM A ND  1 
HETATM 1443 FE FE  A HEM B 2 .   ? -6.749  -1.048  -4.763  0.68 9.22  ? 201 HEM A FE  1 
HETATM 1444 FE FE  B HEM B 2 .   ? -6.445  -0.767  -4.460  0.32 7.90  ? 201 HEM A FE  1 
HETATM 1445 S  S   . SO4 C 3 .   ? 9.674   -1.978  -12.306 0.59 14.71 ? 202 SO4 A S   1 
HETATM 1446 O  O1  . SO4 C 3 .   ? 8.634   -1.053  -11.901 0.59 14.90 ? 202 SO4 A O1  1 
HETATM 1447 O  O2  . SO4 C 3 .   ? 10.892  -1.237  -12.667 0.59 19.22 ? 202 SO4 A O2  1 
HETATM 1448 O  O3  . SO4 C 3 .   ? 10.015  -2.888  -11.219 0.59 13.26 ? 202 SO4 A O3  1 
HETATM 1449 O  O4  . SO4 C 3 .   ? 9.206   -2.713  -13.480 0.59 17.50 ? 202 SO4 A O4  1 
HETATM 1450 O  O   . HOH D 4 .   ? -2.295  -5.454  -7.419  1.00 10.40 ? 301 HOH A O   1 
HETATM 1451 O  O   . HOH D 4 .   ? -9.589  -12.533 -7.952  1.00 12.77 ? 302 HOH A O   1 
HETATM 1452 O  O   . HOH D 4 .   ? 5.767   -8.544  -11.389 1.00 11.22 ? 303 HOH A O   1 
HETATM 1453 O  O   . HOH D 4 .   ? 9.762   -9.029  -7.230  1.00 10.93 ? 304 HOH A O   1 
HETATM 1454 O  O   . HOH D 4 .   ? 1.549   -15.198 -2.166  1.00 16.01 ? 305 HOH A O   1 
HETATM 1455 O  O   . HOH D 4 .   ? -5.788  -2.192  -12.745 1.00 14.74 ? 306 HOH A O   1 
HETATM 1456 O  O   . HOH D 4 .   ? -4.884  -14.837 7.948   1.00 16.13 ? 307 HOH A O   1 
HETATM 1457 O  O   . HOH D 4 .   ? 12.241  -6.703  -5.162  1.00 21.02 ? 308 HOH A O   1 
HETATM 1458 O  O   . HOH D 4 .   ? -9.509  -11.462 -11.213 1.00 18.01 ? 309 HOH A O   1 
HETATM 1459 O  O   . HOH D 4 .   ? -12.026 4.259   -11.761 1.00 21.11 ? 310 HOH A O   1 
HETATM 1460 O  O   . HOH D 4 .   ? 15.596  -13.221 2.608   1.00 19.58 ? 311 HOH A O   1 
HETATM 1461 O  O   . HOH D 4 .   ? 8.949   -5.801  8.753   1.00 22.45 ? 312 HOH A O   1 
HETATM 1462 O  O   . HOH D 4 .   ? -6.980  15.453  -1.501  1.00 19.62 ? 313 HOH A O   1 
HETATM 1463 O  O   . HOH D 4 .   ? 8.365   -7.825  -11.785 0.50 17.55 ? 314 HOH A O   1 
HETATM 1464 O  O   . HOH D 4 .   ? -3.623  -22.380 -4.483  0.50 23.25 ? 315 HOH A O   1 
HETATM 1465 O  O   . HOH D 4 .   ? -7.389  -18.126 -12.012 1.00 21.77 ? 316 HOH A O   1 
HETATM 1466 O  O   . HOH D 4 .   ? 2.370   -15.509 -17.280 1.00 21.99 ? 317 HOH A O   1 
HETATM 1467 O  O   . HOH D 4 .   ? -1.246  -23.095 -6.248  1.00 21.81 ? 318 HOH A O   1 
HETATM 1468 O  O   . HOH D 4 .   ? -14.553 -7.129  -5.589  1.00 24.30 ? 319 HOH A O   1 
HETATM 1469 O  O   . HOH D 4 .   ? 0.531   -17.571 -0.910  1.00 22.62 ? 320 HOH A O   1 
HETATM 1470 O  O   . HOH D 4 .   ? 11.218  7.414   13.768  1.00 24.04 ? 321 HOH A O   1 
HETATM 1471 O  O   . HOH D 4 .   ? 4.314   2.757   -9.556  1.00 22.74 ? 322 HOH A O   1 
HETATM 1472 O  O   . HOH D 4 .   ? -1.845  -17.927 0.462   1.00 24.65 ? 323 HOH A O   1 
HETATM 1473 O  O   . HOH D 4 .   ? -3.721  -19.633 4.789   0.33 20.61 ? 324 HOH A O   1 
HETATM 1474 O  O   . HOH D 4 .   ? -9.006  -12.161 -13.757 1.00 26.01 ? 325 HOH A O   1 
HETATM 1475 O  O   . HOH D 4 .   ? -12.921 0.219   -11.052 1.00 27.96 ? 326 HOH A O   1 
HETATM 1476 O  O   . HOH D 4 .   ? 2.123   -18.200 -5.169  1.00 23.70 ? 327 HOH A O   1 
HETATM 1477 O  O   . HOH D 4 .   ? -11.352 -5.957  -10.162 1.00 23.08 ? 328 HOH A O   1 
HETATM 1478 O  O   . HOH D 4 .   ? -9.807  8.909   -4.887  1.00 25.28 ? 329 HOH A O   1 
HETATM 1479 O  O   . HOH D 4 .   ? -1.390  -18.619 3.648   1.00 23.68 ? 330 HOH A O   1 
HETATM 1480 O  O   . HOH D 4 .   ? 17.485  5.316   11.438  1.00 28.53 ? 331 HOH A O   1 
HETATM 1481 O  O   . HOH D 4 .   ? -10.260 -10.692 3.742   1.00 21.48 ? 332 HOH A O   1 
HETATM 1482 O  O   . HOH D 4 .   ? -11.312 -7.224  3.872   1.00 26.85 ? 333 HOH A O   1 
HETATM 1483 O  O   . HOH D 4 .   ? 5.275   2.399   -12.142 1.00 24.30 ? 334 HOH A O   1 
HETATM 1484 O  O   . HOH D 4 .   ? 2.072   9.754   -7.028  1.00 30.05 ? 335 HOH A O   1 
HETATM 1485 O  O   . HOH D 4 .   ? -8.269  7.028   -7.238  1.00 27.07 ? 336 HOH A O   1 
HETATM 1486 O  O   . HOH D 4 .   ? -7.355  11.693  8.505   1.00 30.19 ? 337 HOH A O   1 
HETATM 1487 O  O   . HOH D 4 .   ? 2.662   -15.611 -4.963  1.00 24.42 ? 338 HOH A O   1 
HETATM 1488 O  O   . HOH D 4 .   ? 0.486   0.139   -15.440 1.00 26.31 ? 339 HOH A O   1 
HETATM 1489 O  O   . HOH D 4 .   ? -18.240 2.492   -0.245  1.00 25.68 ? 340 HOH A O   1 
HETATM 1490 O  O   . HOH D 4 .   ? -12.962 -4.898  9.618   1.00 28.12 ? 341 HOH A O   1 
HETATM 1491 O  O   . HOH D 4 .   ? -3.337  -19.386 -0.786  1.00 30.27 ? 342 HOH A O   1 
HETATM 1492 O  O   . HOH D 4 .   ? 11.888  8.450   -4.509  1.00 29.74 ? 343 HOH A O   1 
HETATM 1493 O  O   . HOH D 4 .   ? 13.288  9.484   13.880  1.00 30.27 ? 344 HOH A O   1 
HETATM 1494 O  O   . HOH D 4 .   ? -11.066 -19.152 -10.600 1.00 25.59 ? 345 HOH A O   1 
HETATM 1495 O  O   . HOH D 4 .   ? -13.283 -7.597  9.293   1.00 35.63 ? 346 HOH A O   1 
HETATM 1496 O  O   . HOH D 4 .   ? -4.813  12.604  4.752   1.00 29.16 ? 347 HOH A O   1 
HETATM 1497 O  O   . HOH D 4 .   ? 13.412  -5.996  -2.640  1.00 27.85 ? 348 HOH A O   1 
HETATM 1498 O  O   . HOH D 4 .   ? 12.137  9.336   -1.793  1.00 30.74 ? 349 HOH A O   1 
HETATM 1499 O  O   . HOH D 4 .   ? -8.734  -14.795 -14.305 1.00 31.40 ? 350 HOH A O   1 
HETATM 1500 O  O   . HOH D 4 .   ? -0.357  -20.927 -4.204  1.00 26.75 ? 351 HOH A O   1 
HETATM 1501 O  O   . HOH D 4 .   ? -7.687  -20.822 -12.887 0.50 30.73 ? 352 HOH A O   1 
HETATM 1502 O  O   . HOH D 4 .   ? -0.783  1.293   -13.578 1.00 24.21 ? 353 HOH A O   1 
HETATM 1503 O  O   . HOH D 4 .   ? -10.626 7.725   10.214  1.00 34.27 ? 354 HOH A O   1 
HETATM 1504 O  O   . HOH D 4 .   ? -4.668  4.251   11.260  1.00 29.29 ? 355 HOH A O   1 
HETATM 1505 O  O   . HOH D 4 .   ? -6.132  7.415   -8.539  1.00 30.15 ? 356 HOH A O   1 
HETATM 1506 O  O   . HOH D 4 .   ? -0.924  18.877  6.172   1.00 46.04 ? 357 HOH A O   1 
HETATM 1507 O  O   . HOH D 4 .   ? 7.260   9.125   15.673  1.00 46.84 ? 358 HOH A O   1 
HETATM 1508 O  O   . HOH D 4 .   ? -2.192  5.680   -8.434  1.00 30.16 ? 359 HOH A O   1 
HETATM 1509 O  O   . HOH D 4 .   ? -4.205  -14.105 -15.431 1.00 32.02 ? 360 HOH A O   1 
HETATM 1510 O  O   . HOH D 4 .   ? -0.080  8.052   12.397  1.00 28.88 ? 361 HOH A O   1 
HETATM 1511 O  O   . HOH D 4 .   ? -6.803  -10.696 -15.393 1.00 28.57 ? 362 HOH A O   1 
HETATM 1512 O  O   . HOH D 4 .   ? -5.966  -1.099  10.420  1.00 37.26 ? 363 HOH A O   1 
HETATM 1513 O  O   . HOH D 4 .   ? -7.195  17.114  0.995   0.55 20.54 ? 364 HOH A O   1 
HETATM 1514 O  O   . HOH D 4 .   ? 11.261  3.263   17.255  1.00 30.93 ? 365 HOH A O   1 
HETATM 1515 O  O   . HOH D 4 .   ? -6.941  0.649   -15.114 1.00 35.52 ? 366 HOH A O   1 
HETATM 1516 O  O   . HOH D 4 .   ? -5.029  -12.162 -17.463 1.00 38.21 ? 367 HOH A O   1 
HETATM 1517 O  O   . HOH D 4 .   ? -13.535 13.053  -0.951  1.00 35.27 ? 368 HOH A O   1 
HETATM 1518 O  O   . HOH D 4 .   ? -2.570  8.878   12.079  1.00 39.90 ? 369 HOH A O   1 
HETATM 1519 O  O   . HOH D 4 .   ? -5.208  18.518  -2.003  1.00 31.81 ? 370 HOH A O   1 
HETATM 1520 O  O   . HOH D 4 .   ? -11.112 6.426   -5.723  1.00 26.53 ? 371 HOH A O   1 
HETATM 1521 O  O   . HOH D 4 .   ? -8.733  -9.072  7.806   1.00 32.01 ? 372 HOH A O   1 
HETATM 1522 O  O   . HOH D 4 .   ? -18.487 -12.749 -14.774 1.00 32.97 ? 373 HOH A O   1 
HETATM 1523 O  O   . HOH D 4 .   ? -3.751  -0.445  9.996   1.00 33.11 ? 374 HOH A O   1 
HETATM 1524 O  O   . HOH D 4 .   ? 14.060  3.546   17.734  1.00 38.72 ? 375 HOH A O   1 
HETATM 1525 O  O   . HOH D 4 .   ? -16.208 -3.753  2.479   1.00 30.04 ? 376 HOH A O   1 
HETATM 1526 O  O   . HOH D 4 .   ? 11.788  6.460   16.305  1.00 32.89 ? 377 HOH A O   1 
HETATM 1527 O  O   . HOH D 4 .   ? 0.535   -4.436  -17.107 1.00 40.47 ? 378 HOH A O   1 
HETATM 1528 O  O   . HOH D 4 .   ? 9.748   9.673   -5.894  1.00 41.35 ? 379 HOH A O   1 
HETATM 1529 O  O   . HOH D 4 .   ? -7.527  -15.158 7.459   0.33 27.89 ? 380 HOH A O   1 
HETATM 1530 O  O   . HOH D 4 .   ? -9.870  -17.022 -13.321 1.00 39.61 ? 381 HOH A O   1 
HETATM 1531 O  O   . HOH D 4 .   ? 7.932   5.486   -7.937  1.00 34.62 ? 382 HOH A O   1 
HETATM 1532 O  O   . HOH D 4 .   ? 10.113  0.244   15.637  1.00 38.70 ? 383 HOH A O   1 
HETATM 1533 O  O   . HOH D 4 .   ? 10.130  4.707   -10.625 1.00 40.59 ? 384 HOH A O   1 
HETATM 1534 O  O   . HOH D 4 .   ? 6.353   17.153  2.400   1.00 36.77 ? 385 HOH A O   1 
HETATM 1535 O  O   . HOH D 4 .   ? 10.240  12.215  -2.233  1.00 45.30 ? 386 HOH A O   1 
HETATM 1536 O  O   . HOH D 4 .   ? -13.545 3.832   -9.455  1.00 41.78 ? 387 HOH A O   1 
HETATM 1537 O  O   . HOH D 4 .   ? -4.927  11.073  8.301   1.00 37.20 ? 388 HOH A O   1 
HETATM 1538 O  O   . HOH D 4 .   ? -16.913 -3.038  4.936   1.00 43.78 ? 389 HOH A O   1 
HETATM 1539 O  O   . HOH D 4 .   ? 16.803  -7.135  -0.900  1.00 33.15 ? 390 HOH A O   1 
HETATM 1540 O  O   . HOH D 4 .   ? 7.348   -0.029  15.063  1.00 42.22 ? 391 HOH A O   1 
HETATM 1541 O  O   . HOH D 4 .   ? -9.062  2.157   10.202  1.00 32.12 ? 392 HOH A O   1 
HETATM 1542 O  O   . HOH D 4 .   ? 20.068  -1.121  2.234   1.00 43.18 ? 393 HOH A O   1 
HETATM 1543 O  O   . HOH D 4 .   ? -7.523  4.079   11.430  1.00 37.67 ? 394 HOH A O   1 
HETATM 1544 O  O   . HOH D 4 .   ? -8.706  -10.104 -21.963 1.00 48.47 ? 395 HOH A O   1 
HETATM 1545 O  O   . HOH D 4 .   ? 7.915   6.917   -10.358 1.00 40.31 ? 396 HOH A O   1 
HETATM 1546 O  O   . HOH D 4 .   ? 17.904  6.810   13.719  1.00 32.22 ? 397 HOH A O   1 
HETATM 1547 O  O   . HOH D 4 .   ? 0.992   -19.500 -2.603  1.00 33.59 ? 398 HOH A O   1 
HETATM 1548 O  O   . HOH D 4 .   ? 5.638   4.527   -7.604  1.00 36.26 ? 399 HOH A O   1 
HETATM 1549 O  O   . HOH D 4 .   ? -12.143 -9.731  10.698  0.33 41.47 ? 400 HOH A O   1 
HETATM 1550 O  O   . HOH D 4 .   ? -5.992  -19.838 -1.215  1.00 31.03 ? 401 HOH A O   1 
HETATM 1551 O  O   . HOH D 4 .   ? -8.517  -11.822 -15.977 1.00 45.55 ? 402 HOH A O   1 
HETATM 1552 O  O   . HOH D 4 .   ? -8.095  19.371  0.335   1.00 42.49 ? 403 HOH A O   1 
HETATM 1553 O  O   . HOH D 4 .   ? -4.364  -8.377  10.073  1.00 33.37 ? 404 HOH A O   1 
HETATM 1554 O  O   . HOH D 4 .   ? -2.537  -7.947  11.111  1.00 42.73 ? 405 HOH A O   1 
HETATM 1555 O  O   . HOH D 4 .   ? -16.842 4.509   -4.502  1.00 43.48 ? 406 HOH A O   1 
HETATM 1556 O  O   . HOH D 4 .   ? 9.423   -5.892  -13.516 0.50 32.01 ? 407 HOH A O   1 
HETATM 1557 O  O   . HOH D 4 .   ? -5.837  -1.666  -15.728 1.00 40.40 ? 408 HOH A O   1 
HETATM 1558 O  O   . HOH D 4 .   ? 6.218   7.810   17.824  1.00 47.58 ? 409 HOH A O   1 
HETATM 1559 O  O   . HOH D 4 .   ? -15.541 6.659   -3.888  1.00 37.34 ? 410 HOH A O   1 
HETATM 1560 O  O   . HOH D 4 .   ? 0.365   1.707   11.034  1.00 37.79 ? 411 HOH A O   1 
HETATM 1561 O  O   . HOH D 4 .   ? 2.474   4.012   14.449  1.00 37.87 ? 412 HOH A O   1 
HETATM 1562 O  O   . HOH D 4 .   ? -8.986  -13.443 8.483   0.33 37.30 ? 413 HOH A O   1 
HETATM 1563 O  O   . HOH D 4 .   ? -8.774  -20.405 -15.136 0.50 50.70 ? 414 HOH A O   1 
HETATM 1564 O  O   . HOH D 4 .   ? 3.310   -5.036  14.017  1.00 36.93 ? 415 HOH A O   1 
HETATM 1565 O  O   . HOH D 4 .   ? -3.594  11.104  11.147  1.00 44.88 ? 416 HOH A O   1 
HETATM 1566 O  O   . HOH D 4 .   ? -16.257 -13.777 -9.203  1.00 41.71 ? 417 HOH A O   1 
HETATM 1567 O  O   . HOH D 4 .   ? 4.305   5.520   17.205  1.00 41.62 ? 418 HOH A O   1 
HETATM 1568 O  O   . HOH D 4 .   ? -17.925 -6.186  2.099   1.00 46.46 ? 419 HOH A O   1 
HETATM 1569 O  O   . HOH D 4 .   ? 1.939   7.378   16.837  1.00 45.28 ? 420 HOH A O   1 
HETATM 1570 O  O   . HOH D 4 .   ? -17.476 -7.099  9.950   1.00 43.62 ? 421 HOH A O   1 
HETATM 1571 O  O   . HOH D 4 .   ? -19.795 -0.045  0.077   1.00 36.72 ? 422 HOH A O   1 
HETATM 1572 O  O   . HOH D 4 .   ? -15.891 -7.780  2.273   1.00 38.79 ? 423 HOH A O   1 
HETATM 1573 O  O   . HOH D 4 .   ? 14.836  -9.650  7.329   1.00 43.67 ? 424 HOH A O   1 
HETATM 1574 O  O   . HOH D 4 .   ? -13.323 -4.172  -9.547  1.00 36.95 ? 425 HOH A O   1 
HETATM 1575 O  O   . HOH D 4 .   ? 6.220   12.343  13.637  1.00 58.17 ? 426 HOH A O   1 
HETATM 1576 O  O   . HOH D 4 .   ? 10.338  14.507  -1.741  1.00 44.77 ? 427 HOH A O   1 
HETATM 1577 O  O   . HOH D 4 .   ? 19.804  5.833   1.016   1.00 48.95 ? 428 HOH A O   1 
HETATM 1578 O  O   . HOH D 4 .   ? 20.816  3.629   -0.768  1.00 53.39 ? 429 HOH A O   1 
HETATM 1579 O  O   . HOH D 4 .   ? 19.066  3.255   2.620   1.00 47.44 ? 430 HOH A O   1 
HETATM 1580 O  O   . HOH D 4 .   ? 17.268  4.676   4.609   1.00 40.45 ? 431 HOH A O   1 
HETATM 1581 O  O   . HOH D 4 .   ? -14.888 -12.358 -6.862  1.00 32.44 ? 432 HOH A O   1 
HETATM 1582 O  O   . HOH D 4 .   ? 2.046   -3.641  -15.753 0.70 34.07 ? 433 HOH A O   1 
HETATM 1583 O  O   . HOH D 4 .   ? 3.047   -4.940  -17.089 1.00 43.45 ? 434 HOH A O   1 
HETATM 1584 O  O   . HOH D 4 .   ? 7.658   11.165  -3.707  1.00 45.60 ? 435 HOH A O   1 
HETATM 1585 O  O   . HOH D 4 .   ? 4.433   12.936  -6.210  0.50 34.25 ? 436 HOH A O   1 
HETATM 1586 O  O   . HOH D 4 .   ? -15.412 -3.065  7.680   1.00 32.39 ? 437 HOH A O   1 
HETATM 1587 O  O   . HOH D 4 .   ? -14.697 -6.240  9.462   1.00 41.85 ? 438 HOH A O   1 
HETATM 1588 O  O   . HOH D 4 .   ? -1.486  -8.944  9.586   0.67 21.85 ? 439 HOH A O   1 
HETATM 1589 O  O   . HOH D 4 .   ? -4.792  -9.089  12.609  1.00 45.21 ? 440 HOH A O   1 
HETATM 1590 O  O   . HOH D 4 .   ? 16.738  3.207   15.295  1.00 26.45 ? 441 HOH A O   1 
HETATM 1591 O  O   . HOH D 4 .   ? -0.920  16.618  7.999   1.00 45.76 ? 442 HOH A O   1 
HETATM 1592 O  O   . HOH D 4 .   ? 0.120   13.472  9.375   1.00 41.91 ? 443 HOH A O   1 
HETATM 1593 O  O   . HOH D 4 .   ? -2.136  13.280  8.972   1.00 42.48 ? 444 HOH A O   1 
HETATM 1594 O  O   . HOH D 4 .   ? 5.383   12.731  9.571   1.00 50.33 ? 445 HOH A O   1 
HETATM 1595 O  O   . HOH D 4 .   ? 4.245   10.867  10.357  1.00 31.07 ? 446 HOH A O   1 
HETATM 1596 O  O   . HOH D 4 .   ? 7.629   11.274  8.568   1.00 35.35 ? 447 HOH A O   1 
HETATM 1597 O  O   . HOH D 4 .   ? 5.943   10.093  9.397   1.00 37.01 ? 448 HOH A O   1 
HETATM 1598 O  O   . HOH D 4 .   ? 2.294   13.228  16.340  1.00 55.48 ? 449 HOH A O   1 
HETATM 1599 O  O   . HOH D 4 .   ? -7.713  -0.451  9.889   1.00 36.62 ? 450 HOH A O   1 
HETATM 1600 O  O   . HOH D 4 .   ? 8.605   8.166   14.131  1.00 36.78 ? 451 HOH A O   1 
HETATM 1601 O  O   . HOH D 4 .   ? 14.388  1.927   -0.387  1.00 32.63 ? 452 HOH A O   1 
HETATM 1602 O  O   . HOH D 4 .   ? 16.231  -5.489  -6.613  1.00 46.96 ? 453 HOH A O   1 
HETATM 1603 O  O   . HOH D 4 .   ? -5.677  -17.333 6.162   0.33 24.15 ? 454 HOH A O   1 
HETATM 1604 O  O   . HOH D 4 .   ? 4.259   10.978  -7.389  1.00 37.24 ? 455 HOH A O   1 
HETATM 1605 O  O   . HOH D 4 .   ? -16.933 8.771   8.352   1.00 60.60 ? 456 HOH A O   1 
HETATM 1606 O  O   . HOH D 4 .   ? -17.583 -4.403  -6.081  1.00 42.48 ? 457 HOH A O   1 
HETATM 1607 O  O   . HOH D 4 .   ? -0.477  -1.318  10.074  1.00 39.23 ? 458 HOH A O   1 
HETATM 1608 O  O   . HOH D 4 .   ? 1.542   -1.160  10.398  1.00 46.55 ? 459 HOH A O   1 
# 
